data_9BLF
#
_entry.id   9BLF
#
_cell.length_a   1.00
_cell.length_b   1.00
_cell.length_c   1.00
_cell.angle_alpha   90.00
_cell.angle_beta   90.00
_cell.angle_gamma   90.00
#
_symmetry.space_group_name_H-M   'P 1'
#
loop_
_entity.id
_entity.type
_entity.pdbx_description
1 polymer 'RNA-directed RNA polymerase nsp12'
2 polymer 'Non-structural protein 8'
3 polymer 'Non-structural protein 7'
4 polymer 'Primer RNA'
5 polymer 'Template RNA'
6 non-polymer 'ZINC ION'
7 non-polymer 'MAGNESIUM ION'
8 non-polymer 4-amino-1-{5-O-[(S)-hydroxy{[(R)-hydroxy(phosphonooxy)phosphoryl]oxy}phosphoryl]-beta-D-arabinofuranosyl}pyrimidin-2(1H)-one
#
loop_
_entity_poly.entity_id
_entity_poly.type
_entity_poly.pdbx_seq_one_letter_code
_entity_poly.pdbx_strand_id
1 'polypeptide(L)'
;MGSADAQSFLNRVCGVSAARLTPCGTGTSTDVVYRAFDIYNDKVAGFAKFLKTNCCRFQEKDEDDNLIDSYFVVKRHTFS
NYQHEETIYNLLKDCPAVAKHDFFKFRIDGDMVPHISRQRLTKYTMADLVYALRHFDEGNCDTLKEILVTYNCCDDDYFN
KKDWYDFVENPDILRVYANLGERVRQALLKTVQFCDAMRNAGIVGVLTLDNQDLNGNWYDFGDFIQTTPGSGVPVVDSYY
SLLMPILTLTRALTAESHVDTDLTKPYIKWDLLKYDFTEERLKLFDRYFKYWDQTYHPNCVNCLDDRCILHCANFNVLFS
TVFPPTSFGPLVRKIFVDGVPFVVSTGYHFRELGVVHNQDVNLHSSRLSFKELLVYAADPAMHAASGNLLLDKRTTCFSV
AALTNNVAFQTVKPGNFNKDFYDFAVSKGFFKEGSSVELKHFFFAQDGNAAISDYDYYRYNLPTMCDIRQLLFVVEVVDK
YFDCYDGGCINANQVIVNNLDKSAGFPFNKWGKARLYYDSMSYEDQDALFAYTKRNVIPTITQMNLKYAISAKNRARTVA
GVSICSTMTNRQFHQKLLKSIAATRGATVVIGTSKFYGGWHNMLKTVYSDVENPHLMGWDYPKCDRAMPNMLRIMASLVL
ARKHTTCCSLSHRFYRLANECAQVLSEMVMCGGSLYVKPGGTSSGDATTAYANSVFNICQAVTANVNALLSTDGNKIADK
YVRNLQHRLYECLYRNRDVDTDFVNEFYAYLRKHFSMMILSDDAVVCFNSTYASQGLVASIKNFKSVLYYQNNVFMSEAK
CWTETDLTKGPHEFCSQHTMLVKQGDDYVYLPYPDPSRILGAGCFVDDIVKTDGTLMIERFVSLAIDAYPLTKHPNQEYA
DVFHLYLQYIRKLHDELTGHMLDMYSVMLTNDNTSRYWEPEFYEAMYTPHTVLQENLYFQGSWSHPQFEKGGSGSSWSHP
QFEK
;
A
2 'polypeptide(L)'
;GAIASEFSSLPSYAAFATAQEAYEQAVANGDSEVVLKKLKKSLNVAKSEFDRDAAMQRKLEKMADQAMTQMYKQARSEDK
RAKVTSAMQTMLFTMLRKLDNDALNNIINNARDGCVPLNIIPLTTAAKLMVVIPDYNTYKNTCDGTTFTYASALWEIQQV
VDADSKIVQLSEISMDNSPNLAWPLIVTALRANSAVKLQ
;
B,D
3 'polypeptide(L)'
;GSKMSDVKCTSVVLLSVLQQLRVESSSKLWAQCVQLHNDILLAKDTTEAFEKMVSLLSVLLSMQGAVDINKLCEEMLDNR
ATLQ
;
C
4 'polyribonucleotide' CAUUCUCCUAAGAAGCUAUUAAAAUCACAA(CAR) P
5 'polyribonucleotide' AAAAAGGGUUGUGAUUUUAAUAGCUUCUUAGGAGAAUG T
#
loop_
_chem_comp.id
_chem_comp.type
_chem_comp.name
_chem_comp.formula
A RNA linking ADENOSINE-5'-MONOPHOSPHATE 'C10 H14 N5 O7 P'
C RNA linking CYTIDINE-5'-MONOPHOSPHATE 'C9 H14 N3 O8 P'
CAR RNA linking 'CYTOSINE ARABINOSE-5'-PHOSPHATE' 'C9 H14 N3 O8 P'
G RNA linking GUANOSINE-5'-MONOPHOSPHATE 'C10 H14 N5 O8 P'
HF4 non-polymer 4-amino-1-{5-O-[(S)-hydroxy{[(R)-hydroxy(phosphonooxy)phosphoryl]oxy}phosphoryl]-beta-D-arabinofuranosyl}pyrimidin-2(1H)-one 'C9 H16 N3 O14 P3'
MG non-polymer 'MAGNESIUM ION' 'Mg 2'
U RNA linking URIDINE-5'-MONOPHOSPHATE 'C9 H13 N2 O9 P'
ZN non-polymer 'ZINC ION' 'Zn 2'
#
# COMPACT_ATOMS: atom_id res chain seq x y z
N ALA A 4 -60.09 -31.83 23.88
CA ALA A 4 -59.48 -31.36 22.64
C ALA A 4 -58.16 -32.09 22.36
N ASP A 5 -58.00 -32.55 21.12
CA ASP A 5 -56.80 -33.31 20.76
C ASP A 5 -55.54 -32.47 20.86
N ALA A 6 -55.60 -31.20 20.42
CA ALA A 6 -54.42 -30.35 20.47
C ALA A 6 -53.99 -30.09 21.91
N GLN A 7 -54.95 -29.85 22.79
CA GLN A 7 -54.62 -29.63 24.19
C GLN A 7 -54.04 -30.88 24.84
N SER A 8 -54.57 -32.06 24.48
CA SER A 8 -54.01 -33.30 25.01
C SER A 8 -52.58 -33.52 24.52
N PHE A 9 -52.32 -33.24 23.24
CA PHE A 9 -50.97 -33.37 22.71
C PHE A 9 -50.02 -32.41 23.44
N LEU A 10 -50.46 -31.17 23.63
CA LEU A 10 -49.62 -30.20 24.35
C LEU A 10 -49.37 -30.64 25.78
N ASN A 11 -50.40 -31.19 26.44
CA ASN A 11 -50.25 -31.65 27.82
C ASN A 11 -49.24 -32.79 27.92
N ARG A 12 -49.28 -33.71 26.95
CA ARG A 12 -48.28 -34.77 26.96
C ARG A 12 -46.89 -34.22 26.65
N VAL A 13 -46.79 -33.25 25.74
CA VAL A 13 -45.50 -32.65 25.43
C VAL A 13 -44.91 -31.96 26.66
N CYS A 14 -45.76 -31.36 27.48
CA CYS A 14 -45.27 -30.73 28.71
C CYS A 14 -44.58 -31.73 29.62
N GLY A 15 -45.13 -32.94 29.73
CA GLY A 15 -44.49 -33.96 30.52
C GLY A 15 -44.47 -33.63 32.00
N VAL A 16 -43.47 -34.18 32.70
CA VAL A 16 -43.33 -33.93 34.14
C VAL A 16 -42.70 -32.59 34.44
N SER A 17 -42.24 -31.86 33.43
CA SER A 17 -41.62 -30.56 33.64
C SER A 17 -42.65 -29.54 34.09
N ALA A 18 -42.16 -28.44 34.68
CA ALA A 18 -43.09 -27.34 35.07
C ALA A 18 -42.98 -26.23 34.02
N ALA A 19 -42.88 -26.60 32.74
CA ALA A 19 -42.70 -25.59 31.68
C ALA A 19 -44.02 -25.25 31.01
N ARG A 20 -44.57 -24.06 31.29
CA ARG A 20 -45.81 -23.62 30.61
C ARG A 20 -45.51 -23.51 29.11
N LEU A 21 -46.19 -24.30 28.28
CA LEU A 21 -45.85 -24.33 26.83
C LEU A 21 -46.80 -23.45 26.01
N THR A 22 -46.31 -22.85 24.93
CA THR A 22 -47.13 -22.00 24.06
C THR A 22 -47.27 -22.68 22.72
N PRO A 23 -48.49 -23.00 22.25
CA PRO A 23 -48.65 -23.77 21.02
C PRO A 23 -48.26 -23.04 19.74
N CYS A 24 -46.96 -22.89 19.48
CA CYS A 24 -46.52 -22.31 18.22
C CYS A 24 -46.87 -23.24 17.06
N GLY A 25 -46.88 -22.67 15.86
CA GLY A 25 -47.38 -23.42 14.72
C GLY A 25 -48.90 -23.49 14.77
N THR A 26 -49.44 -24.70 14.60
CA THR A 26 -50.90 -24.88 14.65
C THR A 26 -51.19 -26.32 15.06
N GLY A 27 -51.65 -26.51 16.30
CA GLY A 27 -52.09 -27.82 16.75
C GLY A 27 -51.01 -28.86 16.62
N THR A 28 -51.38 -29.99 16.03
CA THR A 28 -50.46 -31.11 15.83
C THR A 28 -49.64 -30.99 14.54
N SER A 29 -49.83 -29.94 13.76
CA SER A 29 -49.20 -29.85 12.45
C SER A 29 -47.70 -29.61 12.55
N THR A 30 -46.99 -30.06 11.52
CA THR A 30 -45.56 -29.80 11.39
C THR A 30 -45.30 -28.32 11.11
N ASP A 31 -44.28 -27.78 11.77
CA ASP A 31 -43.87 -26.39 11.57
C ASP A 31 -42.90 -26.28 10.40
N VAL A 32 -42.84 -25.07 9.83
CA VAL A 32 -42.00 -24.77 8.66
C VAL A 32 -40.95 -23.75 9.07
N VAL A 33 -39.68 -24.07 8.84
CA VAL A 33 -38.57 -23.19 9.19
C VAL A 33 -37.54 -23.21 8.08
N TYR A 34 -36.78 -22.11 7.98
CA TYR A 34 -35.70 -21.96 7.00
C TYR A 34 -34.39 -21.87 7.77
N ARG A 35 -33.54 -22.87 7.61
CA ARG A 35 -32.37 -22.99 8.49
C ARG A 35 -31.18 -23.50 7.70
N ALA A 36 -29.99 -23.26 8.25
CA ALA A 36 -28.73 -23.64 7.61
C ALA A 36 -28.28 -25.00 8.08
N PHE A 37 -27.80 -25.82 7.15
CA PHE A 37 -27.39 -27.19 7.43
C PHE A 37 -26.07 -27.52 6.77
N ASP A 38 -25.27 -28.34 7.46
CA ASP A 38 -24.09 -28.98 6.90
C ASP A 38 -24.43 -30.44 6.64
N ILE A 39 -24.22 -30.90 5.41
CA ILE A 39 -24.81 -32.16 4.97
C ILE A 39 -23.86 -32.84 3.98
N TYR A 40 -23.78 -34.17 4.08
CA TYR A 40 -23.03 -34.99 3.12
C TYR A 40 -23.75 -36.34 3.02
N ASN A 41 -24.51 -36.51 1.93
CA ASN A 41 -25.24 -37.74 1.65
C ASN A 41 -24.64 -38.42 0.42
N ASP A 42 -25.30 -39.50 -0.02
CA ASP A 42 -24.93 -40.17 -1.26
C ASP A 42 -25.33 -39.39 -2.49
N LYS A 43 -26.13 -38.32 -2.34
CA LYS A 43 -26.62 -37.57 -3.49
C LYS A 43 -26.41 -36.06 -3.37
N VAL A 44 -26.12 -35.53 -2.19
CA VAL A 44 -25.87 -34.10 -2.01
C VAL A 44 -24.71 -33.94 -1.04
N ALA A 45 -24.04 -32.79 -1.13
CA ALA A 45 -22.98 -32.44 -0.18
C ALA A 45 -22.86 -30.92 -0.17
N GLY A 46 -23.16 -30.30 0.96
CA GLY A 46 -23.22 -28.85 0.98
C GLY A 46 -23.26 -28.26 2.37
N PHE A 47 -23.06 -26.95 2.42
CA PHE A 47 -23.30 -26.14 3.61
C PHE A 47 -24.25 -25.04 3.15
N ALA A 48 -25.55 -25.22 3.38
CA ALA A 48 -26.54 -24.46 2.64
C ALA A 48 -27.80 -24.27 3.45
N LYS A 49 -28.62 -23.31 3.02
CA LYS A 49 -29.89 -23.00 3.66
C LYS A 49 -30.99 -23.83 3.03
N PHE A 50 -31.86 -24.40 3.87
CA PHE A 50 -32.88 -25.33 3.43
C PHE A 50 -34.20 -25.04 4.15
N LEU A 51 -35.29 -25.50 3.53
CA LEU A 51 -36.60 -25.53 4.15
C LEU A 51 -36.80 -26.92 4.74
N LYS A 52 -37.03 -27.00 6.05
CA LYS A 52 -36.94 -28.29 6.72
C LYS A 52 -38.26 -29.05 6.75
N THR A 53 -39.29 -28.49 7.37
CA THR A 53 -40.61 -29.11 7.54
C THR A 53 -40.49 -30.54 8.07
N ASN A 54 -40.06 -30.66 9.33
CA ASN A 54 -39.89 -31.99 9.91
C ASN A 54 -40.39 -32.15 11.34
N CYS A 55 -40.77 -31.09 12.05
CA CYS A 55 -41.03 -31.22 13.48
C CYS A 55 -42.03 -30.16 13.94
N CYS A 56 -42.65 -30.42 15.09
CA CYS A 56 -43.52 -29.47 15.75
C CYS A 56 -42.77 -28.76 16.86
N ARG A 57 -43.12 -27.50 17.09
CA ARG A 57 -42.38 -26.64 18.00
C ARG A 57 -43.33 -25.87 18.91
N PHE A 58 -42.97 -25.79 20.20
CA PHE A 58 -43.72 -25.06 21.21
C PHE A 58 -42.75 -24.16 21.97
N GLN A 59 -43.28 -23.09 22.55
CA GLN A 59 -42.43 -22.12 23.24
C GLN A 59 -42.78 -22.08 24.73
N GLU A 60 -41.78 -21.80 25.57
CA GLU A 60 -41.98 -21.73 27.01
C GLU A 60 -42.09 -20.28 27.45
N LYS A 61 -43.04 -20.01 28.34
CA LYS A 61 -43.26 -18.67 28.87
C LYS A 61 -42.85 -18.59 30.33
N ASP A 62 -42.31 -17.43 30.72
CA ASP A 62 -41.83 -17.21 32.07
C ASP A 62 -42.99 -17.20 33.07
N GLU A 63 -42.65 -17.02 34.35
CA GLU A 63 -43.66 -16.94 35.40
C GLU A 63 -44.55 -15.72 35.27
N ASP A 64 -44.09 -14.67 34.58
CA ASP A 64 -44.91 -13.52 34.26
C ASP A 64 -45.68 -13.69 32.96
N ASP A 65 -45.61 -14.89 32.37
CA ASP A 65 -46.31 -15.24 31.13
C ASP A 65 -45.82 -14.45 29.93
N ASN A 66 -44.63 -13.89 30.00
CA ASN A 66 -43.96 -13.36 28.81
C ASN A 66 -43.02 -14.42 28.24
N LEU A 67 -42.77 -14.31 26.94
CA LEU A 67 -42.03 -15.35 26.23
C LEU A 67 -40.53 -15.19 26.45
N ILE A 68 -39.83 -16.32 26.46
CA ILE A 68 -38.38 -16.37 26.61
C ILE A 68 -37.79 -17.31 25.57
N ASP A 69 -36.47 -17.23 25.43
CA ASP A 69 -35.75 -18.05 24.46
C ASP A 69 -35.53 -19.47 24.97
N SER A 70 -36.60 -20.28 24.97
CA SER A 70 -36.51 -21.68 25.39
C SER A 70 -37.65 -22.44 24.74
N TYR A 71 -37.32 -23.36 23.86
CA TYR A 71 -38.30 -24.05 23.02
C TYR A 71 -38.32 -25.55 23.31
N PHE A 72 -39.46 -26.16 23.04
CA PHE A 72 -39.62 -27.61 23.03
C PHE A 72 -39.87 -28.06 21.60
N VAL A 73 -39.09 -29.03 21.12
CA VAL A 73 -39.17 -29.50 19.75
C VAL A 73 -39.47 -30.99 19.75
N VAL A 74 -40.49 -31.41 19.01
CA VAL A 74 -40.89 -32.80 18.94
C VAL A 74 -40.84 -33.24 17.48
N LYS A 75 -40.14 -34.33 17.21
CA LYS A 75 -39.96 -34.88 15.88
C LYS A 75 -40.80 -36.14 15.72
N ARG A 76 -41.38 -36.29 14.53
CA ARG A 76 -42.21 -37.43 14.15
C ARG A 76 -41.48 -38.21 13.07
N HIS A 77 -41.15 -39.47 13.33
CA HIS A 77 -40.34 -40.24 12.40
C HIS A 77 -40.60 -41.72 12.58
N THR A 78 -39.87 -42.52 11.81
CA THR A 78 -40.09 -43.97 11.74
C THR A 78 -39.75 -44.66 13.06
N PHE A 79 -40.35 -45.84 13.27
CA PHE A 79 -40.22 -46.56 14.52
C PHE A 79 -38.81 -47.12 14.73
N SER A 80 -38.15 -47.58 13.67
CA SER A 80 -36.80 -48.10 13.83
C SER A 80 -35.85 -47.00 14.28
N ASN A 81 -35.96 -45.81 13.68
CA ASN A 81 -35.19 -44.66 14.14
C ASN A 81 -35.53 -44.32 15.59
N TYR A 82 -36.81 -44.49 15.96
CA TYR A 82 -37.23 -44.25 17.34
C TYR A 82 -36.45 -45.13 18.30
N GLN A 83 -36.43 -46.44 18.05
CA GLN A 83 -35.72 -47.35 18.94
C GLN A 83 -34.21 -47.09 18.91
N HIS A 84 -33.66 -46.80 17.73
CA HIS A 84 -32.23 -46.58 17.60
C HIS A 84 -31.78 -45.36 18.42
N GLU A 85 -32.49 -44.24 18.26
CA GLU A 85 -32.15 -43.05 19.02
C GLU A 85 -32.39 -43.26 20.50
N GLU A 86 -33.42 -44.03 20.87
CA GLU A 86 -33.64 -44.30 22.28
C GLU A 86 -32.46 -45.06 22.88
N THR A 87 -31.95 -46.06 22.15
CA THR A 87 -30.80 -46.83 22.65
C THR A 87 -29.58 -45.94 22.80
N ILE A 88 -29.27 -45.13 21.78
CA ILE A 88 -28.07 -44.30 21.87
C ILE A 88 -28.21 -43.27 22.99
N TYR A 89 -29.39 -42.65 23.12
CA TYR A 89 -29.59 -41.68 24.18
C TYR A 89 -29.51 -42.33 25.56
N ASN A 90 -30.08 -43.52 25.70
CA ASN A 90 -29.95 -44.23 26.98
C ASN A 90 -28.49 -44.51 27.30
N LEU A 91 -27.67 -44.73 26.27
CA LEU A 91 -26.23 -44.81 26.50
C LEU A 91 -25.66 -43.48 26.96
N LEU A 92 -26.09 -42.38 26.33
CA LEU A 92 -25.44 -41.08 26.53
C LEU A 92 -25.97 -40.28 27.71
N LYS A 93 -26.96 -40.80 28.44
CA LYS A 93 -27.69 -40.00 29.43
C LYS A 93 -26.79 -39.29 30.45
N ASP A 94 -25.68 -39.92 30.85
CA ASP A 94 -24.88 -39.37 31.95
C ASP A 94 -24.25 -38.04 31.59
N CYS A 95 -23.96 -37.80 30.31
CA CYS A 95 -23.25 -36.58 29.91
C CYS A 95 -24.08 -35.35 30.20
N PRO A 96 -23.50 -34.28 30.75
CA PRO A 96 -24.24 -33.03 30.95
C PRO A 96 -24.36 -32.18 29.69
N ALA A 97 -23.65 -32.51 28.62
CA ALA A 97 -23.71 -31.75 27.38
C ALA A 97 -24.83 -32.21 26.45
N VAL A 98 -25.68 -33.14 26.89
CA VAL A 98 -26.75 -33.70 26.07
C VAL A 98 -28.08 -33.13 26.54
N ALA A 99 -28.87 -32.63 25.60
CA ALA A 99 -30.20 -32.11 25.93
C ALA A 99 -31.11 -33.24 26.39
N LYS A 100 -32.05 -32.91 27.27
CA LYS A 100 -33.00 -33.91 27.78
C LYS A 100 -33.92 -34.39 26.68
N HIS A 101 -34.13 -35.71 26.63
CA HIS A 101 -34.99 -36.32 25.63
C HIS A 101 -36.13 -37.09 26.29
N ASP A 102 -37.27 -37.09 25.63
CA ASP A 102 -38.43 -37.89 26.01
C ASP A 102 -38.94 -38.63 24.77
N PHE A 103 -39.56 -39.79 24.99
CA PHE A 103 -40.07 -40.60 23.90
C PHE A 103 -41.49 -41.02 24.25
N PHE A 104 -42.45 -40.75 23.36
CA PHE A 104 -43.83 -41.11 23.68
C PHE A 104 -44.62 -41.38 22.41
N LYS A 105 -45.66 -42.19 22.56
CA LYS A 105 -46.54 -42.57 21.47
C LYS A 105 -47.89 -41.88 21.63
N PHE A 106 -48.51 -41.51 20.52
CA PHE A 106 -49.69 -40.65 20.56
C PHE A 106 -50.63 -41.02 19.41
N ARG A 107 -51.90 -40.67 19.57
CA ARG A 107 -52.93 -40.99 18.59
C ARG A 107 -53.09 -39.81 17.64
N ILE A 108 -52.53 -39.95 16.44
CA ILE A 108 -52.62 -38.91 15.42
C ILE A 108 -53.73 -39.24 14.42
N ASP A 109 -53.55 -40.33 13.68
CA ASP A 109 -54.50 -40.76 12.66
C ASP A 109 -55.60 -41.66 13.23
N GLY A 110 -55.73 -41.72 14.54
CA GLY A 110 -56.54 -42.75 15.17
C GLY A 110 -55.69 -43.97 15.48
N ASP A 111 -54.63 -44.15 14.70
CA ASP A 111 -53.60 -45.13 14.99
C ASP A 111 -52.53 -44.52 15.89
N MET A 112 -51.49 -45.30 16.21
CA MET A 112 -50.43 -44.89 17.12
C MET A 112 -49.20 -44.47 16.34
N VAL A 113 -48.67 -43.29 16.68
CA VAL A 113 -47.48 -42.72 16.04
C VAL A 113 -46.45 -42.38 17.11
N PRO A 114 -45.16 -42.64 16.88
CA PRO A 114 -44.13 -42.30 17.88
C PRO A 114 -43.54 -40.92 17.71
N HIS A 115 -43.20 -40.26 18.82
CA HIS A 115 -42.64 -38.92 18.84
C HIS A 115 -41.43 -38.87 19.76
N ILE A 116 -40.44 -38.09 19.36
CA ILE A 116 -39.21 -37.87 20.14
C ILE A 116 -39.14 -36.38 20.45
N SER A 117 -39.08 -36.03 21.74
CA SER A 117 -39.15 -34.65 22.17
C SER A 117 -37.86 -34.24 22.87
N ARG A 118 -37.45 -32.99 22.63
CA ARG A 118 -36.28 -32.40 23.28
C ARG A 118 -36.66 -31.01 23.78
N GLN A 119 -36.03 -30.62 24.89
CA GLN A 119 -36.50 -29.54 25.71
C GLN A 119 -35.43 -28.45 25.87
N ARG A 120 -35.90 -27.22 26.05
CA ARG A 120 -35.07 -26.07 26.41
C ARG A 120 -34.02 -25.74 25.36
N LEU A 121 -34.35 -25.94 24.09
CA LEU A 121 -33.46 -25.52 23.00
C LEU A 121 -33.60 -24.03 22.74
N THR A 122 -32.51 -23.42 22.28
CA THR A 122 -32.57 -22.05 21.80
C THR A 122 -33.25 -22.01 20.44
N LYS A 123 -33.60 -20.79 20.01
CA LYS A 123 -34.21 -20.64 18.69
C LYS A 123 -33.27 -21.04 17.57
N TYR A 124 -31.99 -20.65 17.66
CA TYR A 124 -31.04 -20.88 16.59
C TYR A 124 -29.91 -21.78 17.05
N THR A 125 -29.28 -22.44 16.08
CA THR A 125 -28.16 -23.34 16.31
C THR A 125 -26.84 -22.63 16.00
N MET A 126 -25.74 -23.34 16.28
CA MET A 126 -24.42 -22.80 15.96
C MET A 126 -24.23 -22.64 14.45
N ALA A 127 -24.80 -23.56 13.66
CA ALA A 127 -24.69 -23.44 12.22
C ALA A 127 -25.35 -22.18 11.70
N ASP A 128 -26.43 -21.74 12.34
CA ASP A 128 -27.08 -20.50 11.90
C ASP A 128 -26.18 -19.30 12.13
N LEU A 129 -25.54 -19.23 13.30
CA LEU A 129 -24.60 -18.14 13.57
C LEU A 129 -23.43 -18.16 12.59
N VAL A 130 -22.86 -19.34 12.37
CA VAL A 130 -21.71 -19.45 11.47
C VAL A 130 -22.10 -19.05 10.06
N TYR A 131 -23.25 -19.51 9.58
CA TYR A 131 -23.70 -19.16 8.23
C TYR A 131 -24.01 -17.67 8.12
N ALA A 132 -24.63 -17.09 9.15
CA ALA A 132 -24.95 -15.67 9.10
C ALA A 132 -23.69 -14.81 9.03
N LEU A 133 -22.65 -15.20 9.77
CA LEU A 133 -21.42 -14.42 9.74
C LEU A 133 -20.62 -14.67 8.46
N ARG A 134 -20.58 -15.91 7.98
CA ARG A 134 -19.72 -16.23 6.84
C ARG A 134 -20.31 -15.80 5.51
N HIS A 135 -21.64 -15.72 5.40
CA HIS A 135 -22.29 -15.38 4.14
C HIS A 135 -23.02 -14.06 4.24
N PHE A 136 -22.33 -13.04 4.76
CA PHE A 136 -22.96 -11.78 5.15
C PHE A 136 -23.67 -11.11 3.99
N ASP A 137 -24.94 -10.80 4.19
CA ASP A 137 -25.77 -10.00 3.27
C ASP A 137 -26.98 -9.56 4.07
N GLU A 138 -27.74 -8.62 3.51
CA GLU A 138 -28.81 -7.99 4.28
C GLU A 138 -29.90 -8.98 4.68
N GLY A 139 -30.23 -9.93 3.81
CA GLY A 139 -31.18 -10.97 4.19
C GLY A 139 -30.71 -11.77 5.39
N ASN A 140 -29.42 -12.13 5.39
CA ASN A 140 -28.81 -12.75 6.56
C ASN A 140 -28.60 -11.74 7.70
N CYS A 141 -28.48 -10.45 7.37
CA CYS A 141 -28.44 -9.43 8.41
C CYS A 141 -29.71 -9.47 9.26
N ASP A 142 -30.84 -9.79 8.65
CA ASP A 142 -32.07 -9.86 9.43
C ASP A 142 -32.02 -10.96 10.49
N THR A 143 -31.32 -12.06 10.21
CA THR A 143 -31.11 -13.09 11.24
C THR A 143 -30.02 -12.67 12.23
N LEU A 144 -28.96 -12.06 11.74
CA LEU A 144 -27.86 -11.65 12.61
C LEU A 144 -28.32 -10.63 13.64
N LYS A 145 -29.20 -9.73 13.24
CA LYS A 145 -29.77 -8.77 14.18
C LYS A 145 -30.52 -9.47 15.31
N GLU A 146 -31.33 -10.47 14.96
CA GLU A 146 -32.08 -11.19 15.99
C GLU A 146 -31.15 -11.93 16.93
N ILE A 147 -30.08 -12.54 16.39
CA ILE A 147 -29.12 -13.24 17.25
C ILE A 147 -28.44 -12.25 18.18
N LEU A 148 -28.00 -11.11 17.66
CA LEU A 148 -27.33 -10.10 18.47
C LEU A 148 -28.25 -9.54 19.55
N VAL A 149 -29.52 -9.28 19.21
CA VAL A 149 -30.45 -8.69 20.18
C VAL A 149 -30.80 -9.69 21.27
N THR A 150 -31.05 -10.95 20.90
CA THR A 150 -31.54 -11.93 21.88
C THR A 150 -30.54 -12.14 23.01
N TYR A 151 -29.24 -12.16 22.72
CA TYR A 151 -28.22 -12.44 23.71
C TYR A 151 -27.52 -11.18 24.21
N ASN A 152 -28.22 -10.04 24.19
CA ASN A 152 -27.79 -8.82 24.87
C ASN A 152 -26.42 -8.32 24.38
N CYS A 153 -26.14 -8.49 23.08
CA CYS A 153 -24.98 -7.82 22.52
C CYS A 153 -25.24 -6.33 22.32
N CYS A 154 -26.43 -5.99 21.85
CA CYS A 154 -26.79 -4.60 21.63
C CYS A 154 -28.31 -4.48 21.63
N ASP A 155 -28.77 -3.25 21.81
CA ASP A 155 -30.20 -2.95 21.79
C ASP A 155 -30.67 -2.69 20.37
N ASP A 156 -31.98 -2.80 20.18
CA ASP A 156 -32.54 -2.82 18.82
C ASP A 156 -32.29 -1.53 18.06
N ASP A 157 -32.23 -0.39 18.76
CA ASP A 157 -32.03 0.88 18.09
C ASP A 157 -30.66 0.97 17.42
N TYR A 158 -29.70 0.15 17.87
CA TYR A 158 -28.33 0.23 17.37
C TYR A 158 -28.27 0.12 15.85
N PHE A 159 -29.18 -0.66 15.26
CA PHE A 159 -29.16 -0.91 13.82
C PHE A 159 -29.67 0.27 12.99
N ASN A 160 -30.10 1.36 13.64
CA ASN A 160 -30.48 2.56 12.88
C ASN A 160 -29.28 3.42 12.50
N LYS A 161 -28.10 3.13 13.03
CA LYS A 161 -26.90 3.86 12.64
C LYS A 161 -26.58 3.63 11.16
N LYS A 162 -25.94 4.62 10.56
CA LYS A 162 -25.37 4.44 9.23
C LYS A 162 -24.14 3.54 9.31
N ASP A 163 -24.06 2.56 8.40
CA ASP A 163 -22.89 1.69 8.28
C ASP A 163 -22.55 0.99 9.60
N TRP A 164 -23.57 0.51 10.32
CA TRP A 164 -23.33 -0.14 11.59
C TRP A 164 -22.47 -1.40 11.44
N TYR A 165 -22.51 -2.03 10.27
CA TYR A 165 -21.77 -3.26 10.03
C TYR A 165 -20.34 -3.03 9.56
N ASP A 166 -19.96 -1.81 9.24
CA ASP A 166 -18.68 -1.54 8.58
C ASP A 166 -17.55 -1.61 9.59
N PHE A 167 -16.57 -2.49 9.34
CA PHE A 167 -15.40 -2.56 10.21
C PHE A 167 -14.55 -1.30 10.16
N VAL A 168 -14.65 -0.52 9.08
CA VAL A 168 -13.81 0.66 8.90
C VAL A 168 -14.51 1.93 9.37
N GLU A 169 -15.77 2.11 8.97
CA GLU A 169 -16.50 3.32 9.35
C GLU A 169 -17.09 3.23 10.75
N ASN A 170 -17.37 2.02 11.23
CA ASN A 170 -17.91 1.79 12.57
C ASN A 170 -17.08 0.73 13.27
N PRO A 171 -15.89 1.08 13.74
CA PRO A 171 -15.07 0.09 14.47
C PRO A 171 -15.74 -0.43 15.73
N ASP A 172 -16.70 0.32 16.28
CA ASP A 172 -17.38 -0.10 17.50
C ASP A 172 -18.06 -1.45 17.34
N ILE A 173 -18.34 -1.87 16.10
CA ILE A 173 -18.96 -3.17 15.86
C ILE A 173 -18.10 -4.30 16.43
N LEU A 174 -16.77 -4.10 16.46
CA LEU A 174 -15.89 -5.12 17.01
C LEU A 174 -16.15 -5.32 18.50
N ARG A 175 -16.59 -4.29 19.21
CA ARG A 175 -17.01 -4.45 20.58
C ARG A 175 -18.31 -5.25 20.68
N VAL A 176 -19.21 -5.10 19.71
CA VAL A 176 -20.50 -5.77 19.77
C VAL A 176 -20.34 -7.27 19.61
N TYR A 177 -19.48 -7.71 18.68
CA TYR A 177 -19.29 -9.14 18.45
C TYR A 177 -18.66 -9.83 19.64
N ALA A 178 -17.79 -9.13 20.38
CA ALA A 178 -17.03 -9.76 21.46
C ALA A 178 -17.95 -10.34 22.53
N ASN A 179 -19.13 -9.78 22.71
CA ASN A 179 -20.06 -10.32 23.70
C ASN A 179 -20.47 -11.74 23.36
N LEU A 180 -20.59 -12.06 22.07
CA LEU A 180 -20.86 -13.43 21.67
C LEU A 180 -19.72 -14.37 22.07
N GLY A 181 -18.50 -13.86 22.15
CA GLY A 181 -17.33 -14.73 22.21
C GLY A 181 -17.36 -15.70 23.37
N GLU A 182 -17.71 -15.23 24.57
CA GLU A 182 -17.78 -16.11 25.72
C GLU A 182 -18.84 -17.20 25.53
N ARG A 183 -19.99 -16.82 24.95
CA ARG A 183 -21.01 -17.82 24.65
C ARG A 183 -20.48 -18.86 23.66
N VAL A 184 -19.58 -18.45 22.78
CA VAL A 184 -18.93 -19.39 21.88
C VAL A 184 -17.98 -20.31 22.65
N ARG A 185 -17.24 -19.75 23.62
CA ARG A 185 -16.25 -20.54 24.33
C ARG A 185 -16.89 -21.68 25.10
N GLN A 186 -18.01 -21.40 25.76
CA GLN A 186 -18.75 -22.46 26.46
C GLN A 186 -19.20 -23.54 25.49
N ALA A 187 -19.48 -23.16 24.24
CA ALA A 187 -19.80 -24.14 23.21
C ALA A 187 -18.62 -25.06 22.94
N LEU A 188 -17.40 -24.51 22.95
CA LEU A 188 -16.22 -25.34 22.69
C LEU A 188 -16.03 -26.38 23.79
N LEU A 189 -16.01 -25.94 25.04
CA LEU A 189 -15.77 -26.88 26.14
C LEU A 189 -16.80 -27.99 26.15
N LYS A 190 -18.08 -27.63 26.03
CA LYS A 190 -19.14 -28.62 25.98
C LYS A 190 -18.83 -29.67 24.92
N THR A 191 -18.40 -29.23 23.74
CA THR A 191 -18.13 -30.19 22.67
C THR A 191 -17.08 -31.19 23.11
N VAL A 192 -15.99 -30.72 23.72
CA VAL A 192 -14.96 -31.64 24.18
C VAL A 192 -15.56 -32.60 25.19
N GLN A 193 -16.35 -32.07 26.12
CA GLN A 193 -16.99 -32.93 27.11
C GLN A 193 -17.82 -34.00 26.42
N PHE A 194 -18.58 -33.60 25.39
CA PHE A 194 -19.42 -34.58 24.70
C PHE A 194 -18.57 -35.67 24.10
N CYS A 195 -17.44 -35.30 23.49
CA CYS A 195 -16.57 -36.31 22.90
C CYS A 195 -16.08 -37.26 23.96
N ASP A 196 -15.72 -36.73 25.14
CA ASP A 196 -15.25 -37.58 26.22
C ASP A 196 -16.29 -38.61 26.61
N ALA A 197 -17.57 -38.23 26.56
CA ALA A 197 -18.61 -39.23 26.79
C ALA A 197 -18.68 -40.23 25.65
N MET A 198 -18.68 -39.73 24.40
CA MET A 198 -18.97 -40.59 23.26
C MET A 198 -17.90 -41.65 23.09
N ARG A 199 -16.64 -41.31 23.38
CA ARG A 199 -15.58 -42.31 23.32
C ARG A 199 -15.76 -43.36 24.40
N ASN A 200 -16.10 -42.94 25.63
CA ASN A 200 -16.25 -43.89 26.72
C ASN A 200 -17.44 -44.81 26.51
N ALA A 201 -18.54 -44.29 25.96
CA ALA A 201 -19.70 -45.13 25.68
C ALA A 201 -19.40 -46.14 24.58
N GLY A 202 -18.51 -45.79 23.65
CA GLY A 202 -18.22 -46.67 22.54
C GLY A 202 -19.11 -46.41 21.35
N ILE A 203 -19.08 -45.18 20.84
CA ILE A 203 -19.95 -44.75 19.75
C ILE A 203 -19.10 -44.15 18.63
N VAL A 204 -19.51 -44.40 17.39
CA VAL A 204 -18.87 -43.85 16.20
C VAL A 204 -19.87 -42.93 15.51
N GLY A 205 -19.50 -41.67 15.35
CA GLY A 205 -20.38 -40.70 14.73
C GLY A 205 -19.63 -39.45 14.33
N VAL A 206 -20.23 -38.69 13.41
CA VAL A 206 -19.67 -37.43 12.95
C VAL A 206 -20.41 -36.28 13.63
N LEU A 207 -19.68 -35.21 13.92
CA LEU A 207 -20.26 -34.02 14.53
C LEU A 207 -20.42 -32.93 13.47
N THR A 208 -21.59 -32.29 13.46
CA THR A 208 -21.88 -31.19 12.56
C THR A 208 -22.50 -30.04 13.35
N LEU A 209 -22.35 -28.83 12.81
CA LEU A 209 -22.73 -27.64 13.56
C LEU A 209 -24.23 -27.57 13.84
N ASP A 210 -25.07 -28.06 12.91
CA ASP A 210 -26.51 -27.88 13.05
C ASP A 210 -27.07 -28.60 14.26
N ASN A 211 -26.40 -29.64 14.75
CA ASN A 211 -26.94 -30.41 15.88
C ASN A 211 -26.82 -29.67 17.20
N GLN A 212 -25.93 -28.69 17.31
CA GLN A 212 -25.67 -28.02 18.58
C GLN A 212 -26.42 -26.70 18.66
N ASP A 213 -27.17 -26.50 19.75
CA ASP A 213 -27.85 -25.24 19.96
C ASP A 213 -26.88 -24.19 20.52
N LEU A 214 -27.38 -22.97 20.69
CA LEU A 214 -26.53 -21.87 21.12
C LEU A 214 -26.20 -21.90 22.61
N ASN A 215 -26.73 -22.86 23.36
CA ASN A 215 -26.30 -23.10 24.73
C ASN A 215 -25.22 -24.16 24.83
N GLY A 216 -24.92 -24.86 23.74
CA GLY A 216 -23.89 -25.87 23.72
C GLY A 216 -24.37 -27.29 23.83
N ASN A 217 -25.68 -27.49 23.95
CA ASN A 217 -26.20 -28.84 24.11
C ASN A 217 -26.40 -29.52 22.77
N TRP A 218 -26.33 -30.85 22.78
CA TRP A 218 -26.34 -31.65 21.56
C TRP A 218 -27.60 -32.50 21.45
N TYR A 219 -27.86 -32.99 20.24
CA TYR A 219 -28.94 -33.95 19.96
C TYR A 219 -28.64 -34.70 18.67
N ASP A 220 -29.65 -35.31 18.06
CA ASP A 220 -29.51 -36.01 16.78
C ASP A 220 -28.54 -37.18 16.88
N PHE A 221 -28.93 -38.18 17.66
CA PHE A 221 -28.14 -39.41 17.76
C PHE A 221 -28.39 -40.39 16.60
N GLY A 222 -29.39 -40.15 15.76
CA GLY A 222 -29.79 -41.18 14.80
C GLY A 222 -28.69 -41.69 13.89
N ASP A 223 -27.71 -40.83 13.55
CA ASP A 223 -26.65 -41.22 12.63
C ASP A 223 -25.66 -42.20 13.27
N PHE A 224 -25.56 -42.19 14.60
CA PHE A 224 -24.49 -42.90 15.28
C PHE A 224 -24.68 -44.41 15.24
N ILE A 225 -23.56 -45.14 15.36
CA ILE A 225 -23.56 -46.60 15.47
C ILE A 225 -22.67 -46.98 16.64
N GLN A 226 -22.88 -48.19 17.18
CA GLN A 226 -22.16 -48.63 18.36
C GLN A 226 -20.85 -49.32 18.00
N THR A 227 -19.98 -49.45 19.01
CA THR A 227 -18.67 -50.07 18.92
C THR A 227 -18.27 -50.50 20.32
N THR A 228 -17.24 -51.33 20.40
CA THR A 228 -16.74 -51.82 21.68
C THR A 228 -16.44 -50.65 22.61
N PRO A 229 -16.85 -50.72 23.87
CA PRO A 229 -16.63 -49.58 24.78
C PRO A 229 -15.16 -49.20 24.88
N GLY A 230 -14.91 -47.89 24.95
CA GLY A 230 -13.57 -47.36 25.02
C GLY A 230 -12.85 -47.18 23.70
N SER A 231 -13.46 -47.58 22.59
CA SER A 231 -12.84 -47.46 21.27
C SER A 231 -13.67 -46.62 20.29
N GLY A 232 -14.62 -45.83 20.81
CA GLY A 232 -15.39 -44.95 19.94
C GLY A 232 -14.56 -43.77 19.45
N VAL A 233 -15.01 -43.20 18.33
CA VAL A 233 -14.27 -42.10 17.71
C VAL A 233 -15.23 -40.99 17.27
N PRO A 234 -14.91 -39.72 17.54
CA PRO A 234 -15.62 -38.61 16.90
C PRO A 234 -14.93 -38.14 15.63
N VAL A 235 -15.70 -37.73 14.63
CA VAL A 235 -15.18 -37.06 13.44
C VAL A 235 -15.60 -35.60 13.51
N VAL A 236 -14.61 -34.71 13.52
CA VAL A 236 -14.83 -33.31 13.88
C VAL A 236 -14.28 -32.32 12.87
N ASP A 237 -13.78 -32.78 11.72
CA ASP A 237 -13.03 -31.89 10.83
C ASP A 237 -13.88 -30.71 10.36
N SER A 238 -15.07 -31.00 9.81
CA SER A 238 -15.88 -29.93 9.25
C SER A 238 -16.36 -28.97 10.34
N TYR A 239 -16.70 -29.51 11.51
CA TYR A 239 -17.21 -28.67 12.60
C TYR A 239 -16.18 -27.61 13.01
N TYR A 240 -14.97 -28.05 13.38
CA TYR A 240 -13.95 -27.10 13.79
C TYR A 240 -13.52 -26.22 12.63
N SER A 241 -13.39 -26.79 11.43
CA SER A 241 -12.90 -26.01 10.30
C SER A 241 -13.85 -24.88 9.95
N LEU A 242 -15.15 -25.14 9.96
CA LEU A 242 -16.12 -24.07 9.73
C LEU A 242 -16.17 -23.09 10.89
N LEU A 243 -16.05 -23.58 12.12
CA LEU A 243 -16.15 -22.70 13.28
C LEU A 243 -14.96 -21.75 13.38
N MET A 244 -13.80 -22.13 12.84
CA MET A 244 -12.55 -21.42 13.12
C MET A 244 -12.58 -19.91 12.86
N PRO A 245 -13.03 -19.38 11.72
CA PRO A 245 -13.02 -17.92 11.55
C PRO A 245 -13.84 -17.19 12.59
N ILE A 246 -14.95 -17.78 13.03
CA ILE A 246 -15.80 -17.15 14.04
C ILE A 246 -15.08 -17.07 15.37
N LEU A 247 -14.20 -18.04 15.66
CA LEU A 247 -13.46 -18.01 16.91
C LEU A 247 -12.63 -16.75 17.05
N THR A 248 -11.92 -16.37 15.99
CA THR A 248 -11.14 -15.13 16.04
C THR A 248 -12.02 -13.90 15.89
N LEU A 249 -13.11 -14.00 15.10
CA LEU A 249 -13.98 -12.85 14.94
C LEU A 249 -14.63 -12.44 16.26
N THR A 250 -15.06 -13.41 17.06
CA THR A 250 -15.71 -13.12 18.33
C THR A 250 -14.75 -13.09 19.52
N ARG A 251 -13.51 -13.54 19.34
CA ARG A 251 -12.48 -13.44 20.38
C ARG A 251 -12.91 -14.15 21.66
N ALA A 252 -13.12 -15.47 21.55
CA ALA A 252 -13.49 -16.26 22.72
C ALA A 252 -12.33 -16.36 23.72
N LEU A 253 -11.14 -16.71 23.22
CA LEU A 253 -10.00 -16.99 24.10
C LEU A 253 -9.56 -15.79 24.92
N THR A 254 -10.17 -14.62 24.74
CA THR A 254 -9.92 -13.51 25.64
C THR A 254 -10.24 -13.89 27.08
N ALA A 255 -11.22 -14.79 27.27
CA ALA A 255 -11.52 -15.25 28.62
C ALA A 255 -10.34 -15.97 29.25
N GLU A 256 -9.47 -16.58 28.42
CA GLU A 256 -8.28 -17.24 28.94
C GLU A 256 -7.32 -16.27 29.61
N SER A 257 -7.43 -14.97 29.29
CA SER A 257 -6.44 -14.00 29.75
C SER A 257 -6.40 -13.88 31.27
N HIS A 258 -7.54 -14.08 31.94
CA HIS A 258 -7.66 -13.80 33.37
C HIS A 258 -7.22 -14.98 34.23
N VAL A 259 -6.95 -14.69 35.50
CA VAL A 259 -6.17 -15.61 36.35
C VAL A 259 -6.94 -16.90 36.59
N ASP A 260 -8.19 -16.81 37.05
CA ASP A 260 -9.02 -17.99 37.20
C ASP A 260 -9.82 -18.31 35.94
N THR A 261 -9.54 -17.63 34.84
CA THR A 261 -10.31 -17.63 33.60
C THR A 261 -11.73 -17.11 33.82
N ASP A 262 -12.03 -16.57 35.00
CA ASP A 262 -13.25 -15.81 35.19
C ASP A 262 -13.08 -14.41 34.60
N LEU A 263 -14.09 -13.97 33.86
CA LEU A 263 -14.05 -12.63 33.28
C LEU A 263 -14.07 -11.53 34.34
N THR A 264 -14.39 -11.85 35.59
CA THR A 264 -14.39 -10.88 36.66
C THR A 264 -13.05 -10.76 37.38
N LYS A 265 -12.23 -11.79 37.33
CA LYS A 265 -10.95 -11.80 38.01
C LYS A 265 -9.93 -10.94 37.28
N PRO A 266 -8.88 -10.48 37.98
CA PRO A 266 -7.88 -9.63 37.32
C PRO A 266 -6.99 -10.40 36.36
N TYR A 267 -6.28 -9.65 35.52
CA TYR A 267 -5.41 -10.23 34.51
C TYR A 267 -4.23 -10.96 35.12
N ILE A 268 -3.69 -11.92 34.37
CA ILE A 268 -2.45 -12.58 34.75
C ILE A 268 -1.27 -11.65 34.49
N LYS A 269 -0.38 -11.53 35.47
CA LYS A 269 0.85 -10.74 35.34
C LYS A 269 2.02 -11.69 35.11
N TRP A 270 2.39 -11.87 33.86
CA TRP A 270 3.45 -12.80 33.49
C TRP A 270 4.82 -12.27 33.94
N ASP A 271 5.78 -13.18 34.01
CA ASP A 271 7.18 -12.79 34.17
C ASP A 271 7.61 -11.97 32.97
N LEU A 272 8.21 -10.80 33.23
CA LEU A 272 8.51 -9.88 32.15
C LEU A 272 9.56 -10.43 31.19
N LEU A 273 10.47 -11.28 31.68
CA LEU A 273 11.55 -11.81 30.86
C LEU A 273 11.19 -13.07 30.10
N LYS A 274 9.99 -13.62 30.32
CA LYS A 274 9.60 -14.86 29.66
C LYS A 274 9.36 -14.62 28.17
N TYR A 275 9.82 -15.57 27.34
CA TYR A 275 9.62 -15.44 25.91
C TYR A 275 9.11 -16.69 25.20
N ASP A 276 9.22 -17.88 25.81
CA ASP A 276 8.77 -19.12 25.19
C ASP A 276 7.57 -19.67 25.95
N PHE A 277 6.45 -19.85 25.24
CA PHE A 277 5.20 -20.30 25.83
C PHE A 277 4.75 -21.66 25.28
N THR A 278 5.70 -22.54 24.95
CA THR A 278 5.35 -23.80 24.30
C THR A 278 4.39 -24.63 25.14
N GLU A 279 4.66 -24.73 26.44
CA GLU A 279 3.78 -25.51 27.31
C GLU A 279 2.38 -24.92 27.36
N GLU A 280 2.27 -23.60 27.38
CA GLU A 280 0.95 -22.96 27.44
C GLU A 280 0.18 -23.16 26.13
N ARG A 281 0.89 -23.09 24.99
CA ARG A 281 0.24 -23.37 23.71
C ARG A 281 -0.26 -24.82 23.66
N LEU A 282 0.56 -25.77 24.11
CA LEU A 282 0.11 -27.16 24.14
C LEU A 282 -1.07 -27.35 25.07
N LYS A 283 -1.07 -26.65 26.22
CA LYS A 283 -2.17 -26.76 27.16
C LYS A 283 -3.46 -26.22 26.55
N LEU A 284 -3.38 -25.07 25.87
CA LEU A 284 -4.56 -24.51 25.21
C LEU A 284 -5.08 -25.45 24.13
N PHE A 285 -4.18 -25.99 23.32
CA PHE A 285 -4.60 -26.90 22.26
C PHE A 285 -5.27 -28.14 22.84
N ASP A 286 -4.68 -28.72 23.89
CA ASP A 286 -5.27 -29.91 24.49
C ASP A 286 -6.62 -29.60 25.13
N ARG A 287 -6.78 -28.40 25.68
CA ARG A 287 -8.04 -28.05 26.33
C ARG A 287 -9.16 -27.87 25.31
N TYR A 288 -8.90 -27.10 24.24
CA TYR A 288 -10.01 -26.75 23.34
C TYR A 288 -10.14 -27.70 22.16
N PHE A 289 -9.03 -28.13 21.55
CA PHE A 289 -9.04 -28.94 20.33
C PHE A 289 -8.57 -30.37 20.60
N LYS A 290 -9.14 -31.02 21.62
CA LYS A 290 -8.63 -32.30 22.10
C LYS A 290 -8.61 -33.35 21.00
N TYR A 291 -9.69 -33.47 20.22
CA TYR A 291 -9.86 -34.56 19.27
C TYR A 291 -9.56 -34.17 17.83
N TRP A 292 -8.94 -33.02 17.61
CA TRP A 292 -8.49 -32.65 16.27
C TRP A 292 -7.34 -33.55 15.87
N ASP A 293 -7.59 -34.45 14.92
CA ASP A 293 -6.66 -35.54 14.61
C ASP A 293 -5.65 -35.09 13.54
N GLN A 294 -4.71 -34.25 13.97
CA GLN A 294 -3.51 -33.97 13.20
C GLN A 294 -2.45 -33.40 14.12
N THR A 295 -1.19 -33.74 13.86
CA THR A 295 -0.10 -33.35 14.73
C THR A 295 0.11 -31.84 14.68
N TYR A 296 0.19 -31.22 15.86
CA TYR A 296 0.35 -29.77 15.99
C TYR A 296 1.72 -29.47 16.58
N HIS A 297 2.50 -28.63 15.88
CA HIS A 297 3.83 -28.23 16.32
C HIS A 297 3.79 -26.79 16.81
N PRO A 298 4.03 -26.53 18.09
CA PRO A 298 4.04 -25.13 18.56
C PRO A 298 5.07 -24.26 17.84
N ASN A 299 6.20 -24.85 17.46
CA ASN A 299 7.27 -24.13 16.77
C ASN A 299 7.35 -24.67 15.34
N CYS A 300 7.11 -23.79 14.36
CA CYS A 300 6.99 -24.21 12.97
C CYS A 300 8.30 -24.74 12.41
N VAL A 301 9.43 -24.48 13.07
CA VAL A 301 10.72 -24.98 12.58
C VAL A 301 10.72 -26.49 12.48
N ASN A 302 9.93 -27.17 13.33
CA ASN A 302 9.86 -28.62 13.30
C ASN A 302 9.06 -29.14 12.11
N CYS A 303 8.22 -28.30 11.50
CA CYS A 303 7.23 -28.75 10.54
C CYS A 303 7.88 -29.46 9.36
N LEU A 304 7.10 -30.34 8.73
CA LEU A 304 7.62 -31.21 7.67
C LEU A 304 7.58 -30.54 6.31
N ASP A 305 6.53 -29.75 6.02
CA ASP A 305 6.38 -29.15 4.69
C ASP A 305 5.50 -27.91 4.82
N ASP A 306 5.31 -27.23 3.69
CA ASP A 306 4.62 -25.94 3.70
C ASP A 306 3.17 -26.06 4.15
N ARG A 307 2.48 -27.16 3.81
CA ARG A 307 1.11 -27.32 4.27
C ARG A 307 1.03 -27.45 5.79
N CYS A 308 1.96 -28.20 6.38
CA CYS A 308 2.00 -28.29 7.84
C CYS A 308 2.40 -26.96 8.46
N ILE A 309 3.23 -26.18 7.77
CA ILE A 309 3.55 -24.84 8.24
C ILE A 309 2.29 -23.98 8.28
N LEU A 310 1.48 -24.03 7.22
CA LEU A 310 0.24 -23.28 7.20
C LEU A 310 -0.68 -23.72 8.33
N HIS A 311 -0.80 -25.03 8.54
CA HIS A 311 -1.67 -25.56 9.58
C HIS A 311 -1.25 -25.07 10.98
N CYS A 312 0.03 -25.25 11.29
CA CYS A 312 0.51 -24.88 12.62
C CYS A 312 0.53 -23.37 12.82
N ALA A 313 0.83 -22.60 11.77
CA ALA A 313 0.75 -21.14 11.89
C ALA A 313 -0.69 -20.68 12.08
N ASN A 314 -1.64 -21.38 11.45
CA ASN A 314 -3.04 -21.03 11.63
C ASN A 314 -3.47 -21.25 13.08
N PHE A 315 -3.02 -22.33 13.71
CA PHE A 315 -3.29 -22.51 15.13
C PHE A 315 -2.55 -21.46 15.97
N ASN A 316 -1.30 -21.17 15.63
CA ASN A 316 -0.48 -20.25 16.42
C ASN A 316 -1.05 -18.84 16.44
N VAL A 317 -1.62 -18.40 15.32
CA VAL A 317 -2.14 -17.03 15.26
C VAL A 317 -3.32 -16.88 16.21
N LEU A 318 -4.16 -17.91 16.35
CA LEU A 318 -5.21 -17.87 17.35
C LEU A 318 -4.62 -17.86 18.76
N PHE A 319 -3.64 -18.73 19.01
CA PHE A 319 -3.15 -18.87 20.39
C PHE A 319 -2.35 -17.67 20.86
N SER A 320 -1.67 -16.96 19.95
CA SER A 320 -0.78 -15.87 20.35
C SER A 320 -1.52 -14.68 20.95
N THR A 321 -2.80 -14.50 20.63
CA THR A 321 -3.54 -13.35 21.12
C THR A 321 -3.59 -13.32 22.65
N VAL A 322 -3.50 -14.48 23.29
CA VAL A 322 -3.59 -14.54 24.75
C VAL A 322 -2.36 -13.93 25.42
N PHE A 323 -1.20 -14.12 24.83
CA PHE A 323 0.07 -13.81 25.49
C PHE A 323 0.40 -12.32 25.40
N PRO A 324 1.22 -11.80 26.31
CA PRO A 324 1.45 -10.36 26.38
C PRO A 324 2.17 -9.84 25.15
N PRO A 325 1.87 -8.61 24.73
CA PRO A 325 2.49 -8.07 23.50
C PRO A 325 3.99 -7.89 23.56
N THR A 326 4.57 -7.75 24.76
CA THR A 326 5.99 -7.40 24.85
C THR A 326 6.89 -8.56 24.45
N SER A 327 6.41 -9.80 24.56
CA SER A 327 7.25 -10.96 24.28
C SER A 327 7.47 -11.20 22.80
N PHE A 328 6.61 -10.68 21.93
CA PHE A 328 6.70 -10.95 20.49
C PHE A 328 7.65 -9.93 19.87
N GLY A 329 8.94 -10.29 19.84
CA GLY A 329 9.98 -9.45 19.33
C GLY A 329 11.26 -10.25 19.12
N PRO A 330 12.30 -9.60 18.59
CA PRO A 330 13.60 -10.26 18.49
C PRO A 330 14.26 -10.41 19.85
N LEU A 331 14.99 -11.50 20.01
CA LEU A 331 15.67 -11.84 21.25
C LEU A 331 17.12 -11.41 21.16
N VAL A 332 17.63 -10.86 22.27
CA VAL A 332 18.96 -10.26 22.28
C VAL A 332 19.83 -10.96 23.31
N ARG A 333 21.14 -10.85 23.10
CA ARG A 333 22.14 -11.57 23.88
C ARG A 333 23.42 -10.72 23.92
N LYS A 334 24.23 -10.93 24.95
CA LYS A 334 25.48 -10.20 25.12
C LYS A 334 26.65 -11.06 24.64
N ILE A 335 27.52 -10.45 23.85
CA ILE A 335 28.71 -11.10 23.32
C ILE A 335 29.89 -10.17 23.55
N PHE A 336 31.11 -10.68 23.36
CA PHE A 336 32.31 -9.90 23.54
C PHE A 336 33.13 -9.86 22.25
N VAL A 337 33.67 -8.68 21.93
CA VAL A 337 34.53 -8.51 20.77
C VAL A 337 35.75 -7.72 21.21
N ASP A 338 36.94 -8.31 21.05
CA ASP A 338 38.20 -7.66 21.42
C ASP A 338 38.18 -7.17 22.86
N GLY A 339 37.38 -7.82 23.70
CA GLY A 339 37.28 -7.48 25.10
C GLY A 339 36.18 -6.50 25.48
N VAL A 340 35.45 -5.95 24.52
CA VAL A 340 34.37 -5.03 24.86
C VAL A 340 33.02 -5.69 24.62
N PRO A 341 32.00 -5.36 25.41
CA PRO A 341 30.70 -6.05 25.28
C PRO A 341 29.75 -5.44 24.26
N PHE A 342 29.26 -6.29 23.36
CA PHE A 342 28.21 -5.95 22.40
C PHE A 342 26.90 -6.60 22.81
N VAL A 343 25.79 -5.98 22.39
CA VAL A 343 24.47 -6.57 22.46
C VAL A 343 23.99 -6.81 21.04
N VAL A 344 23.55 -8.04 20.76
CA VAL A 344 23.24 -8.45 19.39
C VAL A 344 22.02 -9.35 19.43
N SER A 345 21.42 -9.57 18.26
CA SER A 345 20.22 -10.38 18.17
C SER A 345 20.58 -11.83 17.91
N THR A 346 19.74 -12.74 18.41
CA THR A 346 20.01 -14.16 18.31
C THR A 346 18.79 -14.98 17.92
N GLY A 347 17.64 -14.38 17.70
CA GLY A 347 16.45 -15.16 17.47
C GLY A 347 15.20 -14.32 17.41
N TYR A 348 14.11 -14.93 16.96
CA TYR A 348 12.85 -14.21 16.83
C TYR A 348 11.71 -15.01 17.45
N HIS A 349 10.74 -14.30 18.01
CA HIS A 349 9.50 -14.89 18.51
C HIS A 349 8.37 -14.37 17.63
N PHE A 350 7.85 -15.22 16.75
CA PHE A 350 6.79 -14.84 15.83
C PHE A 350 5.44 -15.24 16.40
N ARG A 351 4.48 -14.33 16.31
CA ARG A 351 3.09 -14.68 16.60
C ARG A 351 2.64 -15.83 15.71
N GLU A 352 3.11 -15.86 14.46
CA GLU A 352 2.77 -16.91 13.53
C GLU A 352 3.66 -18.14 13.71
N LEU A 353 4.97 -17.97 13.61
CA LEU A 353 5.90 -19.09 13.45
C LEU A 353 6.61 -19.51 14.73
N GLY A 354 6.26 -18.95 15.88
CA GLY A 354 6.85 -19.44 17.11
C GLY A 354 8.27 -18.93 17.36
N VAL A 355 8.98 -19.66 18.22
CA VAL A 355 10.32 -19.28 18.66
C VAL A 355 11.34 -19.90 17.72
N VAL A 356 12.20 -19.07 17.14
CA VAL A 356 13.24 -19.49 16.21
C VAL A 356 14.59 -18.97 16.70
N HIS A 357 15.60 -19.83 16.68
CA HIS A 357 16.94 -19.51 17.15
C HIS A 357 17.93 -19.54 16.00
N ASN A 358 18.95 -18.68 16.09
CA ASN A 358 20.03 -18.66 15.11
C ASN A 358 21.05 -19.75 15.40
N GLN A 359 21.79 -20.13 14.36
CA GLN A 359 22.72 -21.25 14.42
C GLN A 359 24.19 -20.85 14.41
N ASP A 360 24.52 -19.63 13.98
CA ASP A 360 25.91 -19.25 13.78
C ASP A 360 26.38 -18.14 14.72
N VAL A 361 26.03 -18.23 15.99
CA VAL A 361 26.35 -17.20 16.97
C VAL A 361 27.78 -17.39 17.48
N ASN A 362 28.45 -16.28 17.77
CA ASN A 362 29.78 -16.28 18.36
C ASN A 362 29.72 -15.55 19.69
N LEU A 363 30.10 -16.26 20.77
CA LEU A 363 30.15 -15.63 22.09
C LEU A 363 31.40 -14.80 22.30
N HIS A 364 32.50 -15.11 21.62
CA HIS A 364 33.71 -14.33 21.67
C HIS A 364 34.29 -14.21 20.28
N SER A 365 34.79 -13.02 19.93
CA SER A 365 35.36 -12.81 18.60
C SER A 365 36.49 -11.79 18.72
N SER A 366 37.41 -11.86 17.76
CA SER A 366 38.55 -10.94 17.75
C SER A 366 38.32 -9.72 16.88
N ARG A 367 37.66 -9.87 15.73
CA ARG A 367 37.52 -8.78 14.78
C ARG A 367 36.16 -8.87 14.10
N LEU A 368 35.75 -7.75 13.53
CA LEU A 368 34.51 -7.66 12.75
C LEU A 368 34.88 -7.41 11.28
N SER A 369 34.42 -8.30 10.41
CA SER A 369 34.55 -8.10 8.98
C SER A 369 33.47 -7.16 8.48
N PHE A 370 33.49 -6.88 7.18
CA PHE A 370 32.49 -5.99 6.59
C PHE A 370 31.09 -6.58 6.69
N LYS A 371 30.96 -7.89 6.45
CA LYS A 371 29.65 -8.52 6.52
C LYS A 371 29.09 -8.48 7.95
N GLU A 372 29.94 -8.76 8.94
CA GLU A 372 29.48 -8.68 10.32
C GLU A 372 29.14 -7.25 10.72
N LEU A 373 29.88 -6.26 10.19
CA LEU A 373 29.52 -4.88 10.45
C LEU A 373 28.16 -4.54 9.86
N LEU A 374 27.89 -5.01 8.64
CA LEU A 374 26.57 -4.80 8.05
C LEU A 374 25.47 -5.44 8.89
N VAL A 375 25.69 -6.68 9.32
CA VAL A 375 24.68 -7.39 10.11
C VAL A 375 24.42 -6.66 11.41
N TYR A 376 25.48 -6.23 12.09
CA TYR A 376 25.30 -5.61 13.40
C TYR A 376 24.72 -4.20 13.30
N ALA A 377 25.04 -3.47 12.23
CA ALA A 377 24.45 -2.16 12.05
C ALA A 377 22.99 -2.25 11.59
N ALA A 378 22.63 -3.33 10.89
CA ALA A 378 21.28 -3.41 10.33
C ALA A 378 20.23 -3.66 11.41
N ASP A 379 20.50 -4.58 12.34
CA ASP A 379 19.44 -5.01 13.23
C ASP A 379 19.15 -3.96 14.30
N PRO A 380 17.92 -3.93 14.82
CA PRO A 380 17.51 -2.84 15.72
C PRO A 380 17.97 -2.97 17.16
N ALA A 381 18.71 -4.03 17.52
CA ALA A 381 19.03 -4.25 18.93
C ALA A 381 19.83 -3.09 19.52
N MET A 382 20.87 -2.64 18.81
CA MET A 382 21.70 -1.57 19.35
C MET A 382 20.93 -0.25 19.46
N HIS A 383 20.22 0.13 18.39
CA HIS A 383 19.52 1.41 18.39
C HIS A 383 18.45 1.45 19.46
N ALA A 384 17.68 0.37 19.59
CA ALA A 384 16.62 0.34 20.59
C ALA A 384 17.17 0.26 22.00
N ALA A 385 18.29 -0.46 22.20
CA ALA A 385 18.86 -0.56 23.54
C ALA A 385 19.46 0.77 24.00
N SER A 386 20.15 1.48 23.10
CA SER A 386 20.76 2.75 23.47
C SER A 386 19.73 3.88 23.58
N GLY A 387 18.66 3.81 22.80
CA GLY A 387 17.71 4.91 22.75
C GLY A 387 16.92 5.07 24.04
N ASN A 388 16.15 6.16 24.07
CA ASN A 388 15.30 6.50 25.21
C ASN A 388 14.04 5.65 25.20
N LEU A 389 13.18 5.87 26.19
CA LEU A 389 11.88 5.22 26.29
C LEU A 389 10.81 6.18 25.77
N LEU A 390 9.84 5.63 25.03
CA LEU A 390 8.83 6.44 24.37
C LEU A 390 7.43 5.99 24.77
N LEU A 391 6.56 6.96 25.01
CA LEU A 391 5.13 6.73 25.23
C LEU A 391 4.38 7.68 24.32
N ASP A 392 3.84 7.17 23.21
CA ASP A 392 3.18 7.98 22.20
C ASP A 392 1.68 7.76 22.30
N LYS A 393 0.94 8.82 22.62
CA LYS A 393 -0.51 8.75 22.74
C LYS A 393 -1.22 9.03 21.43
N ARG A 394 -0.50 9.36 20.36
CA ARG A 394 -1.13 9.62 19.08
C ARG A 394 -1.54 8.36 18.34
N THR A 395 -1.00 7.20 18.73
CA THR A 395 -1.30 5.94 18.06
C THR A 395 -1.63 4.87 19.08
N THR A 396 -2.50 3.94 18.68
CA THR A 396 -2.76 2.76 19.49
C THR A 396 -1.68 1.70 19.34
N CYS A 397 -0.82 1.82 18.34
CA CYS A 397 0.23 0.84 18.10
C CYS A 397 1.28 0.88 19.20
N PHE A 398 1.92 -0.26 19.42
CA PHE A 398 3.00 -0.36 20.42
C PHE A 398 4.24 0.37 19.93
N SER A 399 4.90 1.08 20.85
CA SER A 399 6.07 1.91 20.54
C SER A 399 7.24 1.44 21.38
N VAL A 400 8.41 1.30 20.74
CA VAL A 400 9.57 0.70 21.40
C VAL A 400 10.46 1.76 22.04
N ALA A 401 10.99 2.66 21.22
CA ALA A 401 12.01 3.58 21.71
C ALA A 401 12.05 4.82 20.82
N ALA A 402 12.69 5.86 21.37
CA ALA A 402 12.94 7.10 20.64
C ALA A 402 14.45 7.27 20.50
N LEU A 403 14.91 7.48 19.27
CA LEU A 403 16.34 7.53 18.98
C LEU A 403 16.95 8.91 19.18
N THR A 404 16.13 9.96 19.33
CA THR A 404 16.63 11.32 19.45
C THR A 404 15.82 12.06 20.51
N ASN A 405 16.43 13.09 21.10
CA ASN A 405 15.76 13.89 22.12
C ASN A 405 14.60 14.69 21.56
N ASN A 406 14.54 14.89 20.24
CA ASN A 406 13.48 15.67 19.61
C ASN A 406 12.75 14.82 18.57
N VAL A 407 11.42 14.93 18.56
CA VAL A 407 10.61 14.30 17.52
C VAL A 407 10.53 15.24 16.32
N ALA A 408 10.38 14.65 15.14
CA ALA A 408 10.39 15.39 13.89
C ALA A 408 8.99 15.42 13.28
N PHE A 409 8.54 16.61 12.89
CA PHE A 409 7.28 16.80 12.19
C PHE A 409 7.59 17.16 10.74
N GLN A 410 7.07 16.38 9.81
CA GLN A 410 7.37 16.53 8.39
C GLN A 410 6.12 17.02 7.65
N THR A 411 6.26 18.14 6.93
CA THR A 411 5.19 18.70 6.12
C THR A 411 5.34 18.28 4.66
N VAL A 412 4.29 18.54 3.88
CA VAL A 412 4.31 18.37 2.43
C VAL A 412 3.92 19.68 1.78
N LYS A 413 4.75 20.15 0.85
CA LYS A 413 4.58 21.44 0.21
C LYS A 413 3.63 21.36 -0.98
N PRO A 414 3.01 22.48 -1.36
CA PRO A 414 2.15 22.49 -2.55
C PRO A 414 2.96 22.47 -3.84
N GLY A 415 2.25 22.23 -4.95
CA GLY A 415 2.89 22.18 -6.25
C GLY A 415 3.06 23.55 -6.89
N ASN A 416 3.93 23.59 -7.89
CA ASN A 416 4.19 24.81 -8.65
C ASN A 416 3.20 24.95 -9.80
N PHE A 417 2.94 26.20 -10.18
CA PHE A 417 1.93 26.51 -11.19
C PHE A 417 2.60 26.85 -12.52
N ASN A 418 2.21 26.15 -13.58
CA ASN A 418 2.73 26.37 -14.93
C ASN A 418 1.80 27.32 -15.68
N LYS A 419 1.98 28.62 -15.41
CA LYS A 419 1.01 29.63 -15.85
C LYS A 419 0.93 29.73 -17.36
N ASP A 420 2.06 29.54 -18.06
CA ASP A 420 2.06 29.73 -19.51
C ASP A 420 1.10 28.75 -20.19
N PHE A 421 1.16 27.48 -19.79
CA PHE A 421 0.30 26.47 -20.40
C PHE A 421 -1.15 26.71 -20.04
N TYR A 422 -1.42 27.15 -18.81
CA TYR A 422 -2.79 27.48 -18.42
C TYR A 422 -3.34 28.62 -19.26
N ASP A 423 -2.54 29.67 -19.47
CA ASP A 423 -2.99 30.78 -20.30
C ASP A 423 -3.23 30.33 -21.73
N PHE A 424 -2.36 29.48 -22.26
CA PHE A 424 -2.54 28.98 -23.62
C PHE A 424 -3.83 28.17 -23.74
N ALA A 425 -4.09 27.29 -22.76
CA ALA A 425 -5.30 26.49 -22.77
C ALA A 425 -6.55 27.36 -22.65
N VAL A 426 -6.51 28.38 -21.80
CA VAL A 426 -7.66 29.27 -21.65
C VAL A 426 -7.89 30.07 -22.93
N SER A 427 -6.81 30.48 -23.60
CA SER A 427 -6.96 31.14 -24.89
C SER A 427 -7.59 30.22 -25.91
N LYS A 428 -7.22 28.94 -25.90
CA LYS A 428 -7.83 27.98 -26.81
C LYS A 428 -9.31 27.77 -26.50
N GLY A 429 -9.70 27.89 -25.23
CA GLY A 429 -11.10 27.85 -24.88
C GLY A 429 -11.49 26.83 -23.82
N PHE A 430 -10.51 26.22 -23.15
CA PHE A 430 -10.80 25.22 -22.15
C PHE A 430 -11.27 25.87 -20.84
N PHE A 431 -11.69 25.02 -19.91
CA PHE A 431 -12.00 25.36 -18.53
C PHE A 431 -13.18 26.30 -18.37
N LYS A 432 -13.98 26.49 -19.41
CA LYS A 432 -15.19 27.29 -19.30
C LYS A 432 -16.21 26.60 -18.40
N GLU A 433 -17.05 27.41 -17.76
CA GLU A 433 -18.12 26.87 -16.94
C GLU A 433 -19.08 26.04 -17.80
N GLY A 434 -19.40 24.83 -17.33
CA GLY A 434 -20.22 23.92 -18.09
C GLY A 434 -19.47 22.98 -19.01
N SER A 435 -18.15 23.08 -19.07
CA SER A 435 -17.35 22.19 -19.91
C SER A 435 -17.33 20.78 -19.32
N SER A 436 -17.12 19.79 -20.19
CA SER A 436 -17.03 18.40 -19.75
C SER A 436 -15.67 18.07 -19.16
N VAL A 437 -14.64 18.88 -19.43
CA VAL A 437 -13.30 18.66 -18.91
C VAL A 437 -12.98 19.76 -17.91
N GLU A 438 -12.47 19.36 -16.74
CA GLU A 438 -12.18 20.32 -15.68
C GLU A 438 -11.07 19.75 -14.81
N LEU A 439 -10.45 20.65 -14.05
CA LEU A 439 -9.33 20.25 -13.18
C LEU A 439 -9.85 19.46 -11.99
N LYS A 440 -9.27 18.27 -11.78
CA LYS A 440 -9.60 17.44 -10.63
C LYS A 440 -8.39 16.92 -9.88
N HIS A 441 -7.22 16.81 -10.49
CA HIS A 441 -6.02 16.30 -9.85
C HIS A 441 -5.12 17.47 -9.46
N PHE A 442 -4.67 17.47 -8.20
CA PHE A 442 -3.90 18.58 -7.65
C PHE A 442 -2.78 18.06 -6.78
N PHE A 443 -1.87 18.96 -6.42
CA PHE A 443 -0.84 18.70 -5.40
C PHE A 443 -1.37 19.20 -4.06
N PHE A 444 -1.88 18.28 -3.25
CA PHE A 444 -2.41 18.65 -1.94
C PHE A 444 -1.28 18.77 -0.92
N ALA A 445 -1.38 19.78 -0.06
CA ALA A 445 -0.42 20.00 1.01
C ALA A 445 -0.83 19.24 2.27
N GLN A 446 0.14 19.04 3.15
CA GLN A 446 -0.10 18.32 4.40
C GLN A 446 0.58 19.03 5.55
N ASP A 447 -0.03 18.96 6.73
CA ASP A 447 0.56 19.49 7.94
C ASP A 447 1.48 18.45 8.59
N GLY A 448 2.03 18.80 9.75
CA GLY A 448 3.04 17.98 10.40
C GLY A 448 2.54 16.64 10.93
N ASN A 449 1.24 16.44 11.02
CA ASN A 449 0.67 15.21 11.57
C ASN A 449 0.45 14.12 10.53
N ALA A 450 0.86 14.34 9.28
CA ALA A 450 0.49 13.41 8.20
C ALA A 450 1.09 12.02 8.42
N ALA A 451 2.39 11.95 8.70
CA ALA A 451 3.07 10.66 8.73
C ALA A 451 2.51 9.76 9.83
N ILE A 452 2.30 10.32 11.02
CA ILE A 452 1.84 9.49 12.13
C ILE A 452 0.40 9.05 11.91
N SER A 453 -0.42 9.87 11.26
CA SER A 453 -1.79 9.46 10.95
C SER A 453 -1.81 8.35 9.91
N ASP A 454 -0.99 8.48 8.86
CA ASP A 454 -0.95 7.43 7.86
C ASP A 454 -0.39 6.14 8.45
N TYR A 455 0.53 6.24 9.41
CA TYR A 455 0.96 5.05 10.13
C TYR A 455 -0.15 4.49 10.99
N ASP A 456 -0.91 5.36 11.67
CA ASP A 456 -2.02 4.90 12.50
C ASP A 456 -3.08 4.21 11.68
N TYR A 457 -3.11 4.46 10.38
CA TYR A 457 -4.00 3.71 9.49
C TYR A 457 -3.75 2.20 9.58
N TYR A 458 -2.55 1.79 10.00
CA TYR A 458 -2.24 0.38 10.15
C TYR A 458 -3.10 -0.30 11.22
N ARG A 459 -3.78 0.47 12.06
CA ARG A 459 -4.58 -0.11 13.13
C ARG A 459 -5.64 -1.07 12.60
N TYR A 460 -6.06 -0.90 11.34
CA TYR A 460 -7.11 -1.73 10.77
C TYR A 460 -6.73 -3.21 10.74
N ASN A 461 -5.44 -3.52 10.70
CA ASN A 461 -5.01 -4.91 10.65
C ASN A 461 -5.36 -5.62 11.96
N LEU A 462 -6.08 -6.73 11.85
CA LEU A 462 -6.53 -7.53 12.98
C LEU A 462 -6.07 -8.97 12.84
N PRO A 463 -5.87 -9.69 13.94
CA PRO A 463 -5.59 -11.14 13.83
C PRO A 463 -6.75 -11.86 13.17
N THR A 464 -6.42 -12.93 12.46
CA THR A 464 -7.43 -13.67 11.69
C THR A 464 -7.02 -15.13 11.57
N MET A 465 -7.93 -16.04 11.92
CA MET A 465 -7.72 -17.47 11.79
C MET A 465 -8.55 -17.97 10.62
N CYS A 466 -7.88 -18.54 9.62
CA CYS A 466 -8.54 -18.95 8.40
C CYS A 466 -9.12 -20.36 8.52
N ASP A 467 -10.04 -20.67 7.60
CA ASP A 467 -10.56 -22.02 7.45
C ASP A 467 -9.45 -22.90 6.88
N ILE A 468 -8.95 -23.83 7.69
CA ILE A 468 -7.72 -24.55 7.36
C ILE A 468 -7.89 -25.38 6.10
N ARG A 469 -8.93 -26.22 6.04
CA ARG A 469 -9.06 -27.14 4.92
C ARG A 469 -9.33 -26.40 3.61
N GLN A 470 -10.22 -25.41 3.65
CA GLN A 470 -10.51 -24.63 2.47
C GLN A 470 -9.26 -23.92 1.96
N LEU A 471 -8.47 -23.36 2.88
CA LEU A 471 -7.23 -22.68 2.48
C LEU A 471 -6.23 -23.66 1.90
N LEU A 472 -6.14 -24.87 2.46
CA LEU A 472 -5.20 -25.85 1.95
C LEU A 472 -5.58 -26.35 0.56
N PHE A 473 -6.88 -26.34 0.24
CA PHE A 473 -7.29 -26.64 -1.14
C PHE A 473 -7.03 -25.47 -2.08
N VAL A 474 -7.35 -24.26 -1.62
CA VAL A 474 -7.21 -23.07 -2.46
C VAL A 474 -5.75 -22.83 -2.81
N VAL A 475 -4.82 -23.13 -1.89
CA VAL A 475 -3.42 -22.91 -2.18
C VAL A 475 -2.94 -23.82 -3.32
N GLU A 476 -3.44 -25.06 -3.38
CA GLU A 476 -3.10 -25.94 -4.49
C GLU A 476 -3.72 -25.42 -5.79
N VAL A 477 -4.94 -24.90 -5.72
CA VAL A 477 -5.57 -24.36 -6.93
C VAL A 477 -4.79 -23.15 -7.45
N VAL A 478 -4.24 -22.34 -6.55
CA VAL A 478 -3.41 -21.20 -6.97
C VAL A 478 -2.09 -21.68 -7.55
N ASP A 479 -1.47 -22.69 -6.92
CA ASP A 479 -0.22 -23.22 -7.46
C ASP A 479 -0.43 -23.76 -8.87
N LYS A 480 -1.63 -24.26 -9.16
CA LYS A 480 -1.95 -24.63 -10.53
C LYS A 480 -1.87 -23.43 -11.48
N TYR A 481 -2.31 -22.25 -11.02
CA TYR A 481 -2.21 -21.05 -11.85
C TYR A 481 -0.76 -20.65 -12.09
N PHE A 482 0.09 -20.79 -11.08
CA PHE A 482 1.46 -20.27 -11.20
C PHE A 482 2.45 -21.27 -11.81
N ASP A 483 2.06 -22.52 -12.01
CA ASP A 483 3.05 -23.59 -12.22
C ASP A 483 3.86 -23.49 -13.52
N CYS A 484 3.49 -22.64 -14.46
CA CYS A 484 4.14 -22.66 -15.78
C CYS A 484 5.47 -21.93 -15.83
N TYR A 485 5.85 -21.20 -14.78
CA TYR A 485 7.08 -20.43 -14.78
C TYR A 485 8.26 -21.29 -14.29
N ASP A 486 9.45 -20.70 -14.34
CA ASP A 486 10.65 -21.32 -13.78
C ASP A 486 11.31 -20.35 -12.81
N GLY A 487 12.04 -20.91 -11.85
CA GLY A 487 12.65 -20.10 -10.82
C GLY A 487 13.72 -20.88 -10.09
N GLY A 488 14.43 -20.18 -9.23
CA GLY A 488 15.52 -20.76 -8.48
C GLY A 488 16.51 -19.68 -8.05
N CYS A 489 17.52 -20.13 -7.30
CA CYS A 489 18.55 -19.24 -6.81
C CYS A 489 19.61 -18.98 -7.88
N ILE A 490 20.22 -17.80 -7.79
CA ILE A 490 21.27 -17.39 -8.70
C ILE A 490 22.41 -16.78 -7.88
N ASN A 491 23.60 -16.77 -8.49
CA ASN A 491 24.76 -16.16 -7.85
C ASN A 491 24.72 -14.64 -7.99
N ALA A 492 25.51 -13.98 -7.15
CA ALA A 492 25.47 -12.52 -7.06
C ALA A 492 25.80 -11.85 -8.39
N ASN A 493 26.67 -12.44 -9.20
CA ASN A 493 27.09 -11.79 -10.44
C ASN A 493 25.95 -11.68 -11.44
N GLN A 494 24.93 -12.54 -11.32
CA GLN A 494 23.87 -12.56 -12.32
C GLN A 494 22.80 -11.48 -12.09
N VAL A 495 22.64 -11.01 -10.85
CA VAL A 495 21.50 -10.16 -10.52
C VAL A 495 21.56 -8.83 -11.25
N ILE A 496 20.39 -8.27 -11.56
CA ILE A 496 20.25 -7.01 -12.27
C ILE A 496 19.56 -6.01 -11.37
N VAL A 497 20.09 -4.79 -11.30
CA VAL A 497 19.54 -3.71 -10.49
C VAL A 497 19.17 -2.54 -11.41
N ASN A 498 17.95 -2.03 -11.26
CA ASN A 498 17.47 -1.00 -12.16
C ASN A 498 18.15 0.35 -11.90
N ASN A 499 18.24 0.75 -10.64
CA ASN A 499 18.71 2.09 -10.31
C ASN A 499 19.46 2.04 -8.98
N LEU A 500 20.74 2.37 -9.02
CA LEU A 500 21.60 2.31 -7.85
C LEU A 500 21.68 3.62 -7.09
N ASP A 501 21.04 4.68 -7.57
CA ASP A 501 21.01 5.96 -6.87
C ASP A 501 19.85 6.07 -5.90
N LYS A 502 19.19 4.96 -5.57
CA LYS A 502 18.09 4.95 -4.63
C LYS A 502 18.60 4.74 -3.20
N SER A 503 17.74 5.08 -2.24
CA SER A 503 18.10 5.00 -0.82
C SER A 503 18.37 3.55 -0.40
N ALA A 504 19.28 3.40 0.56
CA ALA A 504 19.63 2.12 1.15
C ALA A 504 18.91 1.83 2.46
N GLY A 505 17.98 2.70 2.88
CA GLY A 505 17.28 2.51 4.14
C GLY A 505 18.07 2.97 5.35
N PHE A 506 17.55 2.64 6.53
CA PHE A 506 18.13 3.08 7.80
C PHE A 506 19.01 1.99 8.40
N PRO A 507 20.18 2.33 8.96
CA PRO A 507 20.82 3.66 9.03
C PRO A 507 21.73 3.93 7.84
N PHE A 508 21.76 3.03 6.86
CA PHE A 508 22.75 3.09 5.78
C PHE A 508 22.64 4.38 4.97
N ASN A 509 21.45 4.99 4.92
CA ASN A 509 21.29 6.22 4.17
C ASN A 509 22.15 7.36 4.72
N LYS A 510 22.60 7.24 5.98
CA LYS A 510 23.48 8.24 6.55
C LYS A 510 24.78 8.38 5.76
N TRP A 511 25.22 7.30 5.08
CA TRP A 511 26.54 7.27 4.48
C TRP A 511 26.53 7.23 2.95
N GLY A 512 25.44 6.84 2.32
CA GLY A 512 25.38 6.90 0.88
C GLY A 512 24.19 6.13 0.33
N LYS A 513 24.07 6.17 -1.00
CA LYS A 513 23.04 5.43 -1.71
C LYS A 513 23.44 3.96 -1.86
N ALA A 514 22.56 3.18 -2.48
CA ALA A 514 22.80 1.76 -2.69
C ALA A 514 24.03 1.49 -3.55
N ARG A 515 24.36 2.42 -4.45
CA ARG A 515 25.55 2.25 -5.29
C ARG A 515 26.80 2.06 -4.46
N LEU A 516 26.89 2.75 -3.32
CA LEU A 516 28.08 2.64 -2.47
C LEU A 516 28.24 1.22 -1.92
N TYR A 517 27.13 0.62 -1.48
CA TYR A 517 27.22 -0.73 -0.90
C TYR A 517 27.38 -1.79 -1.99
N TYR A 518 26.80 -1.57 -3.17
CA TYR A 518 27.02 -2.50 -4.26
C TYR A 518 28.46 -2.42 -4.79
N ASP A 519 29.08 -1.25 -4.71
CA ASP A 519 30.48 -1.13 -5.10
C ASP A 519 31.42 -1.72 -4.06
N SER A 520 31.12 -1.51 -2.77
CA SER A 520 32.06 -1.88 -1.71
C SER A 520 32.19 -3.40 -1.58
N MET A 521 31.11 -4.14 -1.81
CA MET A 521 31.08 -5.58 -1.58
C MET A 521 31.38 -6.32 -2.87
N SER A 522 32.40 -7.19 -2.83
CA SER A 522 32.64 -8.09 -3.94
C SER A 522 31.58 -9.19 -3.96
N TYR A 523 31.53 -9.91 -5.08
CA TYR A 523 30.55 -10.98 -5.24
C TYR A 523 30.67 -12.04 -4.14
N GLU A 524 31.88 -12.29 -3.66
CA GLU A 524 32.06 -13.28 -2.61
C GLU A 524 31.37 -12.85 -1.32
N ASP A 525 31.44 -11.56 -0.97
CA ASP A 525 30.79 -11.10 0.24
C ASP A 525 29.27 -11.19 0.13
N GLN A 526 28.72 -10.83 -1.02
CA GLN A 526 27.27 -10.92 -1.22
C GLN A 526 26.79 -12.36 -1.16
N ASP A 527 27.54 -13.28 -1.79
CA ASP A 527 27.15 -14.68 -1.71
C ASP A 527 27.30 -15.23 -0.30
N ALA A 528 28.32 -14.79 0.44
CA ALA A 528 28.47 -15.22 1.82
C ALA A 528 27.31 -14.72 2.68
N LEU A 529 26.89 -13.47 2.48
CA LEU A 529 25.75 -12.95 3.23
C LEU A 529 24.47 -13.71 2.87
N PHE A 530 24.25 -13.99 1.58
CA PHE A 530 23.06 -14.73 1.18
C PHE A 530 23.05 -16.13 1.76
N ALA A 531 24.20 -16.80 1.76
CA ALA A 531 24.30 -18.10 2.41
C ALA A 531 24.09 -17.98 3.92
N TYR A 532 24.49 -16.84 4.51
CA TYR A 532 24.27 -16.63 5.93
C TYR A 532 22.79 -16.55 6.27
N THR A 533 22.00 -15.87 5.43
CA THR A 533 20.57 -15.73 5.71
C THR A 533 19.85 -17.08 5.70
N LYS A 534 20.37 -18.05 4.95
CA LYS A 534 19.76 -19.37 4.91
C LYS A 534 19.90 -20.14 6.22
N ARG A 535 20.67 -19.64 7.20
CA ARG A 535 20.83 -20.29 8.47
C ARG A 535 20.48 -19.42 9.68
N ASN A 536 20.28 -18.11 9.49
CA ASN A 536 20.08 -17.20 10.61
C ASN A 536 19.06 -16.13 10.25
N VAL A 537 18.32 -15.66 11.25
CA VAL A 537 17.33 -14.61 11.06
C VAL A 537 17.98 -13.24 11.28
N ILE A 538 17.76 -12.32 10.35
CA ILE A 538 18.31 -10.97 10.43
C ILE A 538 17.14 -9.99 10.49
N PRO A 539 16.80 -9.45 11.68
CA PRO A 539 15.84 -8.35 11.73
C PRO A 539 16.41 -7.08 11.12
N THR A 540 15.53 -6.26 10.55
CA THR A 540 15.92 -5.01 9.91
C THR A 540 14.90 -3.92 10.21
N ILE A 541 15.33 -2.67 10.00
CA ILE A 541 14.50 -1.49 10.24
C ILE A 541 13.99 -0.95 8.90
N THR A 542 12.73 -0.55 8.87
CA THR A 542 12.09 0.03 7.69
C THR A 542 11.74 1.49 7.95
N GLN A 543 11.97 2.36 6.97
CA GLN A 543 11.72 3.78 7.13
C GLN A 543 10.48 4.19 6.35
N MET A 544 9.71 5.14 6.89
CA MET A 544 8.52 5.65 6.24
C MET A 544 8.80 7.01 5.61
N ASN A 545 8.37 7.17 4.35
CA ASN A 545 8.54 8.42 3.63
C ASN A 545 7.19 8.91 3.12
N LEU A 546 7.06 10.23 3.01
CA LEU A 546 5.86 10.86 2.45
C LEU A 546 6.11 11.16 0.98
N LYS A 547 5.17 10.78 0.13
CA LYS A 547 5.35 10.90 -1.31
C LYS A 547 4.74 12.21 -1.80
N TYR A 548 5.52 12.94 -2.59
CA TYR A 548 5.13 14.25 -3.13
C TYR A 548 4.69 14.05 -4.57
N ALA A 549 3.39 13.87 -4.79
CA ALA A 549 2.90 13.50 -6.12
C ALA A 549 1.47 13.99 -6.31
N ILE A 550 1.07 14.08 -7.57
CA ILE A 550 -0.27 14.54 -7.92
C ILE A 550 -1.28 13.44 -7.65
N SER A 551 -2.46 13.84 -7.15
CA SER A 551 -3.48 12.87 -6.79
C SER A 551 -4.85 13.52 -6.90
N ALA A 552 -5.88 12.67 -6.97
CA ALA A 552 -7.26 13.13 -7.00
C ALA A 552 -7.88 13.25 -5.61
N LYS A 553 -7.24 12.67 -4.59
CA LYS A 553 -7.77 12.66 -3.23
C LYS A 553 -6.74 13.24 -2.29
N ASN A 554 -7.21 13.96 -1.27
CA ASN A 554 -6.35 14.79 -0.44
C ASN A 554 -5.67 14.04 0.69
N ARG A 555 -6.01 12.78 0.92
CA ARG A 555 -5.33 12.02 1.98
C ARG A 555 -3.88 11.76 1.61
N ALA A 556 -3.02 11.78 2.63
CA ALA A 556 -1.59 11.58 2.42
C ALA A 556 -1.30 10.13 2.00
N ARG A 557 -0.16 9.94 1.35
CA ARG A 557 0.32 8.62 0.94
C ARG A 557 1.77 8.44 1.36
N THR A 558 2.05 7.41 2.15
CA THR A 558 3.40 7.08 2.57
C THR A 558 3.87 5.79 1.91
N VAL A 559 5.18 5.66 1.77
CA VAL A 559 5.82 4.49 1.20
C VAL A 559 6.98 4.06 2.10
N ALA A 560 7.22 2.75 2.14
CA ALA A 560 8.19 2.16 3.06
C ALA A 560 9.47 1.79 2.32
N GLY A 561 10.61 2.28 2.82
CA GLY A 561 11.91 1.91 2.30
C GLY A 561 12.55 0.87 3.19
N VAL A 562 13.06 -0.19 2.57
CA VAL A 562 13.60 -1.36 3.26
C VAL A 562 15.12 -1.34 3.20
N SER A 563 15.75 -1.78 4.29
CA SER A 563 17.21 -1.77 4.40
C SER A 563 17.87 -2.55 3.27
N ILE A 564 19.17 -2.31 3.10
CA ILE A 564 19.89 -2.82 1.94
C ILE A 564 20.07 -4.33 2.02
N CYS A 565 20.30 -4.87 3.21
CA CYS A 565 20.56 -6.30 3.33
C CYS A 565 19.36 -7.12 2.88
N SER A 566 18.17 -6.74 3.36
CA SER A 566 16.95 -7.42 2.96
C SER A 566 16.72 -7.31 1.47
N THR A 567 16.94 -6.12 0.91
CA THR A 567 16.75 -5.92 -0.52
C THR A 567 17.69 -6.80 -1.33
N MET A 568 18.97 -6.86 -0.95
CA MET A 568 19.92 -7.67 -1.70
C MET A 568 19.55 -9.15 -1.64
N THR A 569 19.31 -9.67 -0.44
CA THR A 569 19.04 -11.09 -0.33
C THR A 569 17.70 -11.46 -0.97
N ASN A 570 16.67 -10.61 -0.83
CA ASN A 570 15.39 -10.88 -1.46
C ASN A 570 15.49 -10.82 -2.98
N ARG A 571 16.24 -9.85 -3.52
CA ARG A 571 16.48 -9.84 -4.96
C ARG A 571 17.13 -11.13 -5.42
N GLN A 572 18.23 -11.52 -4.74
CA GLN A 572 18.95 -12.72 -5.16
C GLN A 572 18.07 -13.96 -5.09
N PHE A 573 17.16 -14.00 -4.10
CA PHE A 573 16.28 -15.16 -3.96
C PHE A 573 15.19 -15.18 -5.03
N HIS A 574 14.50 -14.06 -5.24
CA HIS A 574 13.25 -14.08 -6.01
C HIS A 574 13.40 -13.69 -7.47
N GLN A 575 14.51 -13.04 -7.85
CA GLN A 575 14.56 -12.36 -9.13
C GLN A 575 14.40 -13.31 -10.32
N LYS A 576 14.93 -14.52 -10.23
CA LYS A 576 14.84 -15.43 -11.37
C LYS A 576 13.39 -15.79 -11.68
N LEU A 577 12.59 -16.02 -10.64
CA LEU A 577 11.16 -16.26 -10.85
C LEU A 577 10.44 -14.99 -11.30
N LEU A 578 10.79 -13.84 -10.71
CA LEU A 578 10.08 -12.61 -11.06
C LEU A 578 10.32 -12.22 -12.52
N LYS A 579 11.55 -12.39 -13.02
CA LYS A 579 11.84 -12.10 -14.42
C LYS A 579 11.10 -13.05 -15.35
N SER A 580 10.97 -14.32 -14.97
CA SER A 580 10.19 -15.26 -15.78
C SER A 580 8.72 -14.91 -15.78
N ILE A 581 8.19 -14.41 -14.66
CA ILE A 581 6.81 -13.93 -14.63
C ILE A 581 6.64 -12.76 -15.60
N ALA A 582 7.60 -11.83 -15.59
CA ALA A 582 7.53 -10.68 -16.47
C ALA A 582 7.68 -11.07 -17.94
N ALA A 583 8.44 -12.13 -18.24
CA ALA A 583 8.71 -12.48 -19.63
C ALA A 583 7.51 -13.12 -20.31
N THR A 584 6.67 -13.85 -19.57
CA THR A 584 5.62 -14.64 -20.19
C THR A 584 4.51 -13.76 -20.76
N ARG A 585 3.88 -14.25 -21.84
CA ARG A 585 2.77 -13.58 -22.50
C ARG A 585 1.57 -14.51 -22.54
N GLY A 586 0.38 -13.94 -22.41
CA GLY A 586 -0.84 -14.71 -22.46
C GLY A 586 -1.25 -15.40 -21.17
N ALA A 587 -0.54 -15.15 -20.07
CA ALA A 587 -0.87 -15.79 -18.80
C ALA A 587 -2.00 -15.03 -18.10
N THR A 588 -2.41 -15.54 -16.94
CA THR A 588 -3.40 -14.83 -16.12
C THR A 588 -2.79 -13.58 -15.50
N VAL A 589 -1.60 -13.70 -14.92
CA VAL A 589 -0.91 -12.55 -14.36
C VAL A 589 -0.28 -11.77 -15.51
N VAL A 590 -0.71 -10.53 -15.68
CA VAL A 590 -0.42 -9.76 -16.88
C VAL A 590 0.67 -8.72 -16.63
N ILE A 591 1.44 -8.86 -15.54
CA ILE A 591 2.55 -7.97 -15.28
C ILE A 591 3.56 -8.04 -16.43
N GLY A 592 4.06 -6.87 -16.84
CA GLY A 592 5.09 -6.80 -17.85
C GLY A 592 4.62 -6.69 -19.28
N THR A 593 3.31 -6.56 -19.51
CA THR A 593 2.77 -6.43 -20.86
C THR A 593 2.43 -4.97 -21.14
N SER A 594 2.96 -4.44 -22.24
CA SER A 594 2.75 -3.04 -22.59
C SER A 594 1.41 -2.85 -23.28
N LYS A 595 0.89 -1.63 -23.17
CA LYS A 595 -0.36 -1.26 -23.83
C LYS A 595 -0.15 -0.73 -25.25
N PHE A 596 1.06 -0.32 -25.59
CA PHE A 596 1.34 0.20 -26.93
C PHE A 596 1.52 -0.94 -27.92
N TYR A 597 1.57 -0.58 -29.20
CA TYR A 597 1.86 -1.52 -30.29
C TYR A 597 0.92 -2.72 -30.28
N GLY A 598 -0.34 -2.47 -29.93
CA GLY A 598 -1.36 -3.50 -30.00
C GLY A 598 -1.48 -4.41 -28.80
N GLY A 599 -0.78 -4.12 -27.71
CA GLY A 599 -0.81 -5.02 -26.56
C GLY A 599 -2.17 -5.06 -25.88
N TRP A 600 -2.86 -3.92 -25.82
CA TRP A 600 -4.14 -3.87 -25.12
C TRP A 600 -5.18 -4.74 -25.81
N HIS A 601 -5.23 -4.71 -27.13
CA HIS A 601 -6.14 -5.56 -27.88
C HIS A 601 -5.83 -7.03 -27.64
N ASN A 602 -4.55 -7.38 -27.59
CA ASN A 602 -4.17 -8.77 -27.35
C ASN A 602 -4.60 -9.22 -25.96
N MET A 603 -4.41 -8.37 -24.94
CA MET A 603 -4.83 -8.73 -23.60
C MET A 603 -6.34 -8.94 -23.52
N LEU A 604 -7.10 -8.01 -24.12
CA LEU A 604 -8.56 -8.12 -24.07
C LEU A 604 -9.04 -9.35 -24.84
N LYS A 605 -8.44 -9.64 -26.00
CA LYS A 605 -8.80 -10.86 -26.73
C LYS A 605 -8.43 -12.11 -25.94
N THR A 606 -7.34 -12.07 -25.18
CA THR A 606 -6.95 -13.21 -24.37
C THR A 606 -7.95 -13.47 -23.26
N VAL A 607 -8.41 -12.42 -22.58
CA VAL A 607 -9.33 -12.63 -21.46
C VAL A 607 -10.69 -13.11 -21.94
N TYR A 608 -11.08 -12.77 -23.18
CA TYR A 608 -12.39 -13.15 -23.70
C TYR A 608 -12.49 -14.62 -24.11
N SER A 609 -11.42 -15.39 -23.98
CA SER A 609 -11.30 -16.65 -24.71
C SER A 609 -12.32 -17.69 -24.26
N ASP A 610 -13.18 -18.11 -25.20
CA ASP A 610 -13.97 -19.33 -25.13
C ASP A 610 -15.01 -19.35 -24.03
N VAL A 611 -15.28 -18.21 -23.38
CA VAL A 611 -16.41 -18.16 -22.45
C VAL A 611 -17.72 -18.11 -23.22
N GLU A 612 -18.78 -18.57 -22.58
CA GLU A 612 -20.10 -18.62 -23.19
C GLU A 612 -21.08 -17.81 -22.34
N ASN A 613 -22.00 -17.12 -23.02
CA ASN A 613 -22.93 -16.20 -22.36
C ASN A 613 -22.17 -15.23 -21.44
N PRO A 614 -21.26 -14.42 -22.00
CA PRO A 614 -20.27 -13.75 -21.14
C PRO A 614 -20.68 -12.37 -20.62
N HIS A 615 -20.23 -12.07 -19.40
CA HIS A 615 -20.31 -10.73 -18.83
C HIS A 615 -18.94 -10.38 -18.27
N LEU A 616 -18.69 -9.09 -18.10
CA LEU A 616 -17.46 -8.61 -17.49
C LEU A 616 -17.76 -8.02 -16.12
N MET A 617 -16.82 -8.18 -15.18
CA MET A 617 -16.96 -7.50 -13.89
C MET A 617 -15.60 -7.25 -13.25
N GLY A 618 -15.56 -6.24 -12.39
CA GLY A 618 -14.36 -5.90 -11.65
C GLY A 618 -14.71 -5.30 -10.31
N TRP A 619 -13.78 -5.44 -9.37
CA TRP A 619 -13.98 -5.05 -7.98
C TRP A 619 -12.73 -4.38 -7.44
N ASP A 620 -12.83 -3.86 -6.22
CA ASP A 620 -11.75 -3.15 -5.56
C ASP A 620 -11.64 -3.60 -4.11
N TYR A 621 -10.41 -3.84 -3.65
CA TYR A 621 -10.15 -4.14 -2.24
C TYR A 621 -9.95 -2.84 -1.46
N PRO A 622 -10.79 -2.53 -0.48
CA PRO A 622 -10.56 -1.34 0.34
C PRO A 622 -9.44 -1.57 1.35
N LYS A 623 -8.64 -0.52 1.59
CA LYS A 623 -7.56 -0.56 2.57
C LYS A 623 -6.64 -1.76 2.34
N CYS A 624 -6.30 -2.03 1.08
CA CYS A 624 -5.77 -3.33 0.69
C CYS A 624 -4.49 -3.67 1.45
N ASP A 625 -3.50 -2.78 1.43
CA ASP A 625 -2.19 -3.12 1.99
C ASP A 625 -2.21 -3.11 3.50
N ARG A 626 -3.03 -2.28 4.13
CA ARG A 626 -3.10 -2.24 5.59
C ARG A 626 -3.87 -3.44 6.14
N ALA A 627 -4.97 -3.80 5.48
CA ALA A 627 -5.92 -4.79 6.03
C ALA A 627 -5.47 -6.23 5.83
N MET A 628 -4.56 -6.50 4.90
CA MET A 628 -4.26 -7.86 4.47
C MET A 628 -3.89 -8.77 5.65
N PRO A 629 -4.57 -9.90 5.82
CA PRO A 629 -4.23 -10.82 6.93
C PRO A 629 -2.85 -11.42 6.74
N ASN A 630 -2.20 -11.74 7.86
CA ASN A 630 -0.85 -12.30 7.82
C ASN A 630 -0.84 -13.68 7.14
N MET A 631 -1.89 -14.47 7.35
CA MET A 631 -1.89 -15.83 6.82
C MET A 631 -1.80 -15.84 5.30
N LEU A 632 -2.50 -14.93 4.62
CA LEU A 632 -2.43 -14.91 3.16
C LEU A 632 -1.08 -14.43 2.65
N ARG A 633 -0.42 -13.53 3.38
CA ARG A 633 0.93 -13.14 3.03
C ARG A 633 1.91 -14.31 3.19
N ILE A 634 1.75 -15.08 4.26
CA ILE A 634 2.55 -16.29 4.44
C ILE A 634 2.30 -17.26 3.29
N MET A 635 1.02 -17.43 2.91
CA MET A 635 0.67 -18.34 1.83
C MET A 635 1.31 -17.89 0.51
N ALA A 636 1.26 -16.59 0.22
CA ALA A 636 1.89 -16.07 -1.00
C ALA A 636 3.39 -16.33 -0.98
N SER A 637 4.03 -16.10 0.16
CA SER A 637 5.47 -16.36 0.26
C SER A 637 5.78 -17.84 0.04
N LEU A 638 4.97 -18.73 0.61
CA LEU A 638 5.19 -20.16 0.42
C LEU A 638 4.93 -20.57 -1.04
N VAL A 639 3.92 -19.99 -1.67
CA VAL A 639 3.65 -20.29 -3.08
C VAL A 639 4.84 -19.89 -3.94
N LEU A 640 5.41 -18.72 -3.66
CA LEU A 640 6.62 -18.31 -4.37
C LEU A 640 7.80 -19.21 -4.05
N ALA A 641 7.91 -19.67 -2.80
CA ALA A 641 9.02 -20.55 -2.42
C ALA A 641 8.91 -21.92 -3.08
N ARG A 642 7.70 -22.32 -3.49
CA ARG A 642 7.51 -23.66 -4.04
C ARG A 642 8.41 -23.93 -5.25
N LYS A 643 8.70 -22.92 -6.05
CA LYS A 643 9.59 -23.10 -7.19
C LYS A 643 11.00 -23.52 -6.77
N HIS A 644 11.42 -23.14 -5.55
CA HIS A 644 12.78 -23.39 -5.09
C HIS A 644 13.04 -24.85 -4.72
N THR A 645 12.03 -25.72 -4.74
CA THR A 645 12.18 -27.08 -4.20
C THR A 645 13.35 -27.83 -4.82
N THR A 646 13.69 -27.53 -6.08
CA THR A 646 14.80 -28.23 -6.74
C THR A 646 16.14 -27.97 -6.06
N CYS A 647 16.35 -26.76 -5.53
CA CYS A 647 17.69 -26.33 -5.11
C CYS A 647 17.85 -26.11 -3.61
N CYS A 648 16.77 -25.96 -2.85
CA CYS A 648 16.85 -25.65 -1.43
C CYS A 648 16.24 -26.78 -0.60
N SER A 649 16.94 -27.18 0.45
CA SER A 649 16.38 -28.09 1.43
C SER A 649 15.34 -27.38 2.29
N LEU A 650 14.61 -28.17 3.08
CA LEU A 650 13.50 -27.63 3.85
C LEU A 650 13.96 -26.60 4.89
N SER A 651 15.08 -26.88 5.56
CA SER A 651 15.55 -25.96 6.61
C SER A 651 15.94 -24.61 6.03
N HIS A 652 16.61 -24.60 4.88
CA HIS A 652 16.97 -23.34 4.25
C HIS A 652 15.74 -22.54 3.88
N ARG A 653 14.70 -23.21 3.37
CA ARG A 653 13.49 -22.50 2.99
C ARG A 653 12.72 -21.98 4.19
N PHE A 654 12.70 -22.73 5.30
CA PHE A 654 12.07 -22.23 6.51
C PHE A 654 12.80 -20.99 7.03
N TYR A 655 14.13 -21.02 7.02
CA TYR A 655 14.87 -19.85 7.50
C TYR A 655 14.70 -18.67 6.56
N ARG A 656 14.57 -18.91 5.25
CA ARG A 656 14.26 -17.83 4.33
C ARG A 656 12.89 -17.23 4.62
N LEU A 657 11.89 -18.08 4.91
CA LEU A 657 10.58 -17.60 5.28
C LEU A 657 10.63 -16.79 6.57
N ALA A 658 11.41 -17.26 7.56
CA ALA A 658 11.56 -16.52 8.81
C ALA A 658 12.21 -15.17 8.58
N ASN A 659 13.21 -15.11 7.69
CA ASN A 659 13.81 -13.83 7.34
C ASN A 659 12.80 -12.90 6.70
N GLU A 660 11.99 -13.41 5.77
CA GLU A 660 10.98 -12.58 5.13
C GLU A 660 9.96 -12.07 6.13
N CYS A 661 9.58 -12.91 7.10
CA CYS A 661 8.65 -12.48 8.13
C CYS A 661 9.26 -11.42 9.03
N ALA A 662 10.53 -11.60 9.42
CA ALA A 662 11.17 -10.66 10.33
C ALA A 662 11.43 -9.32 9.66
N GLN A 663 11.70 -9.31 8.35
CA GLN A 663 12.04 -8.07 7.67
C GLN A 663 10.83 -7.35 7.08
N VAL A 664 9.94 -8.09 6.40
CA VAL A 664 8.83 -7.47 5.70
C VAL A 664 7.57 -7.41 6.56
N LEU A 665 7.22 -8.53 7.21
CA LEU A 665 5.86 -8.69 7.72
C LEU A 665 5.61 -7.87 8.99
N SER A 666 6.46 -8.07 10.01
CA SER A 666 6.21 -7.48 11.33
C SER A 666 7.47 -6.84 11.88
N GLU A 667 8.18 -6.09 11.03
CA GLU A 667 9.47 -5.53 11.39
C GLU A 667 9.29 -4.30 12.26
N MET A 668 10.41 -3.62 12.55
CA MET A 668 10.42 -2.39 13.32
C MET A 668 10.43 -1.22 12.34
N VAL A 669 9.46 -0.33 12.48
CA VAL A 669 9.25 0.78 11.56
C VAL A 669 9.75 2.07 12.21
N MET A 670 10.59 2.81 11.49
CA MET A 670 11.15 4.07 11.97
C MET A 670 10.37 5.22 11.36
N CYS A 671 9.78 6.05 12.22
CA CYS A 671 8.92 7.17 11.81
C CYS A 671 9.23 8.35 12.72
N GLY A 672 9.64 9.46 12.11
CA GLY A 672 9.88 10.69 12.85
C GLY A 672 10.94 10.56 13.91
N GLY A 673 11.86 9.61 13.76
CA GLY A 673 12.89 9.40 14.75
C GLY A 673 12.53 8.43 15.86
N SER A 674 11.40 7.73 15.74
CA SER A 674 10.95 6.81 16.76
C SER A 674 10.68 5.45 16.14
N LEU A 675 10.85 4.40 16.95
CA LEU A 675 10.65 3.03 16.50
C LEU A 675 9.31 2.51 16.99
N TYR A 676 8.51 1.98 16.08
CA TYR A 676 7.23 1.36 16.38
C TYR A 676 7.24 -0.05 15.80
N VAL A 677 6.29 -0.87 16.23
CA VAL A 677 6.18 -2.24 15.72
C VAL A 677 5.02 -2.30 14.74
N LYS A 678 5.30 -2.79 13.54
CA LYS A 678 4.27 -2.93 12.53
C LYS A 678 3.40 -4.15 12.83
N PRO A 679 2.08 -3.98 12.96
CA PRO A 679 1.24 -5.14 13.32
C PRO A 679 1.15 -6.19 12.23
N GLY A 680 1.31 -5.81 10.97
CA GLY A 680 1.30 -6.78 9.90
C GLY A 680 1.02 -6.11 8.57
N GLY A 681 0.57 -6.91 7.61
CA GLY A 681 0.21 -6.41 6.30
C GLY A 681 1.39 -6.24 5.36
N THR A 682 1.05 -5.86 4.12
CA THR A 682 2.02 -5.68 3.06
C THR A 682 2.86 -4.41 3.29
N SER A 683 4.10 -4.46 2.81
CA SER A 683 5.00 -3.31 2.82
C SER A 683 5.31 -2.93 1.38
N SER A 684 5.68 -1.66 1.19
CA SER A 684 5.82 -1.10 -0.15
C SER A 684 7.11 -1.51 -0.86
N GLY A 685 8.14 -1.91 -0.12
CA GLY A 685 9.44 -2.14 -0.71
C GLY A 685 9.95 -3.56 -0.63
N ASP A 686 9.03 -4.54 -0.66
CA ASP A 686 9.41 -5.93 -0.42
C ASP A 686 10.40 -6.48 -1.43
N ALA A 687 10.53 -5.83 -2.60
CA ALA A 687 11.15 -6.35 -3.81
C ALA A 687 10.33 -7.47 -4.43
N THR A 688 9.16 -7.79 -3.87
CA THR A 688 8.27 -8.80 -4.43
C THR A 688 6.81 -8.36 -4.37
N THR A 689 6.53 -7.09 -4.05
CA THR A 689 5.21 -6.71 -3.54
C THR A 689 4.10 -6.98 -4.55
N ALA A 690 4.31 -6.63 -5.81
CA ALA A 690 3.23 -6.74 -6.79
C ALA A 690 2.88 -8.19 -7.06
N TYR A 691 3.87 -9.07 -7.12
CA TYR A 691 3.61 -10.47 -7.42
C TYR A 691 2.91 -11.16 -6.25
N ALA A 692 3.31 -10.84 -5.02
CA ALA A 692 2.59 -11.36 -3.86
C ALA A 692 1.15 -10.86 -3.82
N ASN A 693 0.96 -9.58 -4.18
CA ASN A 693 -0.41 -9.06 -4.26
C ASN A 693 -1.23 -9.83 -5.30
N SER A 694 -0.62 -10.16 -6.44
CA SER A 694 -1.31 -10.94 -7.45
C SER A 694 -1.68 -12.33 -6.93
N VAL A 695 -0.77 -12.97 -6.19
CA VAL A 695 -1.08 -14.27 -5.60
C VAL A 695 -2.27 -14.17 -4.65
N PHE A 696 -2.27 -13.15 -3.80
CA PHE A 696 -3.37 -12.93 -2.87
C PHE A 696 -4.68 -12.69 -3.60
N ASN A 697 -4.63 -11.93 -4.70
CA ASN A 697 -5.83 -11.66 -5.49
C ASN A 697 -6.42 -12.95 -6.07
N ILE A 698 -5.55 -13.80 -6.64
CA ILE A 698 -6.03 -15.05 -7.22
C ILE A 698 -6.62 -15.95 -6.14
N CYS A 699 -5.97 -16.00 -4.97
CA CYS A 699 -6.50 -16.80 -3.87
C CYS A 699 -7.89 -16.34 -3.45
N GLN A 700 -8.09 -15.01 -3.38
CA GLN A 700 -9.41 -14.50 -2.99
C GLN A 700 -10.47 -14.89 -4.01
N ALA A 701 -10.15 -14.78 -5.30
CA ALA A 701 -11.12 -15.14 -6.33
C ALA A 701 -11.48 -16.63 -6.26
N VAL A 702 -10.49 -17.49 -6.07
CA VAL A 702 -10.76 -18.92 -5.99
C VAL A 702 -11.61 -19.25 -4.76
N THR A 703 -11.33 -18.60 -3.63
CA THR A 703 -12.15 -18.83 -2.44
C THR A 703 -13.60 -18.41 -2.68
N ALA A 704 -13.80 -17.29 -3.38
CA ALA A 704 -15.16 -16.86 -3.69
C ALA A 704 -15.88 -17.90 -4.54
N ASN A 705 -15.18 -18.46 -5.53
CA ASN A 705 -15.79 -19.49 -6.37
C ASN A 705 -16.15 -20.73 -5.56
N VAL A 706 -15.26 -21.13 -4.65
CA VAL A 706 -15.53 -22.32 -3.83
C VAL A 706 -16.75 -22.10 -2.95
N ASN A 707 -16.86 -20.93 -2.32
CA ASN A 707 -18.03 -20.65 -1.49
C ASN A 707 -19.30 -20.64 -2.33
N ALA A 708 -19.26 -20.02 -3.51
CA ALA A 708 -20.44 -19.94 -4.35
C ALA A 708 -20.92 -21.33 -4.76
N LEU A 709 -20.00 -22.22 -5.12
CA LEU A 709 -20.41 -23.55 -5.52
C LEU A 709 -20.93 -24.36 -4.34
N LEU A 710 -20.29 -24.26 -3.17
CA LEU A 710 -20.71 -25.09 -2.04
C LEU A 710 -22.05 -24.64 -1.46
N SER A 711 -22.34 -23.33 -1.50
CA SER A 711 -23.56 -22.85 -0.85
C SER A 711 -24.83 -23.25 -1.60
N THR A 712 -24.74 -23.51 -2.89
CA THR A 712 -25.93 -23.79 -3.69
C THR A 712 -26.62 -25.08 -3.25
N ASP A 713 -27.95 -25.05 -3.21
CA ASP A 713 -28.75 -26.24 -2.89
C ASP A 713 -28.53 -27.28 -3.98
N GLY A 714 -27.94 -28.41 -3.61
CA GLY A 714 -27.59 -29.44 -4.58
C GLY A 714 -28.76 -30.19 -5.19
N ASN A 715 -29.97 -30.03 -4.65
CA ASN A 715 -31.13 -30.69 -5.22
C ASN A 715 -31.62 -30.00 -6.48
N LYS A 716 -31.38 -28.70 -6.61
CA LYS A 716 -31.94 -27.91 -7.69
C LYS A 716 -31.03 -27.81 -8.91
N ILE A 717 -29.76 -28.19 -8.79
CA ILE A 717 -28.85 -28.13 -9.92
C ILE A 717 -29.28 -29.16 -10.96
N ALA A 718 -29.49 -28.71 -12.20
CA ALA A 718 -30.01 -29.59 -13.24
C ALA A 718 -28.90 -30.42 -13.88
N ASP A 719 -27.72 -29.84 -14.09
CA ASP A 719 -26.63 -30.55 -14.76
C ASP A 719 -26.03 -31.56 -13.80
N LYS A 720 -26.06 -32.84 -14.18
CA LYS A 720 -25.51 -33.89 -13.33
C LYS A 720 -24.01 -33.71 -13.13
N TYR A 721 -23.30 -33.19 -14.13
CA TYR A 721 -21.86 -32.98 -14.03
C TYR A 721 -21.52 -32.01 -12.90
N VAL A 722 -22.28 -30.91 -12.81
CA VAL A 722 -22.01 -29.93 -11.77
C VAL A 722 -22.37 -30.48 -10.39
N ARG A 723 -23.42 -31.30 -10.29
CA ARG A 723 -23.74 -31.94 -9.01
C ARG A 723 -22.62 -32.85 -8.56
N ASN A 724 -22.09 -33.66 -9.48
CA ASN A 724 -20.96 -34.52 -9.16
C ASN A 724 -19.75 -33.69 -8.74
N LEU A 725 -19.50 -32.57 -9.46
CA LEU A 725 -18.36 -31.73 -9.13
C LEU A 725 -18.50 -31.13 -7.73
N GLN A 726 -19.72 -30.71 -7.36
CA GLN A 726 -19.94 -30.18 -6.01
C GLN A 726 -19.73 -31.26 -4.95
N HIS A 727 -20.23 -32.47 -5.21
CA HIS A 727 -20.04 -33.57 -4.26
C HIS A 727 -18.55 -33.85 -4.07
N ARG A 728 -17.80 -33.95 -5.17
CA ARG A 728 -16.36 -34.20 -5.07
C ARG A 728 -15.62 -33.02 -4.44
N LEU A 729 -16.11 -31.80 -4.64
CA LEU A 729 -15.49 -30.65 -3.99
C LEU A 729 -15.62 -30.72 -2.47
N TYR A 730 -16.82 -31.03 -1.99
CA TYR A 730 -16.99 -31.18 -0.54
C TYR A 730 -16.13 -32.31 -0.01
N GLU A 731 -16.08 -33.44 -0.74
CA GLU A 731 -15.25 -34.55 -0.32
C GLU A 731 -13.78 -34.17 -0.26
N CYS A 732 -13.30 -33.45 -1.27
CA CYS A 732 -11.90 -33.06 -1.33
C CYS A 732 -11.55 -32.08 -0.21
N LEU A 733 -12.49 -31.19 0.14
CA LEU A 733 -12.19 -30.22 1.18
C LEU A 733 -12.22 -30.87 2.57
N TYR A 734 -13.39 -31.37 2.99
CA TYR A 734 -13.57 -31.67 4.41
C TYR A 734 -13.37 -33.13 4.76
N ARG A 735 -13.51 -34.06 3.81
CA ARG A 735 -13.48 -35.48 4.15
C ARG A 735 -12.33 -36.22 3.48
N ASN A 736 -11.27 -35.52 3.10
CA ASN A 736 -10.08 -36.17 2.56
C ASN A 736 -8.85 -35.47 3.12
N ARG A 737 -7.75 -36.22 3.21
CA ARG A 737 -6.55 -35.76 3.88
C ARG A 737 -5.43 -35.37 2.93
N ASP A 738 -5.04 -36.26 2.03
CA ASP A 738 -3.98 -35.97 1.07
C ASP A 738 -4.56 -35.39 -0.22
N VAL A 739 -3.71 -34.67 -0.96
CA VAL A 739 -4.16 -33.88 -2.08
C VAL A 739 -4.54 -34.80 -3.25
N ASP A 740 -5.73 -34.55 -3.81
CA ASP A 740 -6.21 -35.26 -4.99
C ASP A 740 -5.86 -34.43 -6.22
N THR A 741 -4.75 -34.77 -6.86
CA THR A 741 -4.27 -33.97 -7.98
C THR A 741 -5.24 -33.97 -9.16
N ASP A 742 -5.91 -35.10 -9.42
CA ASP A 742 -6.80 -35.18 -10.56
C ASP A 742 -7.98 -34.21 -10.41
N PHE A 743 -8.57 -34.16 -9.22
CA PHE A 743 -9.68 -33.24 -9.01
C PHE A 743 -9.19 -31.79 -9.00
N VAL A 744 -7.96 -31.55 -8.56
CA VAL A 744 -7.42 -30.20 -8.64
C VAL A 744 -7.32 -29.75 -10.09
N ASN A 745 -6.86 -30.63 -10.97
CA ASN A 745 -6.81 -30.31 -12.40
C ASN A 745 -8.22 -30.10 -12.96
N GLU A 746 -9.17 -30.94 -12.54
CA GLU A 746 -10.55 -30.84 -13.03
C GLU A 746 -11.19 -29.52 -12.61
N PHE A 747 -10.99 -29.12 -11.36
CA PHE A 747 -11.55 -27.85 -10.90
C PHE A 747 -10.85 -26.66 -11.56
N TYR A 748 -9.54 -26.78 -11.78
CA TYR A 748 -8.81 -25.73 -12.50
C TYR A 748 -9.34 -25.57 -13.92
N ALA A 749 -9.63 -26.69 -14.60
CA ALA A 749 -10.20 -26.61 -15.94
C ALA A 749 -11.60 -26.01 -15.92
N TYR A 750 -12.40 -26.38 -14.92
CA TYR A 750 -13.74 -25.80 -14.80
C TYR A 750 -13.66 -24.28 -14.61
N LEU A 751 -12.77 -23.83 -13.72
CA LEU A 751 -12.61 -22.40 -13.49
C LEU A 751 -12.14 -21.69 -14.75
N ARG A 752 -11.13 -22.24 -15.43
CA ARG A 752 -10.62 -21.58 -16.62
C ARG A 752 -11.65 -21.54 -17.74
N LYS A 753 -12.52 -22.55 -17.83
CA LYS A 753 -13.55 -22.53 -18.85
C LYS A 753 -14.61 -21.49 -18.55
N HIS A 754 -15.14 -21.49 -17.33
CA HIS A 754 -16.31 -20.67 -17.05
C HIS A 754 -15.99 -19.29 -16.47
N PHE A 755 -14.78 -19.09 -15.94
CA PHE A 755 -14.48 -17.90 -15.13
C PHE A 755 -13.03 -17.50 -15.40
N SER A 756 -12.84 -16.59 -16.36
CA SER A 756 -11.52 -16.23 -16.85
C SER A 756 -11.07 -14.89 -16.29
N MET A 757 -9.87 -14.85 -15.73
CA MET A 757 -9.37 -13.68 -15.01
C MET A 757 -8.22 -13.01 -15.75
N MET A 758 -8.03 -11.73 -15.41
CA MET A 758 -6.86 -10.96 -15.77
C MET A 758 -6.46 -10.15 -14.54
N ILE A 759 -5.20 -10.29 -14.12
CA ILE A 759 -4.76 -9.90 -12.79
C ILE A 759 -3.54 -8.99 -12.92
N LEU A 760 -3.51 -7.91 -12.14
CA LEU A 760 -2.31 -7.08 -11.99
C LEU A 760 -2.41 -6.42 -10.62
N SER A 761 -1.62 -6.92 -9.67
CA SER A 761 -1.63 -6.45 -8.27
C SER A 761 -3.05 -6.50 -7.75
N ASP A 762 -3.56 -5.44 -7.13
CA ASP A 762 -4.92 -5.45 -6.60
C ASP A 762 -5.97 -5.03 -7.64
N ASP A 763 -5.59 -4.91 -8.91
CA ASP A 763 -6.53 -4.61 -9.98
C ASP A 763 -6.82 -5.89 -10.75
N ALA A 764 -8.10 -6.15 -11.02
CA ALA A 764 -8.50 -7.37 -11.70
C ALA A 764 -9.71 -7.12 -12.59
N VAL A 765 -9.78 -7.88 -13.68
CA VAL A 765 -10.95 -7.96 -14.54
C VAL A 765 -11.30 -9.43 -14.71
N VAL A 766 -12.58 -9.76 -14.74
CA VAL A 766 -12.97 -11.15 -14.95
C VAL A 766 -14.15 -11.23 -15.90
N CYS A 767 -14.08 -12.18 -16.82
CA CYS A 767 -15.16 -12.50 -17.74
C CYS A 767 -15.77 -13.84 -17.33
N PHE A 768 -17.08 -13.87 -17.19
CA PHE A 768 -17.74 -15.00 -16.55
C PHE A 768 -19.02 -15.36 -17.28
N ASN A 769 -19.51 -16.56 -17.00
CA ASN A 769 -20.70 -17.12 -17.63
C ASN A 769 -21.91 -16.63 -16.83
N SER A 770 -22.71 -15.76 -17.44
CA SER A 770 -23.81 -15.12 -16.74
C SER A 770 -24.89 -16.12 -16.33
N THR A 771 -25.13 -17.14 -17.14
CA THR A 771 -26.15 -18.14 -16.79
C THR A 771 -25.76 -18.91 -15.54
N TYR A 772 -24.50 -19.38 -15.48
CA TYR A 772 -24.03 -20.07 -14.29
C TYR A 772 -24.01 -19.13 -13.10
N ALA A 773 -23.63 -17.87 -13.32
CA ALA A 773 -23.61 -16.90 -12.22
C ALA A 773 -25.00 -16.67 -11.64
N SER A 774 -26.01 -16.58 -12.51
CA SER A 774 -27.38 -16.41 -12.03
C SER A 774 -27.90 -17.66 -11.34
N GLN A 775 -27.53 -18.85 -11.84
CA GLN A 775 -27.95 -20.08 -11.18
C GLN A 775 -27.20 -20.31 -9.88
N GLY A 776 -25.98 -19.78 -9.76
CA GLY A 776 -25.19 -19.90 -8.55
C GLY A 776 -23.99 -20.82 -8.62
N LEU A 777 -23.58 -21.23 -9.83
CA LEU A 777 -22.49 -22.18 -9.98
C LEU A 777 -21.13 -21.52 -10.09
N VAL A 778 -21.06 -20.19 -10.19
CA VAL A 778 -19.80 -19.45 -10.22
C VAL A 778 -19.96 -18.20 -9.38
N ALA A 779 -18.85 -17.57 -9.03
CA ALA A 779 -18.85 -16.45 -8.12
C ALA A 779 -19.47 -15.21 -8.77
N SER A 780 -19.89 -14.28 -7.92
CA SER A 780 -20.38 -12.98 -8.33
C SER A 780 -20.01 -11.97 -7.25
N ILE A 781 -20.45 -10.73 -7.44
CA ILE A 781 -20.06 -9.65 -6.52
C ILE A 781 -20.49 -9.94 -5.09
N LYS A 782 -21.66 -10.56 -4.91
CA LYS A 782 -22.16 -10.86 -3.57
C LYS A 782 -21.20 -11.77 -2.82
N ASN A 783 -20.69 -12.80 -3.50
CA ASN A 783 -19.76 -13.73 -2.86
C ASN A 783 -18.45 -13.05 -2.53
N PHE A 784 -17.97 -12.15 -3.38
CA PHE A 784 -16.77 -11.38 -3.05
C PHE A 784 -17.00 -10.51 -1.82
N LYS A 785 -18.17 -9.89 -1.74
CA LYS A 785 -18.48 -9.08 -0.56
C LYS A 785 -18.44 -9.91 0.72
N SER A 786 -19.09 -11.09 0.70
CA SER A 786 -19.12 -11.93 1.89
C SER A 786 -17.71 -12.44 2.24
N VAL A 787 -16.96 -12.90 1.23
CA VAL A 787 -15.63 -13.44 1.47
C VAL A 787 -14.71 -12.36 2.04
N LEU A 788 -14.75 -11.16 1.46
CA LEU A 788 -13.94 -10.07 2.00
C LEU A 788 -14.37 -9.72 3.41
N TYR A 789 -15.68 -9.73 3.68
CA TYR A 789 -16.15 -9.36 5.01
C TYR A 789 -15.61 -10.31 6.07
N TYR A 790 -15.67 -11.61 5.82
CA TYR A 790 -15.24 -12.51 6.89
C TYR A 790 -13.73 -12.76 6.88
N GLN A 791 -13.09 -12.79 5.71
CA GLN A 791 -11.66 -13.07 5.67
C GLN A 791 -10.81 -11.82 5.94
N ASN A 792 -11.08 -10.73 5.20
CA ASN A 792 -10.25 -9.53 5.34
C ASN A 792 -10.63 -8.65 6.51
N ASN A 793 -11.86 -8.77 7.01
CA ASN A 793 -12.41 -7.86 8.02
C ASN A 793 -12.56 -6.45 7.47
N VAL A 794 -13.03 -6.35 6.22
CA VAL A 794 -13.40 -5.09 5.60
C VAL A 794 -14.70 -5.31 4.84
N PHE A 795 -15.50 -4.25 4.74
CA PHE A 795 -16.75 -4.28 3.99
C PHE A 795 -16.52 -3.65 2.62
N MET A 796 -16.74 -4.43 1.56
CA MET A 796 -16.54 -3.96 0.19
C MET A 796 -17.76 -3.18 -0.24
N SER A 797 -17.61 -1.85 -0.36
CA SER A 797 -18.68 -1.00 -0.84
C SER A 797 -19.06 -1.35 -2.27
N GLU A 798 -20.29 -1.84 -2.47
CA GLU A 798 -20.70 -2.34 -3.78
C GLU A 798 -20.67 -1.24 -4.83
N ALA A 799 -20.83 0.02 -4.44
CA ALA A 799 -20.80 1.12 -5.40
C ALA A 799 -19.49 1.19 -6.16
N LYS A 800 -18.38 0.77 -5.53
CA LYS A 800 -17.08 0.84 -6.19
C LYS A 800 -16.93 -0.23 -7.28
N CYS A 801 -17.59 -1.37 -7.14
CA CYS A 801 -17.48 -2.42 -8.14
C CYS A 801 -18.21 -2.02 -9.43
N TRP A 802 -17.98 -2.79 -10.49
CA TRP A 802 -18.64 -2.53 -11.75
C TRP A 802 -18.84 -3.82 -12.53
N THR A 803 -19.86 -3.82 -13.39
CA THR A 803 -20.13 -4.95 -14.29
C THR A 803 -20.62 -4.40 -15.63
N GLU A 804 -20.28 -5.10 -16.70
CA GLU A 804 -20.64 -4.71 -18.05
C GLU A 804 -21.21 -5.91 -18.80
N THR A 805 -22.23 -5.63 -19.63
CA THR A 805 -22.94 -6.66 -20.37
C THR A 805 -22.54 -6.72 -21.84
N ASP A 806 -22.07 -5.62 -22.43
CA ASP A 806 -21.75 -5.55 -23.85
C ASP A 806 -20.23 -5.60 -23.99
N LEU A 807 -19.73 -6.66 -24.61
CA LEU A 807 -18.29 -6.85 -24.76
C LEU A 807 -17.68 -5.91 -25.79
N THR A 808 -18.47 -5.27 -26.64
CA THR A 808 -17.92 -4.32 -27.60
C THR A 808 -17.47 -3.03 -26.93
N LYS A 809 -17.86 -2.78 -25.69
CA LYS A 809 -17.45 -1.59 -24.97
C LYS A 809 -16.28 -1.83 -24.03
N GLY A 810 -15.96 -3.09 -23.73
CA GLY A 810 -14.80 -3.42 -22.93
C GLY A 810 -14.96 -3.12 -21.46
N PRO A 811 -13.89 -3.31 -20.69
CA PRO A 811 -13.95 -3.07 -19.25
C PRO A 811 -14.14 -1.61 -18.92
N HIS A 812 -14.85 -1.34 -17.82
CA HIS A 812 -15.08 0.02 -17.38
C HIS A 812 -13.81 0.68 -16.83
N GLU A 813 -12.88 -0.09 -16.28
CA GLU A 813 -11.64 0.46 -15.73
C GLU A 813 -10.62 -0.65 -15.58
N PHE A 814 -9.43 -0.44 -16.15
CA PHE A 814 -8.28 -1.28 -15.85
C PHE A 814 -7.03 -0.41 -15.90
N CYS A 815 -6.29 -0.37 -14.80
CA CYS A 815 -5.10 0.47 -14.68
C CYS A 815 -5.42 1.93 -15.01
N SER A 816 -6.53 2.41 -14.48
CA SER A 816 -7.00 3.79 -14.67
C SER A 816 -7.28 4.15 -16.12
N GLN A 817 -7.31 3.17 -17.03
CA GLN A 817 -7.59 3.42 -18.44
C GLN A 817 -9.04 3.06 -18.76
N HIS A 818 -9.64 3.83 -19.67
CA HIS A 818 -10.92 3.49 -20.27
C HIS A 818 -10.68 2.88 -21.65
N THR A 819 -11.60 2.03 -22.08
CA THR A 819 -11.44 1.27 -23.31
C THR A 819 -12.48 1.70 -24.35
N MET A 820 -12.04 1.79 -25.61
CA MET A 820 -12.95 2.10 -26.71
C MET A 820 -12.60 1.26 -27.92
N LEU A 821 -13.59 1.05 -28.78
CA LEU A 821 -13.41 0.27 -30.00
C LEU A 821 -13.37 1.20 -31.19
N VAL A 822 -12.36 1.03 -32.04
CA VAL A 822 -12.13 1.93 -33.17
C VAL A 822 -11.78 1.11 -34.40
N LYS A 823 -11.92 1.72 -35.57
CA LYS A 823 -11.53 1.12 -36.83
C LYS A 823 -10.12 1.55 -37.20
N GLN A 824 -9.35 0.63 -37.76
CA GLN A 824 -7.96 0.89 -38.13
C GLN A 824 -7.68 0.00 -39.34
N GLY A 825 -7.63 0.61 -40.52
CA GLY A 825 -7.67 -0.20 -41.73
C GLY A 825 -9.07 -0.73 -41.95
N ASP A 826 -9.16 -2.01 -42.30
CA ASP A 826 -10.42 -2.72 -42.35
C ASP A 826 -10.67 -3.59 -41.12
N ASP A 827 -9.83 -3.45 -40.09
CA ASP A 827 -9.98 -4.18 -38.84
C ASP A 827 -10.50 -3.27 -37.74
N TYR A 828 -11.05 -3.88 -36.70
CA TYR A 828 -11.46 -3.17 -35.49
C TYR A 828 -10.56 -3.57 -34.33
N VAL A 829 -10.18 -2.58 -33.52
CA VAL A 829 -9.25 -2.79 -32.41
C VAL A 829 -9.71 -2.02 -31.18
N TYR A 830 -9.20 -2.43 -30.02
CA TYR A 830 -9.44 -1.76 -28.76
C TYR A 830 -8.30 -0.82 -28.43
N LEU A 831 -8.63 0.35 -27.89
CA LEU A 831 -7.64 1.34 -27.50
C LEU A 831 -7.93 1.86 -26.10
N PRO A 832 -6.90 2.08 -25.29
CA PRO A 832 -7.09 2.72 -23.98
C PRO A 832 -6.90 4.23 -24.04
N TYR A 833 -7.65 4.97 -23.23
CA TYR A 833 -7.48 6.41 -23.11
C TYR A 833 -7.64 6.81 -21.65
N PRO A 834 -6.93 7.85 -21.20
CA PRO A 834 -6.96 8.23 -19.79
C PRO A 834 -8.06 9.25 -19.50
N ASP A 835 -8.18 9.57 -18.22
CA ASP A 835 -9.02 10.68 -17.77
C ASP A 835 -8.39 12.01 -18.19
N PRO A 836 -9.07 12.85 -18.98
CA PRO A 836 -8.44 14.09 -19.46
C PRO A 836 -7.99 15.02 -18.35
N SER A 837 -8.69 15.03 -17.21
CA SER A 837 -8.26 15.85 -16.08
C SER A 837 -6.85 15.51 -15.65
N ARG A 838 -6.46 14.23 -15.72
CA ARG A 838 -5.10 13.84 -15.36
C ARG A 838 -4.06 14.46 -16.28
N ILE A 839 -4.33 14.45 -17.59
CA ILE A 839 -3.38 15.00 -18.55
C ILE A 839 -3.29 16.50 -18.40
N LEU A 840 -4.43 17.18 -18.26
CA LEU A 840 -4.41 18.63 -18.12
C LEU A 840 -3.74 19.05 -16.81
N GLY A 841 -3.98 18.30 -15.73
CA GLY A 841 -3.30 18.60 -14.47
C GLY A 841 -1.82 18.34 -14.53
N ALA A 842 -1.39 17.28 -15.22
CA ALA A 842 0.04 17.04 -15.39
C ALA A 842 0.69 18.14 -16.21
N GLY A 843 -0.06 18.74 -17.14
CA GLY A 843 0.45 19.92 -17.83
C GLY A 843 0.54 21.13 -16.93
N CYS A 844 -0.49 21.35 -16.10
CA CYS A 844 -0.63 22.61 -15.38
C CYS A 844 0.25 22.67 -14.13
N PHE A 845 0.44 21.56 -13.43
CA PHE A 845 1.12 21.55 -12.15
C PHE A 845 2.35 20.66 -12.19
N VAL A 846 3.45 21.16 -11.66
CA VAL A 846 4.74 20.47 -11.70
C VAL A 846 5.35 20.46 -10.31
N ASP A 847 6.26 19.52 -10.07
CA ASP A 847 6.87 19.33 -8.75
C ASP A 847 8.28 19.90 -8.67
N ASP A 848 8.69 20.73 -9.63
CA ASP A 848 9.96 21.43 -9.53
C ASP A 848 9.85 22.73 -10.31
N ILE A 849 10.55 23.75 -9.82
CA ILE A 849 10.42 25.08 -10.39
C ILE A 849 10.94 25.13 -11.82
N VAL A 850 12.07 24.46 -12.09
CA VAL A 850 12.68 24.52 -13.42
C VAL A 850 11.76 23.96 -14.49
N LYS A 851 10.88 23.03 -14.10
CA LYS A 851 9.94 22.44 -15.06
C LYS A 851 8.97 23.46 -15.62
N THR A 852 8.77 24.59 -14.93
CA THR A 852 7.80 25.57 -15.41
C THR A 852 8.23 26.18 -16.74
N ASP A 853 9.53 26.25 -17.01
CA ASP A 853 10.02 26.81 -18.26
C ASP A 853 9.82 25.78 -19.38
N GLY A 854 9.12 26.18 -20.44
CA GLY A 854 8.64 25.22 -21.41
C GLY A 854 9.69 24.65 -22.34
N THR A 855 10.69 25.47 -22.70
CA THR A 855 11.59 25.09 -23.79
C THR A 855 12.37 23.81 -23.46
N LEU A 856 12.90 23.72 -22.24
CA LEU A 856 13.54 22.49 -21.81
C LEU A 856 12.54 21.34 -21.77
N MET A 857 11.32 21.62 -21.31
CA MET A 857 10.29 20.62 -21.13
C MET A 857 9.59 20.20 -22.41
N ILE A 858 10.09 20.60 -23.59
CA ILE A 858 9.49 20.14 -24.84
C ILE A 858 9.43 18.62 -24.87
N GLU A 859 10.55 17.97 -24.55
CA GLU A 859 10.57 16.52 -24.48
C GLU A 859 9.61 16.00 -23.41
N ARG A 860 9.38 16.78 -22.36
CA ARG A 860 8.39 16.41 -21.36
C ARG A 860 6.99 16.37 -21.96
N PHE A 861 6.66 17.33 -22.84
CA PHE A 861 5.30 17.40 -23.36
C PHE A 861 5.01 16.30 -24.37
N VAL A 862 6.02 15.90 -25.15
CA VAL A 862 5.81 14.89 -26.19
C VAL A 862 5.23 13.62 -25.59
N SER A 863 5.78 13.16 -24.47
CA SER A 863 5.25 11.97 -23.81
C SER A 863 3.80 12.17 -23.42
N LEU A 864 3.47 13.34 -22.87
CA LEU A 864 2.09 13.62 -22.50
C LEU A 864 1.18 13.63 -23.71
N ALA A 865 1.72 13.96 -24.88
CA ALA A 865 0.91 13.91 -26.09
C ALA A 865 0.58 12.47 -26.49
N ILE A 866 1.46 11.52 -26.18
CA ILE A 866 1.23 10.14 -26.59
C ILE A 866 -0.06 9.59 -25.96
N ASP A 867 -0.18 9.74 -24.65
CA ASP A 867 -1.41 9.33 -23.96
C ASP A 867 -2.61 10.12 -24.46
N ALA A 868 -2.36 11.33 -24.96
CA ALA A 868 -3.42 12.16 -25.50
C ALA A 868 -3.95 11.61 -26.83
N TYR A 869 -3.13 10.86 -27.58
CA TYR A 869 -3.53 10.44 -28.92
C TYR A 869 -4.83 9.65 -28.97
N PRO A 870 -5.07 8.64 -28.13
CA PRO A 870 -6.34 7.90 -28.22
C PRO A 870 -7.57 8.79 -28.02
N LEU A 871 -7.43 9.88 -27.27
CA LEU A 871 -8.57 10.76 -27.02
C LEU A 871 -9.15 11.32 -28.32
N THR A 872 -8.35 11.40 -29.38
CA THR A 872 -8.85 11.88 -30.67
C THR A 872 -9.98 11.00 -31.19
N LYS A 873 -9.89 9.69 -30.95
CA LYS A 873 -10.92 8.77 -31.44
C LYS A 873 -12.25 8.97 -30.74
N HIS A 874 -12.24 9.58 -29.55
CA HIS A 874 -13.43 9.70 -28.74
C HIS A 874 -14.52 10.49 -29.48
N PRO A 875 -15.79 10.11 -29.33
CA PRO A 875 -16.87 10.88 -29.98
C PRO A 875 -17.17 12.21 -29.33
N ASN A 876 -16.58 12.52 -28.17
CA ASN A 876 -16.79 13.79 -27.51
C ASN A 876 -15.74 14.79 -27.98
N GLN A 877 -16.20 15.95 -28.44
CA GLN A 877 -15.30 16.95 -29.03
C GLN A 877 -14.34 17.52 -27.99
N GLU A 878 -14.82 17.75 -26.76
CA GLU A 878 -13.97 18.32 -25.73
C GLU A 878 -12.78 17.42 -25.44
N TYR A 879 -12.97 16.11 -25.50
CA TYR A 879 -11.86 15.18 -25.32
C TYR A 879 -10.89 15.25 -26.49
N ALA A 880 -11.42 15.35 -27.71
CA ALA A 880 -10.57 15.39 -28.89
C ALA A 880 -9.68 16.63 -28.89
N ASP A 881 -10.20 17.76 -28.40
CA ASP A 881 -9.44 19.02 -28.46
C ASP A 881 -8.13 18.97 -27.69
N VAL A 882 -8.02 18.10 -26.69
CA VAL A 882 -6.86 18.10 -25.79
C VAL A 882 -5.58 17.78 -26.56
N PHE A 883 -5.63 16.76 -27.41
CA PHE A 883 -4.44 16.32 -28.13
C PHE A 883 -3.92 17.41 -29.07
N HIS A 884 -4.84 18.05 -29.80
CA HIS A 884 -4.45 19.17 -30.64
C HIS A 884 -3.90 20.33 -29.83
N LEU A 885 -4.47 20.57 -28.64
CA LEU A 885 -3.92 21.59 -27.76
C LEU A 885 -2.46 21.30 -27.44
N TYR A 886 -2.16 20.04 -27.10
CA TYR A 886 -0.78 19.66 -26.79
C TYR A 886 0.14 19.83 -28.00
N LEU A 887 -0.33 19.43 -29.18
CA LEU A 887 0.49 19.57 -30.38
C LEU A 887 0.82 21.04 -30.67
N GLN A 888 -0.19 21.91 -30.58
CA GLN A 888 0.04 23.32 -30.85
C GLN A 888 0.93 23.96 -29.80
N TYR A 889 0.82 23.52 -28.54
CA TYR A 889 1.75 24.00 -27.53
C TYR A 889 3.17 23.57 -27.83
N ILE A 890 3.35 22.34 -28.32
CA ILE A 890 4.69 21.90 -28.71
C ILE A 890 5.25 22.80 -29.81
N ARG A 891 4.42 23.12 -30.81
CA ARG A 891 4.87 24.00 -31.90
C ARG A 891 5.30 25.37 -31.36
N LYS A 892 4.47 25.95 -30.48
CA LYS A 892 4.80 27.25 -29.90
C LYS A 892 6.10 27.18 -29.11
N LEU A 893 6.31 26.10 -28.35
CA LEU A 893 7.54 25.94 -27.59
C LEU A 893 8.76 25.89 -28.50
N HIS A 894 8.66 25.19 -29.64
CA HIS A 894 9.79 25.15 -30.54
C HIS A 894 10.09 26.53 -31.12
N ASP A 895 9.05 27.28 -31.48
CA ASP A 895 9.27 28.62 -31.99
C ASP A 895 9.98 29.49 -30.97
N GLU A 896 9.52 29.44 -29.71
CA GLU A 896 10.13 30.26 -28.66
C GLU A 896 11.58 29.85 -28.40
N LEU A 897 11.87 28.54 -28.42
CA LEU A 897 13.24 28.10 -28.23
C LEU A 897 14.14 28.62 -29.35
N THR A 898 13.67 28.54 -30.60
CA THR A 898 14.46 29.06 -31.71
C THR A 898 14.74 30.54 -31.53
N GLY A 899 13.71 31.31 -31.16
CA GLY A 899 13.91 32.73 -30.94
C GLY A 899 14.91 33.03 -29.84
N HIS A 900 14.82 32.30 -28.72
CA HIS A 900 15.72 32.54 -27.60
C HIS A 900 17.16 32.24 -27.98
N MET A 901 17.40 31.10 -28.64
CA MET A 901 18.78 30.79 -29.02
C MET A 901 19.31 31.75 -30.07
N LEU A 902 18.46 32.21 -30.99
CA LEU A 902 18.90 33.18 -31.97
C LEU A 902 19.29 34.50 -31.31
N ASP A 903 18.52 34.92 -30.30
CA ASP A 903 18.85 36.15 -29.59
C ASP A 903 20.15 36.03 -28.81
N MET A 904 20.28 34.95 -28.04
CA MET A 904 21.43 34.83 -27.14
C MET A 904 22.72 34.58 -27.88
N TYR A 905 22.75 33.56 -28.76
CA TYR A 905 24.01 33.12 -29.34
C TYR A 905 24.25 33.63 -30.75
N SER A 906 23.22 34.17 -31.40
CA SER A 906 23.29 34.77 -32.73
C SER A 906 23.58 33.77 -33.84
N VAL A 907 23.48 32.48 -33.56
CA VAL A 907 23.66 31.43 -34.56
C VAL A 907 22.49 30.46 -34.47
N MET A 908 21.91 30.13 -35.62
CA MET A 908 20.75 29.25 -35.65
C MET A 908 21.16 27.80 -35.43
N LEU A 909 20.17 26.98 -35.07
CA LEU A 909 20.38 25.55 -34.93
C LEU A 909 20.47 24.88 -36.30
N THR A 910 21.05 23.67 -36.31
CA THR A 910 21.29 22.94 -37.56
C THR A 910 20.69 21.53 -37.56
N ASN A 911 19.80 21.21 -36.62
CA ASN A 911 19.10 19.92 -36.59
C ASN A 911 17.63 20.16 -36.31
N ASP A 912 16.76 19.51 -37.11
CA ASP A 912 15.33 19.82 -37.12
C ASP A 912 14.46 18.57 -37.00
N ASN A 913 14.89 17.56 -36.23
CA ASN A 913 14.06 16.39 -36.00
C ASN A 913 12.73 16.76 -35.34
N THR A 914 12.73 17.81 -34.51
CA THR A 914 11.55 18.19 -33.74
C THR A 914 10.35 18.49 -34.63
N SER A 915 10.59 18.78 -35.90
CA SER A 915 9.48 19.03 -36.83
C SER A 915 8.50 17.88 -36.87
N ARG A 916 8.97 16.64 -36.65
CA ARG A 916 8.04 15.52 -36.71
C ARG A 916 7.14 15.46 -35.47
N TYR A 917 7.56 16.09 -34.37
CA TYR A 917 6.84 15.91 -33.11
C TYR A 917 5.46 16.57 -33.12
N TRP A 918 5.33 17.74 -33.74
CA TRP A 918 4.03 18.41 -33.71
C TRP A 918 3.07 17.87 -34.77
N GLU A 919 3.55 16.96 -35.66
CA GLU A 919 2.60 16.38 -36.60
C GLU A 919 2.09 15.03 -36.12
N PRO A 920 0.84 14.69 -36.44
CA PRO A 920 0.17 13.57 -35.75
C PRO A 920 0.78 12.19 -36.01
N GLU A 921 1.33 11.93 -37.19
CA GLU A 921 1.59 10.56 -37.61
C GLU A 921 2.47 9.81 -36.63
N PHE A 922 3.48 10.49 -36.07
CA PHE A 922 4.38 9.84 -35.12
C PHE A 922 3.60 9.19 -33.99
N TYR A 923 2.64 9.92 -33.41
CA TYR A 923 1.87 9.37 -32.31
C TYR A 923 1.02 8.20 -32.77
N GLU A 924 0.49 8.26 -34.00
CA GLU A 924 -0.29 7.14 -34.51
C GLU A 924 0.55 5.88 -34.59
N ALA A 925 1.87 6.04 -34.80
CA ALA A 925 2.73 4.87 -34.85
C ALA A 925 2.74 4.12 -33.53
N MET A 926 2.47 4.81 -32.42
CA MET A 926 2.59 4.20 -31.11
C MET A 926 1.63 3.04 -30.90
N TYR A 927 0.45 3.08 -31.55
CA TYR A 927 -0.59 2.10 -31.27
C TYR A 927 -0.84 1.10 -32.39
N THR A 928 -0.23 1.28 -33.56
CA THR A 928 -0.40 0.31 -34.64
C THR A 928 0.35 -0.98 -34.33
N PRO A 929 -0.29 -2.14 -34.50
CA PRO A 929 0.36 -3.42 -34.16
C PRO A 929 1.50 -3.83 -35.09
N HIS A 930 1.89 -2.96 -36.02
CA HIS A 930 2.71 -3.39 -37.15
C HIS A 930 4.06 -3.95 -36.71
N THR A 931 4.71 -3.34 -35.73
CA THR A 931 6.02 -3.81 -35.29
C THR A 931 6.09 -3.98 -33.78
N PHE B 7 51.65 8.69 -36.31
CA PHE B 7 52.59 9.80 -36.15
C PHE B 7 53.79 9.62 -37.07
N SER B 8 54.43 10.73 -37.44
CA SER B 8 55.49 10.73 -38.43
C SER B 8 56.75 10.02 -37.97
N SER B 9 56.93 9.80 -36.67
CA SER B 9 58.13 9.14 -36.17
C SER B 9 58.16 7.64 -36.46
N LEU B 10 57.07 7.07 -36.93
CA LEU B 10 57.03 5.62 -37.17
C LEU B 10 57.96 5.25 -38.31
N PRO B 11 58.80 4.24 -38.15
CA PRO B 11 59.70 3.83 -39.25
C PRO B 11 58.95 3.35 -40.49
N SER B 12 57.80 2.70 -40.33
CA SER B 12 57.00 2.31 -41.50
C SER B 12 56.56 3.55 -42.26
N TYR B 13 56.21 4.61 -41.55
CA TYR B 13 55.93 5.88 -42.20
C TYR B 13 57.15 6.40 -42.93
N ALA B 14 58.34 6.18 -42.38
CA ALA B 14 59.56 6.62 -43.06
C ALA B 14 59.76 5.87 -44.38
N ALA B 15 59.56 4.55 -44.38
CA ALA B 15 59.68 3.79 -45.61
C ALA B 15 58.62 4.24 -46.62
N PHE B 16 57.40 4.46 -46.15
CA PHE B 16 56.37 5.01 -47.01
C PHE B 16 56.78 6.37 -47.57
N ALA B 17 57.46 7.18 -46.76
CA ALA B 17 57.91 8.49 -47.21
C ALA B 17 58.97 8.37 -48.30
N THR B 18 59.89 7.40 -48.18
CA THR B 18 60.86 7.20 -49.25
C THR B 18 60.16 6.79 -50.54
N ALA B 19 59.17 5.90 -50.43
CA ALA B 19 58.40 5.51 -51.62
C ALA B 19 57.62 6.70 -52.18
N GLN B 20 57.10 7.55 -51.30
CA GLN B 20 56.37 8.75 -51.72
C GLN B 20 57.28 9.71 -52.48
N GLU B 21 58.49 9.92 -51.98
CA GLU B 21 59.46 10.77 -52.67
C GLU B 21 59.81 10.19 -54.03
N ALA B 22 60.02 8.87 -54.10
CA ALA B 22 60.31 8.22 -55.36
C ALA B 22 59.18 8.42 -56.36
N TYR B 23 57.94 8.23 -55.91
CA TYR B 23 56.78 8.38 -56.80
C TYR B 23 56.63 9.82 -57.26
N GLU B 24 56.81 10.78 -56.35
CA GLU B 24 56.69 12.19 -56.73
C GLU B 24 57.76 12.58 -57.75
N GLN B 25 59.00 12.14 -57.53
CA GLN B 25 60.06 12.42 -58.50
C GLN B 25 59.76 11.79 -59.85
N ALA B 26 59.25 10.55 -59.85
CA ALA B 26 58.91 9.89 -61.10
C ALA B 26 57.82 10.64 -61.84
N VAL B 27 56.79 11.09 -61.13
CA VAL B 27 55.70 11.83 -61.77
C VAL B 27 56.21 13.17 -62.31
N ALA B 28 57.05 13.86 -61.55
CA ALA B 28 57.56 15.15 -62.01
C ALA B 28 58.45 14.99 -63.24
N ASN B 29 59.28 13.95 -63.27
CA ASN B 29 60.14 13.72 -64.43
C ASN B 29 59.33 13.29 -65.66
N GLY B 30 58.22 12.61 -65.46
CA GLY B 30 57.43 12.12 -66.58
C GLY B 30 57.84 10.75 -67.08
N ASP B 31 58.19 9.84 -66.17
CA ASP B 31 58.61 8.51 -66.57
C ASP B 31 57.45 7.71 -67.16
N SER B 32 57.81 6.64 -67.85
CA SER B 32 56.85 5.84 -68.60
C SER B 32 55.82 5.20 -67.68
N GLU B 33 54.69 4.80 -68.27
CA GLU B 33 53.56 4.28 -67.50
C GLU B 33 53.91 2.97 -66.82
N VAL B 34 54.75 2.12 -67.43
CA VAL B 34 55.09 0.84 -66.82
C VAL B 34 55.94 1.05 -65.57
N VAL B 35 56.91 1.96 -65.63
CA VAL B 35 57.70 2.30 -64.45
C VAL B 35 56.82 2.91 -63.37
N LEU B 36 55.88 3.76 -63.79
CA LEU B 36 54.94 4.34 -62.84
C LEU B 36 54.08 3.27 -62.18
N LYS B 37 53.68 2.24 -62.93
CA LYS B 37 52.86 1.18 -62.35
C LYS B 37 53.65 0.37 -61.32
N LYS B 38 54.88 -0.02 -61.66
CA LYS B 38 55.68 -0.78 -60.71
C LYS B 38 55.97 0.05 -59.46
N LEU B 39 56.31 1.33 -59.64
CA LEU B 39 56.56 2.20 -58.51
C LEU B 39 55.30 2.42 -57.69
N LYS B 40 54.14 2.48 -58.36
CA LYS B 40 52.87 2.63 -57.68
C LYS B 40 52.57 1.41 -56.81
N LYS B 41 52.82 0.20 -57.33
CA LYS B 41 52.55 -0.98 -56.51
C LYS B 41 53.50 -1.04 -55.32
N SER B 42 54.75 -0.64 -55.50
CA SER B 42 55.67 -0.55 -54.35
C SER B 42 55.17 0.47 -53.33
N LEU B 43 54.75 1.64 -53.80
CA LEU B 43 54.25 2.69 -52.91
C LEU B 43 53.00 2.22 -52.16
N ASN B 44 52.13 1.49 -52.85
CA ASN B 44 50.89 1.02 -52.21
C ASN B 44 51.19 -0.09 -51.20
N VAL B 45 52.20 -0.92 -51.44
CA VAL B 45 52.65 -1.85 -50.41
C VAL B 45 53.09 -1.09 -49.17
N ALA B 46 53.88 -0.03 -49.37
CA ALA B 46 54.33 0.78 -48.23
C ALA B 46 53.14 1.42 -47.51
N LYS B 47 52.16 1.93 -48.28
CA LYS B 47 50.97 2.52 -47.70
C LYS B 47 50.19 1.51 -46.88
N SER B 48 50.06 0.29 -47.38
CA SER B 48 49.34 -0.75 -46.64
C SER B 48 50.04 -1.05 -45.32
N GLU B 49 51.37 -1.16 -45.34
CA GLU B 49 52.10 -1.38 -44.10
C GLU B 49 51.87 -0.23 -43.12
N PHE B 50 51.94 1.00 -43.60
CA PHE B 50 51.77 2.16 -42.73
C PHE B 50 50.37 2.18 -42.11
N ASP B 51 49.34 1.96 -42.93
CA ASP B 51 47.97 1.99 -42.43
C ASP B 51 47.73 0.87 -41.41
N ARG B 52 48.25 -0.34 -41.69
CA ARG B 52 48.07 -1.45 -40.77
C ARG B 52 48.70 -1.14 -39.41
N ASP B 53 49.93 -0.61 -39.42
CA ASP B 53 50.59 -0.28 -38.17
C ASP B 53 49.85 0.82 -37.42
N ALA B 54 49.35 1.83 -38.14
CA ALA B 54 48.61 2.89 -37.48
C ALA B 54 47.32 2.38 -36.84
N ALA B 55 46.60 1.51 -37.55
CA ALA B 55 45.36 0.97 -36.99
C ALA B 55 45.62 0.11 -35.76
N MET B 56 46.64 -0.74 -35.82
CA MET B 56 46.95 -1.54 -34.63
C MET B 56 47.41 -0.67 -33.48
N GLN B 57 48.09 0.44 -33.78
CA GLN B 57 48.45 1.40 -32.73
C GLN B 57 47.21 2.01 -32.09
N ARG B 58 46.22 2.38 -32.90
CA ARG B 58 44.97 2.90 -32.35
C ARG B 58 44.33 1.88 -31.41
N LYS B 59 44.26 0.62 -31.86
CA LYS B 59 43.65 -0.43 -31.05
C LYS B 59 44.39 -0.60 -29.73
N LEU B 60 45.73 -0.62 -29.77
CA LEU B 60 46.51 -0.78 -28.55
C LEU B 60 46.27 0.39 -27.60
N GLU B 61 46.26 1.62 -28.11
CA GLU B 61 46.07 2.78 -27.25
C GLU B 61 44.69 2.77 -26.59
N LYS B 62 43.64 2.44 -27.34
CA LYS B 62 42.31 2.42 -26.71
C LYS B 62 42.20 1.30 -25.69
N MET B 63 42.83 0.15 -25.94
CA MET B 63 42.84 -0.92 -24.95
C MET B 63 43.53 -0.46 -23.66
N ALA B 64 44.67 0.22 -23.80
CA ALA B 64 45.38 0.73 -22.63
C ALA B 64 44.52 1.73 -21.87
N ASP B 65 43.82 2.61 -22.58
CA ASP B 65 42.95 3.56 -21.90
C ASP B 65 41.86 2.86 -21.11
N GLN B 66 41.24 1.82 -21.69
CA GLN B 66 40.19 1.11 -20.99
C GLN B 66 40.73 0.43 -19.72
N ALA B 67 41.90 -0.20 -19.82
CA ALA B 67 42.48 -0.85 -18.65
C ALA B 67 42.80 0.16 -17.56
N MET B 68 43.35 1.32 -17.94
CA MET B 68 43.66 2.36 -16.95
C MET B 68 42.39 2.84 -16.25
N THR B 69 41.31 3.04 -17.02
CA THR B 69 40.06 3.49 -16.41
C THR B 69 39.54 2.45 -15.41
N GLN B 70 39.64 1.16 -15.76
CA GLN B 70 39.22 0.11 -14.84
C GLN B 70 40.03 0.17 -13.54
N MET B 71 41.35 0.36 -13.65
CA MET B 71 42.17 0.41 -12.43
C MET B 71 41.81 1.62 -11.56
N TYR B 72 41.56 2.78 -12.19
CA TYR B 72 41.18 3.97 -11.45
C TYR B 72 39.87 3.76 -10.69
N LYS B 73 38.90 3.15 -11.37
CA LYS B 73 37.61 2.84 -10.76
C LYS B 73 37.80 1.91 -9.56
N GLN B 74 38.65 0.90 -9.69
CA GLN B 74 38.90 -0.02 -8.58
C GLN B 74 39.50 0.69 -7.38
N ALA B 75 40.46 1.59 -7.61
CA ALA B 75 41.07 2.33 -6.51
C ALA B 75 40.03 3.18 -5.77
N ARG B 76 39.16 3.86 -6.53
CA ARG B 76 38.12 4.66 -5.89
C ARG B 76 37.18 3.79 -5.07
N SER B 77 36.83 2.60 -5.58
CA SER B 77 35.96 1.70 -4.84
C SER B 77 36.60 1.26 -3.52
N GLU B 78 37.89 0.96 -3.54
CA GLU B 78 38.57 0.58 -2.30
C GLU B 78 38.57 1.72 -1.29
N ASP B 79 38.79 2.96 -1.75
CA ASP B 79 38.76 4.10 -0.83
C ASP B 79 37.38 4.22 -0.18
N LYS B 80 36.33 4.10 -0.98
CA LYS B 80 34.97 4.18 -0.43
C LYS B 80 34.71 3.09 0.59
N ARG B 81 35.17 1.87 0.32
CA ARG B 81 34.98 0.78 1.28
C ARG B 81 35.65 1.09 2.61
N ALA B 82 36.88 1.62 2.57
CA ALA B 82 37.55 1.95 3.81
C ALA B 82 36.79 3.02 4.60
N LYS B 83 36.30 4.05 3.90
CA LYS B 83 35.56 5.12 4.58
C LYS B 83 34.30 4.57 5.26
N VAL B 84 33.56 3.72 4.55
CA VAL B 84 32.32 3.16 5.10
C VAL B 84 32.63 2.31 6.33
N THR B 85 33.69 1.49 6.26
CA THR B 85 34.04 0.67 7.42
C THR B 85 34.36 1.53 8.63
N SER B 86 35.11 2.62 8.42
CA SER B 86 35.44 3.50 9.55
C SER B 86 34.19 4.09 10.17
N ALA B 87 33.26 4.57 9.33
CA ALA B 87 32.04 5.16 9.86
C ALA B 87 31.22 4.15 10.66
N MET B 88 31.07 2.93 10.14
CA MET B 88 30.30 1.91 10.84
C MET B 88 30.92 1.59 12.19
N GLN B 89 32.24 1.41 12.23
CA GLN B 89 32.90 1.10 13.50
C GLN B 89 32.69 2.21 14.51
N THR B 90 32.82 3.46 14.07
CA THR B 90 32.65 4.58 14.99
C THR B 90 31.23 4.60 15.56
N MET B 91 30.21 4.40 14.71
CA MET B 91 28.84 4.42 15.21
C MET B 91 28.61 3.30 16.22
N LEU B 92 29.08 2.09 15.91
CA LEU B 92 28.86 0.96 16.80
C LEU B 92 29.51 1.19 18.15
N PHE B 93 30.74 1.70 18.18
CA PHE B 93 31.41 1.90 19.46
C PHE B 93 30.81 3.08 20.25
N THR B 94 30.31 4.11 19.56
CA THR B 94 29.62 5.17 20.27
C THR B 94 28.35 4.64 20.95
N MET B 95 27.59 3.80 20.24
CA MET B 95 26.41 3.20 20.84
C MET B 95 26.79 2.28 22.01
N LEU B 96 27.91 1.56 21.88
CA LEU B 96 28.39 0.74 22.98
C LEU B 96 28.65 1.58 24.22
N ARG B 97 29.29 2.75 24.03
CA ARG B 97 29.61 3.60 25.18
C ARG B 97 28.38 4.27 25.76
N LYS B 98 27.33 4.47 24.95
CA LYS B 98 26.17 5.23 25.43
C LYS B 98 25.35 4.45 26.46
N LEU B 99 25.18 3.14 26.28
CA LEU B 99 24.20 2.40 27.06
C LEU B 99 24.65 2.19 28.50
N ASP B 100 23.68 1.97 29.39
CA ASP B 100 23.91 1.77 30.82
C ASP B 100 24.20 0.30 31.07
N ASN B 101 25.44 0.00 31.47
CA ASN B 101 25.86 -1.38 31.60
C ASN B 101 25.31 -2.06 32.85
N ASP B 102 25.10 -1.31 33.94
CA ASP B 102 24.82 -1.95 35.22
C ASP B 102 23.44 -2.62 35.23
N ALA B 103 22.39 -1.87 34.92
CA ALA B 103 21.05 -2.43 34.94
C ALA B 103 20.85 -3.47 33.85
N LEU B 104 21.41 -3.23 32.66
CA LEU B 104 21.32 -4.21 31.59
C LEU B 104 22.02 -5.51 31.97
N ASN B 105 23.19 -5.41 32.60
CA ASN B 105 23.87 -6.61 33.08
C ASN B 105 23.05 -7.32 34.14
N ASN B 106 22.41 -6.56 35.04
CA ASN B 106 21.60 -7.17 36.08
C ASN B 106 20.42 -7.94 35.48
N ILE B 107 19.70 -7.33 34.53
CA ILE B 107 18.54 -7.99 33.95
C ILE B 107 18.97 -9.18 33.08
N ILE B 108 20.08 -9.07 32.37
CA ILE B 108 20.54 -10.19 31.55
C ILE B 108 21.01 -11.34 32.44
N ASN B 109 21.66 -11.04 33.56
CA ASN B 109 22.03 -12.09 34.50
C ASN B 109 20.82 -12.73 35.15
N ASN B 110 19.73 -11.96 35.30
CA ASN B 110 18.52 -12.53 35.89
C ASN B 110 17.83 -13.51 34.94
N ALA B 111 18.02 -13.35 33.63
CA ALA B 111 17.28 -14.14 32.65
C ALA B 111 17.60 -15.63 32.76
N ARG B 112 16.64 -16.46 32.35
CA ARG B 112 16.80 -17.90 32.46
C ARG B 112 17.89 -18.42 31.54
N ASP B 113 17.84 -18.07 30.25
CA ASP B 113 18.76 -18.59 29.25
C ASP B 113 19.85 -17.61 28.86
N GLY B 114 19.81 -16.39 29.36
CA GLY B 114 20.64 -15.33 28.84
C GLY B 114 20.00 -14.53 27.72
N CYS B 115 18.89 -15.03 27.15
CA CYS B 115 18.14 -14.26 26.17
C CYS B 115 17.02 -13.46 26.84
N VAL B 116 16.79 -12.26 26.33
CA VAL B 116 15.64 -11.46 26.73
C VAL B 116 15.02 -10.84 25.50
N PRO B 117 13.71 -10.60 25.54
CA PRO B 117 13.07 -9.84 24.46
C PRO B 117 13.66 -8.45 24.35
N LEU B 118 13.73 -7.94 23.13
CA LEU B 118 14.30 -6.61 22.91
C LEU B 118 13.39 -5.54 23.51
N ASN B 119 12.09 -5.75 23.44
CA ASN B 119 11.13 -4.69 23.80
C ASN B 119 11.21 -4.34 25.29
N ILE B 120 11.61 -5.29 26.14
CA ILE B 120 11.62 -5.04 27.57
C ILE B 120 12.87 -4.24 27.98
N ILE B 121 13.91 -4.23 27.14
CA ILE B 121 15.15 -3.55 27.51
C ILE B 121 14.95 -2.04 27.72
N PRO B 122 14.33 -1.30 26.79
CA PRO B 122 14.09 0.12 27.10
C PRO B 122 13.15 0.32 28.28
N LEU B 123 12.16 -0.57 28.47
CA LEU B 123 11.27 -0.44 29.61
C LEU B 123 12.02 -0.52 30.92
N THR B 124 12.93 -1.51 31.04
CA THR B 124 13.58 -1.73 32.31
C THR B 124 14.77 -0.79 32.52
N THR B 125 15.66 -0.67 31.53
CA THR B 125 16.94 -0.03 31.75
C THR B 125 16.94 1.49 31.52
N ALA B 126 16.09 1.99 30.62
CA ALA B 126 16.24 3.36 30.15
C ALA B 126 16.08 4.37 31.28
N ALA B 127 16.93 5.40 31.26
CA ALA B 127 16.93 6.42 32.30
C ALA B 127 16.04 7.60 31.97
N LYS B 128 15.71 7.84 30.70
CA LYS B 128 14.94 9.00 30.30
C LYS B 128 13.72 8.56 29.50
N LEU B 129 12.59 9.22 29.76
CA LEU B 129 11.32 8.93 29.12
C LEU B 129 10.80 10.16 28.36
N MET B 130 10.14 9.90 27.23
CA MET B 130 9.46 10.94 26.46
C MET B 130 8.01 10.55 26.23
N VAL B 131 7.10 11.50 26.43
CA VAL B 131 5.67 11.30 26.24
C VAL B 131 5.16 12.37 25.28
N VAL B 132 4.39 11.94 24.27
CA VAL B 132 3.80 12.85 23.29
C VAL B 132 2.29 12.88 23.51
N ILE B 133 1.75 14.08 23.73
CA ILE B 133 0.37 14.25 24.16
C ILE B 133 -0.37 15.13 23.16
N PRO B 134 -1.49 14.67 22.59
CA PRO B 134 -2.18 15.46 21.57
C PRO B 134 -3.20 16.45 22.10
N ASP B 135 -3.79 16.23 23.28
CA ASP B 135 -4.83 17.12 23.77
C ASP B 135 -4.80 17.15 25.29
N TYR B 136 -5.54 18.13 25.85
CA TYR B 136 -5.48 18.39 27.28
C TYR B 136 -6.07 17.25 28.11
N ASN B 137 -7.10 16.56 27.60
CA ASN B 137 -7.65 15.44 28.36
C ASN B 137 -6.60 14.35 28.58
N THR B 138 -5.84 14.03 27.52
CA THR B 138 -4.79 13.03 27.65
C THR B 138 -3.71 13.49 28.62
N TYR B 139 -3.35 14.77 28.59
CA TYR B 139 -2.39 15.29 29.56
C TYR B 139 -2.90 15.14 30.98
N LYS B 140 -4.17 15.51 31.21
CA LYS B 140 -4.74 15.42 32.55
C LYS B 140 -4.75 13.98 33.04
N ASN B 141 -5.03 13.03 32.15
CA ASN B 141 -5.03 11.63 32.55
C ASN B 141 -3.62 11.11 32.82
N THR B 142 -2.68 11.38 31.92
CA THR B 142 -1.39 10.69 31.95
C THR B 142 -0.36 11.38 32.85
N CYS B 143 -0.27 12.71 32.80
CA CYS B 143 0.89 13.42 33.34
C CYS B 143 0.55 14.52 34.33
N ASP B 144 -0.62 14.49 34.96
CA ASP B 144 -0.98 15.54 35.91
C ASP B 144 -0.01 15.52 37.09
N GLY B 145 0.69 16.63 37.29
CA GLY B 145 1.64 16.79 38.38
C GLY B 145 3.08 16.74 37.88
N THR B 146 3.99 16.97 38.83
CA THR B 146 5.41 16.96 38.54
C THR B 146 6.02 15.56 38.59
N THR B 147 5.29 14.58 39.08
CA THR B 147 5.75 13.20 39.13
C THR B 147 4.60 12.30 38.68
N PHE B 148 4.91 11.26 37.92
CA PHE B 148 3.89 10.33 37.49
C PHE B 148 4.46 8.93 37.37
N THR B 149 3.59 7.93 37.44
CA THR B 149 4.00 6.53 37.42
C THR B 149 3.66 5.91 36.06
N TYR B 150 4.65 5.27 35.45
CA TYR B 150 4.46 4.56 34.20
C TYR B 150 5.46 3.41 34.14
N ALA B 151 5.06 2.34 33.46
CA ALA B 151 5.93 1.16 33.28
C ALA B 151 6.39 0.62 34.62
N SER B 152 5.49 0.65 35.61
CA SER B 152 5.76 0.17 36.96
C SER B 152 6.97 0.89 37.57
N ALA B 153 7.09 2.19 37.28
CA ALA B 153 8.20 2.99 37.77
C ALA B 153 7.72 4.42 37.99
N LEU B 154 8.44 5.15 38.83
CA LEU B 154 8.11 6.53 39.18
C LEU B 154 9.05 7.47 38.45
N TRP B 155 8.49 8.49 37.80
CA TRP B 155 9.27 9.43 36.99
C TRP B 155 9.01 10.85 37.47
N GLU B 156 10.06 11.67 37.44
CA GLU B 156 9.95 13.09 37.75
C GLU B 156 10.29 13.90 36.50
N ILE B 157 9.66 15.06 36.38
CA ILE B 157 9.51 15.74 35.09
C ILE B 157 10.66 16.70 34.85
N GLN B 158 11.01 16.87 33.57
CA GLN B 158 11.92 17.88 33.07
C GLN B 158 11.12 18.69 32.05
N GLN B 159 11.60 19.89 31.73
CA GLN B 159 10.73 20.90 31.12
C GLN B 159 10.27 20.50 29.72
N VAL B 160 9.12 21.04 29.34
CA VAL B 160 8.31 20.58 28.20
C VAL B 160 8.52 21.50 27.00
N VAL B 161 8.37 20.94 25.81
CA VAL B 161 8.43 21.69 24.56
C VAL B 161 7.15 21.43 23.77
N ASP B 162 6.73 22.42 22.98
CA ASP B 162 5.53 22.28 22.15
C ASP B 162 5.90 21.82 20.74
N ALA B 163 4.92 21.87 19.83
CA ALA B 163 5.15 21.48 18.45
C ALA B 163 6.13 22.40 17.73
N ASP B 164 6.25 23.65 18.18
CA ASP B 164 7.25 24.57 17.64
C ASP B 164 8.60 24.43 18.32
N SER B 165 8.75 23.44 19.21
CA SER B 165 9.96 23.16 19.98
C SER B 165 10.33 24.30 20.91
N LYS B 166 9.39 25.17 21.24
CA LYS B 166 9.58 26.20 22.24
C LYS B 166 9.16 25.70 23.62
N ILE B 167 9.83 26.20 24.66
CA ILE B 167 9.61 25.69 26.01
C ILE B 167 8.29 26.21 26.56
N VAL B 168 7.51 25.30 27.15
CA VAL B 168 6.24 25.63 27.79
C VAL B 168 6.38 25.40 29.29
N GLN B 169 6.03 26.40 30.08
CA GLN B 169 6.04 26.27 31.53
C GLN B 169 4.85 25.44 31.99
N LEU B 170 5.06 24.65 33.05
CA LEU B 170 4.01 23.78 33.55
C LEU B 170 2.81 24.55 34.09
N SER B 171 2.98 25.82 34.45
CA SER B 171 1.86 26.62 34.92
C SER B 171 0.92 27.01 33.79
N GLU B 172 1.38 26.99 32.54
CA GLU B 172 0.55 27.40 31.41
C GLU B 172 -0.48 26.34 31.05
N ILE B 173 -0.15 25.07 31.23
CA ILE B 173 -0.98 23.98 30.73
C ILE B 173 -2.25 23.88 31.58
N SER B 174 -3.35 24.39 31.06
CA SER B 174 -4.61 24.43 31.80
C SER B 174 -5.76 24.41 30.81
N MET B 175 -6.94 24.07 31.33
CA MET B 175 -8.11 23.91 30.47
C MET B 175 -8.46 25.20 29.74
N ASP B 176 -8.47 26.32 30.46
CA ASP B 176 -8.86 27.58 29.84
C ASP B 176 -7.83 28.04 28.81
N ASN B 177 -6.55 27.82 29.08
CA ASN B 177 -5.48 28.29 28.22
C ASN B 177 -5.20 27.36 27.04
N SER B 178 -5.77 26.16 27.04
CA SER B 178 -5.42 25.11 26.10
C SER B 178 -5.52 25.50 24.62
N PRO B 179 -6.50 26.31 24.19
CA PRO B 179 -6.53 26.68 22.77
C PRO B 179 -5.29 27.41 22.28
N ASN B 180 -4.59 28.12 23.17
CA ASN B 180 -3.46 28.94 22.74
C ASN B 180 -2.23 28.11 22.39
N LEU B 181 -2.06 26.96 23.04
CA LEU B 181 -0.83 26.18 22.87
C LEU B 181 -0.79 25.51 21.51
N ALA B 182 0.42 25.18 21.07
CA ALA B 182 0.66 24.49 19.81
C ALA B 182 0.84 22.99 20.08
N TRP B 183 -0.29 22.28 20.15
CA TRP B 183 -0.27 20.84 20.35
C TRP B 183 0.31 20.13 19.13
N PRO B 184 0.91 18.94 19.32
CA PRO B 184 1.07 18.15 20.56
C PRO B 184 2.19 18.65 21.47
N LEU B 185 2.17 18.26 22.73
CA LEU B 185 3.22 18.60 23.68
C LEU B 185 4.12 17.38 23.93
N ILE B 186 5.42 17.65 24.08
CA ILE B 186 6.41 16.60 24.35
C ILE B 186 6.96 16.82 25.76
N VAL B 187 6.68 15.89 26.66
CA VAL B 187 7.16 15.92 28.03
C VAL B 187 8.30 14.92 28.17
N THR B 188 9.32 15.29 28.92
CA THR B 188 10.46 14.41 29.17
C THR B 188 10.60 14.22 30.67
N ALA B 189 11.14 13.07 31.07
CA ALA B 189 11.17 12.73 32.48
C ALA B 189 12.37 11.84 32.78
N LEU B 190 12.78 11.84 34.04
CA LEU B 190 13.88 11.02 34.54
C LEU B 190 13.34 10.03 35.57
N ARG B 191 14.11 8.97 35.80
CA ARG B 191 13.68 7.85 36.63
C ARG B 191 14.09 8.11 38.08
N ALA B 192 13.12 8.00 38.99
CA ALA B 192 13.38 8.23 40.39
C ALA B 192 14.08 7.03 41.04
N ASN B 193 14.99 7.31 41.96
CA ASN B 193 15.68 6.26 42.70
C ASN B 193 14.88 5.89 43.94
N SER B 194 14.50 4.63 44.06
CA SER B 194 13.77 4.14 45.23
C SER B 194 13.87 2.62 45.34
N SER C 2 -14.10 31.92 -16.69
CA SER C 2 -13.62 30.72 -16.02
C SER C 2 -13.19 31.05 -14.60
N LYS C 3 -14.15 31.45 -13.76
CA LYS C 3 -13.81 32.02 -12.46
C LYS C 3 -13.27 30.95 -11.50
N MET C 4 -13.93 29.79 -11.43
CA MET C 4 -13.58 28.80 -10.41
C MET C 4 -12.18 28.23 -10.61
N SER C 5 -11.82 27.92 -11.85
CA SER C 5 -10.47 27.41 -12.12
C SER C 5 -9.42 28.46 -11.78
N ASP C 6 -9.71 29.73 -12.08
CA ASP C 6 -8.83 30.81 -11.67
C ASP C 6 -8.67 30.86 -10.17
N VAL C 7 -9.77 30.67 -9.43
CA VAL C 7 -9.71 30.71 -7.97
C VAL C 7 -8.83 29.57 -7.45
N LYS C 8 -8.97 28.37 -8.01
CA LYS C 8 -8.16 27.25 -7.53
C LYS C 8 -6.69 27.44 -7.85
N CYS C 9 -6.36 27.90 -9.05
CA CYS C 9 -4.97 28.18 -9.39
C CYS C 9 -4.40 29.28 -8.49
N THR C 10 -5.19 30.32 -8.22
CA THR C 10 -4.74 31.37 -7.31
C THR C 10 -4.52 30.83 -5.89
N SER C 11 -5.33 29.87 -5.46
CA SER C 11 -5.09 29.25 -4.15
C SER C 11 -3.76 28.52 -4.14
N VAL C 12 -3.45 27.79 -5.22
CA VAL C 12 -2.17 27.09 -5.29
C VAL C 12 -1.02 28.09 -5.20
N VAL C 13 -1.09 29.17 -5.98
CA VAL C 13 -0.03 30.17 -5.99
C VAL C 13 0.09 30.86 -4.63
N LEU C 14 -1.05 31.17 -4.00
CA LEU C 14 -1.04 31.85 -2.72
C LEU C 14 -0.42 30.99 -1.63
N LEU C 15 -0.76 29.69 -1.60
CA LEU C 15 -0.14 28.83 -0.61
C LEU C 15 1.35 28.66 -0.87
N SER C 16 1.77 28.62 -2.14
CA SER C 16 3.21 28.55 -2.39
C SER C 16 3.91 29.81 -1.90
N VAL C 17 3.30 30.97 -2.10
CA VAL C 17 3.88 32.22 -1.61
C VAL C 17 3.98 32.21 -0.09
N LEU C 18 2.92 31.75 0.58
CA LEU C 18 2.96 31.65 2.05
C LEU C 18 4.05 30.69 2.51
N GLN C 19 4.19 29.55 1.84
CA GLN C 19 5.19 28.57 2.26
C GLN C 19 6.60 29.13 2.11
N GLN C 20 6.87 29.85 1.02
CA GLN C 20 8.19 30.46 0.86
C GLN C 20 8.45 31.52 1.92
N LEU C 21 7.41 32.08 2.52
CA LEU C 21 7.54 33.12 3.53
C LEU C 21 7.78 32.57 4.94
N ARG C 22 8.21 31.31 5.07
CA ARG C 22 8.55 30.69 6.36
C ARG C 22 7.35 30.58 7.30
N VAL C 23 6.13 30.48 6.77
CA VAL C 23 4.95 30.28 7.61
C VAL C 23 5.02 28.93 8.33
N GLU C 24 5.72 27.95 7.74
CA GLU C 24 5.79 26.61 8.32
C GLU C 24 6.32 26.62 9.75
N SER C 25 7.15 27.62 10.10
CA SER C 25 7.71 27.68 11.44
C SER C 25 6.63 27.70 12.52
N SER C 26 5.46 28.26 12.22
CA SER C 26 4.32 28.27 13.13
C SER C 26 3.38 27.14 12.70
N SER C 27 3.39 26.05 13.48
CA SER C 27 2.63 24.86 13.11
C SER C 27 1.12 25.10 13.08
N LYS C 28 0.61 25.88 14.02
CA LYS C 28 -0.82 26.15 14.10
C LYS C 28 -1.30 26.92 12.87
N LEU C 29 -0.60 27.99 12.53
CA LEU C 29 -0.97 28.80 11.38
C LEU C 29 -0.81 28.02 10.08
N TRP C 30 0.25 27.20 9.99
CA TRP C 30 0.44 26.37 8.81
C TRP C 30 -0.68 25.36 8.65
N ALA C 31 -1.12 24.75 9.75
CA ALA C 31 -2.24 23.81 9.68
C ALA C 31 -3.50 24.50 9.20
N GLN C 32 -3.77 25.70 9.70
CA GLN C 32 -4.96 26.43 9.23
C GLN C 32 -4.86 26.76 7.75
N CYS C 33 -3.68 27.21 7.31
CA CYS C 33 -3.48 27.53 5.90
C CYS C 33 -3.66 26.30 5.02
N VAL C 34 -3.12 25.15 5.45
CA VAL C 34 -3.25 23.93 4.67
C VAL C 34 -4.72 23.51 4.57
N GLN C 35 -5.45 23.61 5.67
CA GLN C 35 -6.87 23.27 5.63
C GLN C 35 -7.63 24.17 4.67
N LEU C 36 -7.35 25.48 4.71
CA LEU C 36 -8.01 26.39 3.78
C LEU C 36 -7.66 26.05 2.33
N HIS C 37 -6.39 25.77 2.05
CA HIS C 37 -5.97 25.45 0.69
C HIS C 37 -6.68 24.20 0.16
N ASN C 38 -6.67 23.12 0.96
CA ASN C 38 -7.32 21.89 0.51
C ASN C 38 -8.82 22.07 0.36
N ASP C 39 -9.44 22.83 1.26
CA ASP C 39 -10.88 23.05 1.16
C ASP C 39 -11.24 23.84 -0.09
N ILE C 40 -10.42 24.82 -0.45
CA ILE C 40 -10.68 25.55 -1.70
C ILE C 40 -10.49 24.64 -2.90
N LEU C 41 -9.48 23.78 -2.87
CA LEU C 41 -9.26 22.87 -4.00
C LEU C 41 -10.43 21.91 -4.17
N LEU C 42 -10.99 21.42 -3.07
CA LEU C 42 -12.10 20.46 -3.16
C LEU C 42 -13.44 21.12 -3.48
N ALA C 43 -13.59 22.42 -3.20
CA ALA C 43 -14.88 23.09 -3.28
C ALA C 43 -15.49 22.95 -4.67
N LYS C 44 -16.83 23.03 -4.73
CA LYS C 44 -17.57 22.87 -5.98
C LYS C 44 -18.35 24.10 -6.42
N ASP C 45 -18.68 25.02 -5.51
CA ASP C 45 -19.42 26.22 -5.83
C ASP C 45 -18.62 27.45 -5.43
N THR C 46 -18.73 28.52 -6.23
CA THR C 46 -17.71 29.56 -6.26
C THR C 46 -17.68 30.42 -5.00
N THR C 47 -18.84 30.73 -4.41
CA THR C 47 -18.87 31.69 -3.31
C THR C 47 -18.13 31.16 -2.08
N GLU C 48 -18.26 29.87 -1.80
CA GLU C 48 -17.50 29.26 -0.70
C GLU C 48 -16.00 29.39 -0.96
N ALA C 49 -15.58 29.12 -2.19
CA ALA C 49 -14.17 29.25 -2.53
C ALA C 49 -13.70 30.69 -2.34
N PHE C 50 -14.52 31.66 -2.71
CA PHE C 50 -14.11 33.05 -2.56
C PHE C 50 -13.99 33.45 -1.09
N GLU C 51 -14.90 32.98 -0.23
CA GLU C 51 -14.78 33.32 1.19
C GLU C 51 -13.54 32.68 1.82
N LYS C 52 -13.30 31.40 1.50
CA LYS C 52 -12.10 30.74 2.00
C LYS C 52 -10.83 31.41 1.47
N MET C 53 -10.87 31.87 0.22
CA MET C 53 -9.77 32.65 -0.34
C MET C 53 -9.58 33.94 0.43
N VAL C 54 -10.67 34.58 0.84
CA VAL C 54 -10.56 35.80 1.63
C VAL C 54 -9.79 35.53 2.92
N SER C 55 -10.12 34.44 3.60
CA SER C 55 -9.38 34.10 4.83
C SER C 55 -7.92 33.80 4.54
N LEU C 56 -7.65 33.02 3.49
CA LEU C 56 -6.28 32.65 3.17
C LEU C 56 -5.45 33.88 2.82
N LEU C 57 -6.03 34.83 2.10
CA LEU C 57 -5.32 36.07 1.78
C LEU C 57 -5.16 36.96 3.02
N SER C 58 -6.12 36.91 3.95
CA SER C 58 -5.95 37.63 5.21
C SER C 58 -4.72 37.14 5.96
N VAL C 59 -4.44 35.84 5.84
CA VAL C 59 -3.22 35.30 6.45
C VAL C 59 -1.99 36.04 5.93
N LEU C 60 -1.88 36.18 4.61
CA LEU C 60 -0.72 36.87 4.04
C LEU C 60 -0.71 38.34 4.40
N LEU C 61 -1.88 38.98 4.39
CA LEU C 61 -1.93 40.43 4.65
C LEU C 61 -1.56 40.77 6.09
N SER C 62 -1.82 39.85 7.04
CA SER C 62 -1.52 40.14 8.43
C SER C 62 -0.02 40.30 8.68
N MET C 63 0.83 39.68 7.87
CA MET C 63 2.27 39.67 8.07
C MET C 63 2.87 41.02 7.65
N GLN C 64 2.82 41.97 8.58
CA GLN C 64 3.32 43.32 8.35
C GLN C 64 4.80 43.30 7.96
N GLY C 65 5.11 43.98 6.84
CA GLY C 65 6.47 44.15 6.40
C GLY C 65 7.08 42.98 5.68
N ALA C 66 6.35 41.88 5.53
CA ALA C 66 6.88 40.73 4.79
C ALA C 66 6.84 40.96 3.29
N VAL C 67 5.81 41.64 2.80
CA VAL C 67 5.66 41.96 1.38
C VAL C 67 5.27 43.41 1.26
N ASP C 68 5.87 44.11 0.29
CA ASP C 68 5.53 45.51 0.00
C ASP C 68 4.30 45.52 -0.90
N ILE C 69 3.14 45.57 -0.25
CA ILE C 69 1.86 45.49 -0.96
C ILE C 69 1.76 46.61 -1.99
N ASN C 70 2.08 47.84 -1.60
CA ASN C 70 1.94 48.98 -2.49
C ASN C 70 2.89 48.86 -3.68
N LYS C 71 4.10 48.33 -3.46
CA LYS C 71 5.03 48.14 -4.56
C LYS C 71 4.59 47.00 -5.48
N LEU C 72 4.09 45.90 -4.89
CA LEU C 72 3.71 44.74 -5.69
C LEU C 72 2.49 45.03 -6.55
N CYS C 73 1.46 45.65 -5.97
CA CYS C 73 0.20 45.80 -6.70
C CYS C 73 0.30 46.81 -7.84
N GLU C 74 1.19 47.79 -7.71
CA GLU C 74 1.30 48.86 -8.70
C GLU C 74 1.69 48.32 -10.08
N PHE D 7 26.71 20.25 -44.90
CA PHE D 7 27.95 19.77 -45.52
C PHE D 7 27.95 20.06 -47.02
N SER D 8 28.48 21.22 -47.40
CA SER D 8 28.53 21.64 -48.79
C SER D 8 29.68 22.62 -48.96
N SER D 9 30.10 22.82 -50.22
CA SER D 9 31.17 23.73 -50.60
C SER D 9 32.48 23.40 -49.88
N LEU D 10 32.67 22.14 -49.50
CA LEU D 10 33.88 21.72 -48.82
C LEU D 10 35.05 21.71 -49.81
N PRO D 11 36.28 21.73 -49.30
CA PRO D 11 37.44 21.88 -50.21
C PRO D 11 37.51 20.83 -51.31
N SER D 12 37.15 19.57 -51.02
CA SER D 12 37.23 18.51 -52.02
C SER D 12 36.04 18.48 -52.97
N TYR D 13 35.02 19.31 -52.73
CA TYR D 13 33.81 19.26 -53.54
C TYR D 13 34.07 19.57 -55.00
N ALA D 14 34.90 20.58 -55.28
CA ALA D 14 35.12 21.02 -56.65
C ALA D 14 35.75 19.92 -57.49
N ALA D 15 36.74 19.22 -56.95
CA ALA D 15 37.40 18.16 -57.70
C ALA D 15 36.42 17.03 -58.03
N PHE D 16 35.60 16.64 -57.04
CA PHE D 16 34.61 15.59 -57.26
C PHE D 16 33.60 16.00 -58.33
N ALA D 17 33.09 17.23 -58.25
CA ALA D 17 32.11 17.70 -59.21
C ALA D 17 32.70 17.74 -60.62
N THR D 18 33.91 18.29 -60.76
CA THR D 18 34.52 18.38 -62.08
C THR D 18 34.88 17.01 -62.63
N ALA D 19 35.32 16.08 -61.79
CA ALA D 19 35.61 14.72 -62.24
C ALA D 19 34.35 14.03 -62.73
N GLN D 20 33.24 14.17 -62.00
CA GLN D 20 32.00 13.57 -62.45
C GLN D 20 31.52 14.19 -63.76
N GLU D 21 31.65 15.51 -63.89
CA GLU D 21 31.25 16.15 -65.15
C GLU D 21 32.10 15.68 -66.31
N ALA D 22 33.42 15.54 -66.09
CA ALA D 22 34.30 15.06 -67.14
C ALA D 22 33.96 13.62 -67.53
N TYR D 23 33.68 12.77 -66.55
CA TYR D 23 33.32 11.39 -66.85
C TYR D 23 32.00 11.32 -67.61
N GLU D 24 31.02 12.15 -67.22
CA GLU D 24 29.74 12.18 -67.91
C GLU D 24 29.90 12.67 -69.35
N GLN D 25 30.73 13.69 -69.56
CA GLN D 25 30.99 14.16 -70.92
C GLN D 25 31.70 13.09 -71.73
N ALA D 26 32.63 12.36 -71.12
CA ALA D 26 33.34 11.30 -71.83
C ALA D 26 32.39 10.18 -72.24
N VAL D 27 31.48 9.78 -71.35
CA VAL D 27 30.53 8.73 -71.72
C VAL D 27 29.53 9.24 -72.75
N ALA D 28 29.19 10.53 -72.71
CA ALA D 28 28.32 11.10 -73.72
C ALA D 28 28.99 11.10 -75.09
N ASN D 29 30.30 11.36 -75.13
CA ASN D 29 31.02 11.34 -76.39
C ASN D 29 31.21 9.92 -76.92
N GLY D 30 31.28 8.94 -76.02
CA GLY D 30 31.69 7.60 -76.42
C GLY D 30 33.19 7.49 -76.62
N ASP D 31 33.98 8.15 -75.78
CA ASP D 31 35.42 8.17 -75.92
C ASP D 31 36.03 6.81 -75.56
N SER D 32 37.36 6.76 -75.61
CA SER D 32 38.09 5.52 -75.37
C SER D 32 37.81 4.97 -73.97
N GLU D 33 37.67 3.64 -73.89
CA GLU D 33 37.30 3.00 -72.63
C GLU D 33 38.34 3.26 -71.54
N VAL D 34 39.62 3.23 -71.90
CA VAL D 34 40.67 3.43 -70.90
C VAL D 34 40.59 4.83 -70.31
N VAL D 35 40.29 5.84 -71.14
CA VAL D 35 40.13 7.19 -70.64
C VAL D 35 38.93 7.28 -69.69
N LEU D 36 37.83 6.62 -70.06
CA LEU D 36 36.65 6.60 -69.21
C LEU D 36 36.96 5.97 -67.86
N LYS D 37 37.70 4.86 -67.84
CA LYS D 37 38.03 4.20 -66.59
C LYS D 37 38.98 5.05 -65.74
N LYS D 38 39.95 5.71 -66.38
CA LYS D 38 40.83 6.63 -65.65
C LYS D 38 40.02 7.75 -65.00
N LEU D 39 39.10 8.33 -65.76
CA LEU D 39 38.24 9.38 -65.23
C LEU D 39 37.39 8.88 -64.08
N LYS D 40 36.85 7.66 -64.22
CA LYS D 40 36.01 7.09 -63.16
C LYS D 40 36.80 6.85 -61.89
N LYS D 41 38.04 6.35 -62.01
CA LYS D 41 38.86 6.14 -60.81
C LYS D 41 39.25 7.45 -60.15
N SER D 42 39.59 8.47 -60.95
CA SER D 42 39.85 9.79 -60.36
C SER D 42 38.60 10.33 -59.67
N LEU D 43 37.43 10.12 -60.26
CA LEU D 43 36.17 10.50 -59.64
C LEU D 43 36.01 9.79 -58.29
N ASN D 44 36.29 8.49 -58.26
CA ASN D 44 36.10 7.72 -57.04
C ASN D 44 37.04 8.18 -55.93
N VAL D 45 38.30 8.45 -56.26
CA VAL D 45 39.22 8.89 -55.19
C VAL D 45 38.85 10.28 -54.70
N ALA D 46 38.47 11.18 -55.61
CA ALA D 46 38.01 12.50 -55.19
C ALA D 46 36.78 12.41 -54.31
N LYS D 47 35.83 11.55 -54.68
CA LYS D 47 34.62 11.37 -53.89
C LYS D 47 34.94 10.79 -52.51
N SER D 48 35.91 9.88 -52.45
CA SER D 48 36.29 9.33 -51.14
C SER D 48 36.83 10.42 -50.24
N GLU D 49 37.72 11.27 -50.76
CA GLU D 49 38.23 12.37 -49.95
C GLU D 49 37.12 13.32 -49.54
N PHE D 50 36.21 13.61 -50.46
CA PHE D 50 35.08 14.51 -50.18
C PHE D 50 34.22 13.95 -49.05
N ASP D 51 33.88 12.67 -49.11
CA ASP D 51 33.08 12.08 -48.05
C ASP D 51 33.80 12.08 -46.72
N ARG D 52 35.12 11.85 -46.73
CA ARG D 52 35.87 11.84 -45.48
C ARG D 52 35.82 13.19 -44.79
N ASP D 53 36.13 14.26 -45.54
CA ASP D 53 36.08 15.58 -44.92
C ASP D 53 34.65 16.00 -44.58
N ALA D 54 33.66 15.51 -45.33
CA ALA D 54 32.27 15.77 -44.98
C ALA D 54 31.91 15.14 -43.64
N ALA D 55 32.38 13.92 -43.39
CA ALA D 55 32.13 13.27 -42.10
C ALA D 55 32.80 14.06 -40.97
N MET D 56 34.02 14.54 -41.20
CA MET D 56 34.67 15.36 -40.19
C MET D 56 33.87 16.63 -39.90
N GLN D 57 33.35 17.27 -40.95
CA GLN D 57 32.53 18.47 -40.77
C GLN D 57 31.25 18.15 -40.00
N ARG D 58 30.65 16.98 -40.27
CA ARG D 58 29.47 16.55 -39.52
C ARG D 58 29.79 16.42 -38.04
N LYS D 59 30.93 15.80 -37.71
CA LYS D 59 31.32 15.65 -36.32
C LYS D 59 31.48 17.01 -35.64
N LEU D 60 32.13 17.96 -36.33
CA LEU D 60 32.29 19.30 -35.76
C LEU D 60 30.94 19.95 -35.50
N GLU D 61 30.02 19.83 -36.46
CA GLU D 61 28.69 20.42 -36.32
C GLU D 61 27.95 19.84 -35.12
N LYS D 62 27.99 18.51 -34.97
CA LYS D 62 27.31 17.88 -33.83
C LYS D 62 27.88 18.37 -32.51
N MET D 63 29.21 18.47 -32.42
CA MET D 63 29.81 18.91 -31.16
C MET D 63 29.42 20.35 -30.83
N ALA D 64 29.43 21.24 -31.82
CA ALA D 64 29.02 22.62 -31.58
C ALA D 64 27.56 22.70 -31.14
N ASP D 65 26.69 21.91 -31.78
CA ASP D 65 25.27 21.92 -31.43
C ASP D 65 25.08 21.50 -29.97
N GLN D 66 25.77 20.42 -29.57
CA GLN D 66 25.63 19.95 -28.19
C GLN D 66 26.13 20.98 -27.19
N ALA D 67 27.26 21.62 -27.49
CA ALA D 67 27.80 22.61 -26.57
C ALA D 67 26.82 23.78 -26.39
N MET D 68 26.29 24.30 -27.50
CA MET D 68 25.36 25.41 -27.40
C MET D 68 24.11 25.03 -26.62
N THR D 69 23.56 23.84 -26.90
CA THR D 69 22.35 23.43 -26.19
C THR D 69 22.59 23.32 -24.69
N GLN D 70 23.72 22.70 -24.30
CA GLN D 70 23.99 22.51 -22.88
C GLN D 70 24.18 23.85 -22.16
N MET D 71 24.92 24.78 -22.77
CA MET D 71 25.12 26.05 -22.08
C MET D 71 23.83 26.85 -21.99
N TYR D 72 22.98 26.79 -23.02
CA TYR D 72 21.68 27.43 -22.93
C TYR D 72 20.86 26.85 -21.78
N LYS D 73 20.81 25.52 -21.67
CA LYS D 73 20.06 24.89 -20.60
C LYS D 73 20.56 25.34 -19.24
N GLN D 74 21.88 25.33 -19.03
CA GLN D 74 22.42 25.68 -17.71
C GLN D 74 22.13 27.13 -17.36
N ALA D 75 22.37 28.05 -18.31
CA ALA D 75 22.15 29.47 -18.02
C ALA D 75 20.69 29.75 -17.72
N ARG D 76 19.77 29.17 -18.50
CA ARG D 76 18.36 29.45 -18.25
C ARG D 76 17.87 28.78 -16.98
N SER D 77 18.41 27.61 -16.63
CA SER D 77 18.06 26.99 -15.36
C SER D 77 18.48 27.88 -14.19
N GLU D 78 19.69 28.43 -14.24
CA GLU D 78 20.12 29.34 -13.18
C GLU D 78 19.23 30.58 -13.12
N ASP D 79 18.89 31.14 -14.28
CA ASP D 79 18.04 32.33 -14.31
C ASP D 79 16.67 32.05 -13.72
N LYS D 80 16.09 30.89 -14.04
CA LYS D 80 14.79 30.54 -13.49
C LYS D 80 14.86 30.28 -12.00
N ARG D 81 15.95 29.66 -11.53
CA ARG D 81 16.03 29.28 -10.12
C ARG D 81 16.27 30.47 -9.23
N ALA D 82 17.05 31.46 -9.69
CA ALA D 82 17.49 32.53 -8.81
C ALA D 82 16.33 33.45 -8.39
N LYS D 83 15.43 33.77 -9.32
CA LYS D 83 14.44 34.82 -9.14
C LYS D 83 13.08 34.32 -8.70
N VAL D 84 12.99 33.16 -8.04
CA VAL D 84 11.71 32.50 -7.83
C VAL D 84 10.77 33.34 -6.97
N THR D 85 11.29 33.98 -5.91
CA THR D 85 10.41 34.63 -4.93
C THR D 85 9.67 35.82 -5.54
N SER D 86 10.40 36.69 -6.24
CA SER D 86 9.77 37.87 -6.84
C SER D 86 8.77 37.45 -7.91
N ALA D 87 9.11 36.44 -8.70
CA ALA D 87 8.18 35.94 -9.71
C ALA D 87 6.90 35.43 -9.07
N MET D 88 7.03 34.68 -7.96
CA MET D 88 5.85 34.16 -7.29
C MET D 88 4.96 35.27 -6.77
N GLN D 89 5.55 36.28 -6.12
CA GLN D 89 4.73 37.37 -5.58
C GLN D 89 4.07 38.18 -6.68
N THR D 90 4.81 38.47 -7.76
CA THR D 90 4.23 39.24 -8.86
C THR D 90 3.10 38.46 -9.54
N MET D 91 3.29 37.17 -9.75
CA MET D 91 2.24 36.35 -10.36
C MET D 91 1.01 36.29 -9.46
N LEU D 92 1.22 36.14 -8.15
CA LEU D 92 0.10 36.10 -7.23
C LEU D 92 -0.73 37.37 -7.33
N PHE D 93 -0.08 38.54 -7.28
CA PHE D 93 -0.86 39.77 -7.31
C PHE D 93 -1.47 40.04 -8.68
N THR D 94 -0.82 39.59 -9.77
CA THR D 94 -1.43 39.70 -11.09
C THR D 94 -2.72 38.89 -11.16
N MET D 95 -2.70 37.65 -10.68
CA MET D 95 -3.90 36.84 -10.68
C MET D 95 -4.96 37.43 -9.76
N LEU D 96 -4.54 37.99 -8.62
CA LEU D 96 -5.49 38.59 -7.69
C LEU D 96 -6.21 39.77 -8.34
N ARG D 97 -5.50 40.59 -9.11
CA ARG D 97 -6.16 41.65 -9.84
C ARG D 97 -7.09 41.08 -10.91
N LYS D 98 -6.64 40.04 -11.62
CA LYS D 98 -7.47 39.45 -12.67
C LYS D 98 -8.77 38.87 -12.13
N LEU D 99 -8.79 38.45 -10.85
CA LEU D 99 -10.00 37.82 -10.30
C LEU D 99 -11.16 38.80 -10.28
N ASP D 100 -10.92 40.06 -9.90
CA ASP D 100 -11.93 41.11 -9.86
C ASP D 100 -13.10 40.73 -8.95
N ASN D 101 -12.78 40.53 -7.67
CA ASN D 101 -13.77 40.28 -6.63
C ASN D 101 -13.82 41.48 -5.69
N ASP D 102 -15.03 41.83 -5.25
CA ASP D 102 -15.20 43.02 -4.41
C ASP D 102 -14.53 42.85 -3.06
N ALA D 103 -14.68 41.68 -2.43
CA ALA D 103 -14.13 41.49 -1.08
C ALA D 103 -12.60 41.47 -1.11
N LEU D 104 -12.03 40.74 -2.07
CA LEU D 104 -10.57 40.71 -2.19
C LEU D 104 -10.02 42.09 -2.47
N ASN D 105 -10.65 42.84 -3.38
CA ASN D 105 -10.19 44.19 -3.65
C ASN D 105 -10.34 45.09 -2.42
N ASN D 106 -11.42 44.93 -1.67
CA ASN D 106 -11.62 45.75 -0.48
C ASN D 106 -10.52 45.51 0.55
N ILE D 107 -10.24 44.24 0.85
CA ILE D 107 -9.22 43.95 1.87
C ILE D 107 -7.84 44.35 1.35
N ILE D 108 -7.58 44.16 0.06
CA ILE D 108 -6.27 44.50 -0.49
C ILE D 108 -6.05 46.01 -0.44
N ASN D 109 -7.06 46.79 -0.84
CA ASN D 109 -6.93 48.24 -0.82
C ASN D 109 -6.84 48.77 0.61
N ASN D 110 -7.57 48.17 1.55
CA ASN D 110 -7.43 48.55 2.95
C ASN D 110 -6.01 48.27 3.45
N ALA D 111 -5.47 47.11 3.11
CA ALA D 111 -4.09 46.80 3.52
C ALA D 111 -3.09 47.74 2.88
N ARG D 112 -3.36 48.18 1.65
CA ARG D 112 -2.47 49.14 1.00
C ARG D 112 -2.47 50.48 1.73
N ASP D 113 -3.59 50.86 2.33
CA ASP D 113 -3.67 52.07 3.14
C ASP D 113 -3.15 51.86 4.57
N GLY D 114 -2.73 50.65 4.92
CA GLY D 114 -2.24 50.37 6.25
C GLY D 114 -3.24 49.76 7.20
N CYS D 115 -4.48 49.56 6.78
CA CYS D 115 -5.53 48.98 7.62
C CYS D 115 -5.52 47.45 7.52
N VAL D 116 -4.45 46.86 8.03
CA VAL D 116 -4.26 45.40 8.00
C VAL D 116 -5.00 44.74 9.17
N PRO D 117 -5.42 43.49 9.03
CA PRO D 117 -5.97 42.75 10.18
C PRO D 117 -4.87 42.14 11.02
N LEU D 118 -5.21 41.86 12.28
CA LEU D 118 -4.32 41.19 13.22
C LEU D 118 -4.58 39.70 13.34
N ASN D 119 -5.63 39.19 12.71
CA ASN D 119 -5.97 37.77 12.76
C ASN D 119 -6.58 37.34 11.45
N ILE D 120 -6.73 36.01 11.28
CA ILE D 120 -7.46 35.48 10.15
C ILE D 120 -8.90 35.95 10.23
N ILE D 121 -9.40 36.49 9.12
CA ILE D 121 -10.80 36.94 9.06
C ILE D 121 -11.68 35.71 9.18
N PRO D 122 -12.56 35.67 10.18
CA PRO D 122 -13.38 34.48 10.39
C PRO D 122 -14.57 34.40 9.45
N LEU D 123 -15.02 33.17 9.20
CA LEU D 123 -16.07 32.91 8.23
C LEU D 123 -17.47 32.93 8.83
N THR D 124 -17.61 32.81 10.15
CA THR D 124 -18.89 32.50 10.78
C THR D 124 -19.40 33.64 11.63
N THR D 125 -20.72 33.64 11.85
CA THR D 125 -21.39 34.68 12.60
C THR D 125 -20.84 34.80 14.02
N ALA D 126 -20.77 36.03 14.51
CA ALA D 126 -20.39 36.36 15.88
C ALA D 126 -18.96 35.97 16.23
N ALA D 127 -18.14 35.65 15.24
CA ALA D 127 -16.72 35.42 15.51
C ALA D 127 -15.98 36.75 15.64
N LYS D 128 -14.78 36.69 16.19
CA LYS D 128 -14.03 37.88 16.57
C LYS D 128 -12.97 38.22 15.53
N LEU D 129 -12.92 39.50 15.15
CA LEU D 129 -11.93 40.05 14.24
C LEU D 129 -11.24 41.24 14.91
N MET D 130 -9.96 41.44 14.58
CA MET D 130 -9.19 42.56 15.10
C MET D 130 -8.49 43.27 13.96
N VAL D 131 -8.58 44.60 13.95
CA VAL D 131 -8.09 45.42 12.83
C VAL D 131 -7.30 46.60 13.38
N VAL D 132 -6.39 47.13 12.56
CA VAL D 132 -5.60 48.31 12.88
C VAL D 132 -6.09 49.50 12.06
N ILE D 133 -6.21 50.65 12.70
CA ILE D 133 -6.67 51.88 12.07
C ILE D 133 -5.56 52.92 12.12
N PRO D 134 -4.94 53.22 10.97
CA PRO D 134 -3.81 54.17 11.00
C PRO D 134 -4.20 55.61 11.28
N ASP D 135 -5.32 56.08 10.73
CA ASP D 135 -5.59 57.53 10.74
C ASP D 135 -7.09 57.75 10.79
N TYR D 136 -7.47 58.96 11.22
CA TYR D 136 -8.88 59.33 11.31
C TYR D 136 -9.58 59.27 9.96
N ASN D 137 -8.85 59.53 8.87
CA ASN D 137 -9.47 59.47 7.55
C ASN D 137 -9.92 58.04 7.21
N THR D 138 -9.07 57.05 7.50
CA THR D 138 -9.43 55.67 7.25
C THR D 138 -10.56 55.24 8.17
N TYR D 139 -10.57 55.75 9.40
CA TYR D 139 -11.69 55.48 10.30
C TYR D 139 -12.99 56.07 9.75
N LYS D 140 -12.92 57.29 9.21
CA LYS D 140 -14.10 57.91 8.61
C LYS D 140 -14.60 57.08 7.45
N ASN D 141 -13.69 56.52 6.65
CA ASN D 141 -14.11 55.70 5.53
C ASN D 141 -14.71 54.38 5.99
N THR D 142 -14.03 53.69 6.91
CA THR D 142 -14.39 52.30 7.21
C THR D 142 -15.52 52.19 8.22
N CYS D 143 -15.65 53.14 9.14
CA CYS D 143 -16.48 52.95 10.32
C CYS D 143 -17.68 53.89 10.31
N ASP D 144 -18.78 53.43 10.89
CA ASP D 144 -19.99 54.23 10.99
C ASP D 144 -20.65 53.88 12.32
N GLY D 145 -20.50 54.76 13.30
CA GLY D 145 -21.12 54.57 14.60
C GLY D 145 -20.69 53.30 15.31
N THR D 146 -21.63 52.37 15.48
CA THR D 146 -21.37 51.09 16.13
C THR D 146 -21.04 49.98 15.14
N THR D 147 -20.94 50.30 13.85
CA THR D 147 -20.75 49.29 12.82
C THR D 147 -19.46 49.56 12.05
N PHE D 148 -18.92 48.47 11.49
CA PHE D 148 -17.68 48.46 10.74
C PHE D 148 -17.93 47.69 9.45
N THR D 149 -17.31 48.13 8.35
CA THR D 149 -17.46 47.48 7.06
C THR D 149 -16.11 46.94 6.62
N TYR D 150 -16.02 45.61 6.46
CA TYR D 150 -14.75 45.00 6.10
C TYR D 150 -15.00 43.70 5.36
N ALA D 151 -14.21 43.48 4.31
CA ALA D 151 -14.33 42.28 3.47
C ALA D 151 -15.74 42.10 2.94
N SER D 152 -16.38 43.22 2.55
CA SER D 152 -17.73 43.25 2.01
C SER D 152 -18.75 42.76 3.02
N ALA D 153 -18.32 42.56 4.26
CA ALA D 153 -19.18 42.11 5.35
C ALA D 153 -19.37 43.22 6.37
N LEU D 154 -20.47 43.12 7.12
CA LEU D 154 -20.82 44.07 8.17
C LEU D 154 -20.46 43.49 9.53
N TRP D 155 -19.86 44.33 10.38
CA TRP D 155 -19.40 43.87 11.72
C TRP D 155 -19.95 44.80 12.78
N GLU D 156 -19.82 44.43 14.06
CA GLU D 156 -20.26 45.33 15.16
C GLU D 156 -19.04 45.63 16.04
N ILE D 157 -18.78 46.91 16.31
CA ILE D 157 -17.57 47.30 17.10
C ILE D 157 -17.66 46.68 18.50
N GLN D 158 -16.54 46.18 19.03
CA GLN D 158 -16.51 45.61 20.40
C GLN D 158 -15.70 46.55 21.31
N GLN D 159 -14.45 46.84 20.95
CA GLN D 159 -13.58 47.67 21.82
C GLN D 159 -12.55 48.46 20.99
N VAL D 160 -12.28 49.71 21.36
CA VAL D 160 -11.22 50.52 20.69
C VAL D 160 -10.10 50.81 21.71
N VAL D 161 -8.83 50.64 21.32
CA VAL D 161 -7.69 50.84 22.26
C VAL D 161 -6.70 51.85 21.66
N ASP D 162 -5.71 52.29 22.44
CA ASP D 162 -4.69 53.21 21.95
C ASP D 162 -3.32 52.55 22.00
N ALA D 163 -2.31 53.27 21.49
CA ALA D 163 -0.95 52.74 21.46
C ALA D 163 -0.37 52.51 22.86
N ASP D 164 -0.85 53.25 23.86
CA ASP D 164 -0.43 53.03 25.24
C ASP D 164 -1.42 52.16 26.01
N SER D 165 -2.24 51.39 25.32
CA SER D 165 -3.22 50.46 25.86
C SER D 165 -4.37 51.14 26.59
N LYS D 166 -4.54 52.46 26.42
CA LYS D 166 -5.69 53.15 26.99
C LYS D 166 -6.98 52.73 26.28
N ILE D 167 -8.02 52.48 27.06
CA ILE D 167 -9.34 52.19 26.50
C ILE D 167 -9.99 53.49 26.06
N VAL D 168 -10.48 53.54 24.83
CA VAL D 168 -11.06 54.74 24.24
C VAL D 168 -12.54 54.48 23.96
N GLN D 169 -13.39 55.42 24.37
CA GLN D 169 -14.81 55.34 24.06
C GLN D 169 -15.06 55.79 22.62
N LEU D 170 -16.11 55.23 22.01
CA LEU D 170 -16.42 55.54 20.62
C LEU D 170 -16.69 57.02 20.40
N SER D 171 -17.27 57.69 21.39
CA SER D 171 -17.62 59.10 21.24
C SER D 171 -16.38 59.98 21.10
N GLU D 172 -15.25 59.57 21.68
CA GLU D 172 -14.07 60.43 21.67
C GLU D 172 -13.51 60.63 20.27
N ILE D 173 -13.69 59.66 19.38
CA ILE D 173 -13.09 59.70 18.05
C ILE D 173 -13.84 60.73 17.22
N SER D 174 -13.26 61.92 17.07
CA SER D 174 -13.84 62.98 16.27
C SER D 174 -12.70 63.77 15.62
N MET D 175 -13.02 64.48 14.55
CA MET D 175 -11.99 65.18 13.78
C MET D 175 -11.29 66.22 14.64
N ASP D 176 -12.05 67.01 15.40
CA ASP D 176 -11.47 68.04 16.25
C ASP D 176 -10.65 67.43 17.38
N ASN D 177 -11.13 66.33 17.98
CA ASN D 177 -10.44 65.70 19.10
C ASN D 177 -9.33 64.75 18.67
N SER D 178 -9.22 64.46 17.37
CA SER D 178 -8.30 63.42 16.92
C SER D 178 -6.85 63.60 17.33
N PRO D 179 -6.26 64.81 17.36
CA PRO D 179 -4.85 64.91 17.74
C PRO D 179 -4.52 64.34 19.10
N ASN D 180 -5.48 64.29 20.02
CA ASN D 180 -5.19 63.78 21.36
C ASN D 180 -4.81 62.31 21.35
N LEU D 181 -5.41 61.52 20.46
CA LEU D 181 -5.16 60.09 20.44
C LEU D 181 -3.80 59.78 19.81
N ALA D 182 -3.17 58.72 20.33
CA ALA D 182 -1.87 58.25 19.83
C ALA D 182 -2.04 57.16 18.78
N TRP D 183 -2.57 57.58 17.62
CA TRP D 183 -2.73 56.73 16.44
C TRP D 183 -1.46 55.94 16.14
N PRO D 184 -1.57 54.70 15.65
CA PRO D 184 -2.78 53.99 15.21
C PRO D 184 -3.63 53.40 16.33
N LEU D 185 -4.90 53.12 16.05
CA LEU D 185 -5.83 52.51 16.98
C LEU D 185 -6.02 51.04 16.65
N ILE D 186 -6.49 50.27 17.63
CA ILE D 186 -6.81 48.86 17.45
C ILE D 186 -8.31 48.66 17.73
N VAL D 187 -8.99 47.97 16.83
CA VAL D 187 -10.44 47.78 16.89
C VAL D 187 -10.75 46.29 16.93
N THR D 188 -11.71 45.91 17.76
CA THR D 188 -12.20 44.54 17.84
C THR D 188 -13.68 44.51 17.48
N ALA D 189 -14.07 43.52 16.68
CA ALA D 189 -15.40 43.49 16.11
C ALA D 189 -15.91 42.06 16.03
N LEU D 190 -17.23 41.94 15.93
CA LEU D 190 -17.91 40.68 15.72
C LEU D 190 -18.72 40.75 14.43
N ARG D 191 -18.98 39.59 13.82
CA ARG D 191 -19.64 39.52 12.52
C ARG D 191 -21.15 39.45 12.71
N ALA D 192 -21.88 40.30 11.99
CA ALA D 192 -23.34 40.33 12.06
C ALA D 192 -23.95 39.26 11.17
P CAR E 31 -3.09 2.76 -11.57
OP1 CAR E 31 -4.58 2.61 -11.46
OP2 CAR E 31 -2.54 3.90 -10.73
O5' CAR E 31 -2.42 1.38 -11.00
C5' CAR E 31 -2.90 0.13 -11.53
C4' CAR E 31 -2.10 -1.01 -10.93
O4' CAR E 31 -0.69 -0.66 -10.94
C3' CAR E 31 -2.45 -1.36 -9.48
O3' CAR E 31 -2.50 -2.77 -9.30
C2' CAR E 31 -1.31 -0.69 -8.68
O2' CAR E 31 -1.63 0.66 -8.38
C1' CAR E 31 -0.14 -0.84 -9.65
N1 CAR E 31 0.93 0.15 -9.46
C2 CAR E 31 2.12 -0.27 -8.90
O2 CAR E 31 2.27 -1.47 -8.62
N3 CAR E 31 3.10 0.65 -8.65
C4 CAR E 31 2.91 1.94 -8.98
N4 CAR E 31 3.89 2.80 -8.72
C5 CAR E 31 1.69 2.39 -9.57
C6 CAR E 31 0.74 1.47 -9.81
ZN ZN G . 3.73 -28.39 11.88
ZN ZN H . 16.67 -22.00 -3.89
MG MG I . -7.20 -1.51 -3.63
C6 HF4 J . -35.02 -25.72 16.38
N4 HF4 J . -32.32 -24.76 18.54
C5 HF4 J . -34.35 -25.01 17.29
C2 HF4 J . -33.18 -27.26 16.17
O3G HF4 J . -30.34 -34.60 8.31
PG HF4 J . -30.18 -33.45 9.28
O1G HF4 J . -30.84 -32.17 8.79
O2G HF4 J . -28.75 -33.24 9.71
O3B HF4 J . -30.96 -33.82 10.66
PB HF4 J . -32.46 -33.97 11.20
O1B HF4 J . -32.79 -35.42 11.29
O2B HF4 J . -33.36 -33.07 10.45
O3A HF4 J . -32.27 -33.40 12.68
PA HF4 J . -33.28 -33.16 13.90
O1A HF4 J . -34.18 -34.33 14.01
O2A HF4 J . -32.53 -32.71 15.08
O5' HF4 J . -34.10 -31.91 13.35
C5' HF4 J . -33.86 -30.61 13.95
C4' HF4 J . -35.14 -29.82 13.98
C3' HF4 J . -35.31 -28.84 12.80
O3' HF4 J . -36.68 -28.73 12.43
C2' HF4 J . -34.77 -27.54 13.38
O2' HF4 J . -33.35 -27.46 13.27
O4' HF4 J . -35.17 -29.01 15.18
C1' HF4 J . -35.25 -27.64 14.83
N1 HF4 J . -34.47 -26.86 15.81
C4 HF4 J . -33.05 -25.45 17.65
N3 HF4 J . -32.50 -26.54 17.10
O2 HF4 J . -32.69 -28.26 15.63
MG MG K . -28.56 -32.52 12.31
C6 HF4 L . 0.68 2.96 -5.01
N4 HF4 L . 3.77 4.76 -5.12
C5 HF4 L . 1.51 4.01 -5.13
C2 HF4 L . 2.53 1.47 -4.65
O3G HF4 L . -9.94 4.18 -0.41
PG HF4 L . -9.27 2.84 -0.58
O1G HF4 L . -9.63 2.18 -1.90
O2G HF4 L . -9.48 1.92 0.60
O3B HF4 L . -7.67 3.04 -0.62
PB HF4 L . -6.39 2.10 -0.75
O1B HF4 L . -6.86 0.68 -0.72
O2B HF4 L . -5.35 2.53 0.20
O3A HF4 L . -5.93 2.45 -2.24
PA HF4 L . -5.36 1.49 -3.39
O1A HF4 L . -6.21 0.29 -3.50
O2A HF4 L . -5.10 2.31 -4.59
O5' HF4 L . -3.94 1.12 -2.76
C5' HF4 L . -2.75 1.64 -3.35
C4' HF4 L . -2.06 0.50 -4.06
C3' HF4 L . -1.31 -0.47 -3.14
O3' HF4 L . -1.39 -1.80 -3.64
C2' HF4 L . 0.11 0.08 -3.14
O2' HF4 L . 0.27 1.16 -2.22
O4' HF4 L . -1.06 1.02 -4.96
C1' HF4 L . 0.23 0.57 -4.59
N1 HF4 L . 1.16 1.69 -4.76
C4 HF4 L . 2.90 3.76 -5.01
N3 HF4 L . 3.38 2.52 -4.77
O2 HF4 L . 2.93 0.32 -4.46
MG MG M . -10.46 -1.93 -10.74
#